data_6AC8
#
_entry.id   6AC8
#
_cell.length_a   83.855
_cell.length_b   162.026
_cell.length_c   215.397
_cell.angle_alpha   90.00
_cell.angle_beta   90.00
_cell.angle_gamma   90.00
#
_symmetry.space_group_name_H-M   'P 21 21 21'
#
loop_
_entity.id
_entity.type
_entity.pdbx_description
1 polymer 'Mycobacterium smegmatis Mfd'
2 non-polymer 'SULFATE ION'
3 water water
#
_entity_poly.entity_id   1
_entity_poly.type   'polypeptide(L)'
_entity_poly.pdbx_seq_one_letter_code
;MGSSHHHHHHSSGLVPRGSHMTAPGHTSVQTPIAGLVELALSDPSLQDVIRRAADRPADLALVGPASARVLVAAALAQNG
PLLVVAATGREADELTAELRGVFGDSVALFPSWETLPHERLSPGVETVGARLMLLRRLARPDDETLGAPLRVVVTTTRSL
LQPMAPDLVDIEPVTLSVGAEMEFEDVVARLVDLSYTRVDMVGKRGEFAVRGGILDVFPPTAEHPVRVEFWGDEISEMRA
FAIADQRSIPEVPVQTVVAVPCRELLMTDDVRERAAALAAEHPTTENTVPGTVPDMLAKLAEGIPVDGMEALLPLLHPIE
PTTLTRHLPEGAPVLVCDPEKVRTRAADLIKTGREFLEASWSTAAVGGDAPIDLEALGASGFVTFEEAREAAREGGHPWW
TLSQLSDESAVELDIRSAPSARGSQHNLEEIFAMLRAHVATGGYAAVVTPGIGTAHRVVEQLGEADTAATILEPGTAPKA
GVVGVLKGPLCSGVVLPGANLVIITETDLTGNRVTANEGRKLAAKRRNVVDPLALTAGDLVVHDQHGIGKFVEMTERVVG
GARREYLVLEYASSKRGGGTDKLYVPMDSLDQLSRYVGGEAPSLSRLGGSDWANTKTKARRAVREIASELVALYAKRQSA
PGHAFGPDTPWQAEMEDAFGFTETIDQLTAIQEVKSDMEKPVPMDRVICGDVGYGKTEIAVRAAFKAVQDGKQVAVLVPT
TLLADQHLQTFTNRMAGFPVTVKGLSRFTDPAESRAVIEGLKDGSVDVVIGTHRLLQTGVTWKDLGLIIVDEEQRFGVEH
KEHIKSMRTHVDVLTMSATPIPRTLEMSLAGIREMSTILTPPEERYPVLTYVGPHDDKQVAAALRRELLRDGQAFYIHNR
VRTIDEAAARVRQLVPEARVVVAHGQMNEETLEKTVEGFWNREYDILVCTTIVETGLDISNANTLIVERADTFGLSQLHQ
LRGRVGRSRERGYAYFLYPPNKPLTETAYDRLATIAQNNELGAGMAVAMKDLEIRGAGNVLGAEQSGHVAGVGFDLYVRL
VGEAVEAYRAAADGKTVATPQEQKDVRIDLPVDAHLPPEYIGSDRLRLEAYRRLAAAADDDAVASVVDELIDRYGPLPEP
AQRLVAVARLRLLCREFGITEIGAVSASTVRLSPMVLPDSAQLRLKRMYPGGHYRATTSTVQVPLPRAGEGVGAPRIRDL
ELVQWVAGLVLVLNGKGQGDVDMSKFSNPAGEAKR
;
_entity_poly.pdbx_strand_id   A,B
#
loop_
_chem_comp.id
_chem_comp.type
_chem_comp.name
_chem_comp.formula
SO4 non-polymer 'SULFATE ION' 'O4 S -2'
#
# COMPACT_ATOMS: atom_id res chain seq x y z
N SER A 28 -11.98 42.47 -6.32
CA SER A 28 -10.76 43.26 -6.16
C SER A 28 -9.53 42.36 -6.03
N VAL A 29 -8.47 42.90 -5.42
CA VAL A 29 -7.23 42.13 -5.27
C VAL A 29 -7.37 41.04 -4.23
N GLN A 30 -8.30 41.18 -3.29
CA GLN A 30 -8.45 40.18 -2.25
C GLN A 30 -9.49 39.12 -2.58
N THR A 31 -10.49 39.44 -3.40
CA THR A 31 -11.59 38.53 -3.73
C THR A 31 -11.61 38.28 -5.25
N PRO A 32 -10.62 37.56 -5.77
CA PRO A 32 -10.46 37.50 -7.23
C PRO A 32 -11.60 36.78 -7.94
N ILE A 33 -12.32 35.89 -7.28
CA ILE A 33 -13.37 35.12 -7.96
C ILE A 33 -14.73 35.48 -7.40
N ALA A 34 -14.88 36.72 -6.91
CA ALA A 34 -16.19 37.14 -6.40
C ALA A 34 -17.20 37.31 -7.52
N GLY A 35 -16.75 37.76 -8.69
CA GLY A 35 -17.63 37.96 -9.83
C GLY A 35 -18.07 36.66 -10.46
N LEU A 36 -17.14 35.73 -10.64
CA LEU A 36 -17.46 34.44 -11.23
C LEU A 36 -18.46 33.67 -10.35
N VAL A 37 -18.26 33.73 -9.03
CA VAL A 37 -19.17 33.01 -8.14
C VAL A 37 -20.54 33.69 -8.13
N GLU A 38 -20.55 35.03 -8.16
CA GLU A 38 -21.83 35.74 -8.27
C GLU A 38 -22.55 35.36 -9.56
N LEU A 39 -21.81 35.16 -10.64
CA LEU A 39 -22.43 34.69 -11.88
C LEU A 39 -22.99 33.29 -11.69
N ALA A 40 -22.29 32.45 -10.92
CA ALA A 40 -22.81 31.11 -10.65
C ALA A 40 -24.07 31.18 -9.80
N LEU A 41 -24.19 32.20 -8.94
CA LEU A 41 -25.34 32.32 -8.07
C LEU A 41 -26.62 32.70 -8.81
N SER A 42 -26.52 33.01 -10.11
CA SER A 42 -27.69 33.24 -10.93
C SER A 42 -28.39 31.96 -11.33
N ASP A 43 -27.78 30.80 -11.08
CA ASP A 43 -28.40 29.53 -11.40
C ASP A 43 -29.60 29.29 -10.50
N PRO A 44 -30.76 28.92 -11.05
CA PRO A 44 -31.98 28.86 -10.24
C PRO A 44 -31.94 27.82 -9.15
N SER A 45 -31.12 26.78 -9.28
CA SER A 45 -31.03 25.77 -8.23
C SER A 45 -30.37 26.32 -6.97
N LEU A 46 -29.26 27.05 -7.13
CA LEU A 46 -28.59 27.66 -5.98
C LEU A 46 -29.43 28.76 -5.36
N GLN A 47 -30.22 29.48 -6.17
CA GLN A 47 -31.17 30.44 -5.63
C GLN A 47 -32.29 29.75 -4.88
N ASP A 48 -32.65 28.54 -5.31
CA ASP A 48 -33.59 27.74 -4.53
C ASP A 48 -33.06 27.50 -3.13
N VAL A 49 -31.80 27.06 -3.03
CA VAL A 49 -31.19 26.83 -1.71
C VAL A 49 -31.19 28.11 -0.89
N ILE A 50 -31.03 29.26 -1.54
CA ILE A 50 -31.13 30.54 -0.83
C ILE A 50 -32.51 30.65 -0.16
N ARG A 51 -33.56 30.42 -0.94
CA ARG A 51 -34.92 30.58 -0.42
C ARG A 51 -35.20 29.59 0.70
N ARG A 52 -34.87 28.31 0.47
CA ARG A 52 -35.15 27.28 1.48
C ARG A 52 -34.39 27.56 2.78
N ALA A 53 -33.16 28.04 2.66
CA ALA A 53 -32.35 28.33 3.85
C ALA A 53 -32.77 29.63 4.55
N ALA A 54 -33.58 30.47 3.90
CA ALA A 54 -33.98 31.72 4.52
C ALA A 54 -34.98 31.50 5.65
N ASP A 55 -35.81 30.46 5.55
CA ASP A 55 -36.78 30.14 6.59
C ASP A 55 -36.21 29.29 7.72
N ARG A 56 -34.93 28.93 7.64
CA ARG A 56 -34.23 28.16 8.66
C ARG A 56 -34.93 26.84 8.96
N PRO A 57 -34.94 25.89 8.02
CA PRO A 57 -35.58 24.60 8.28
C PRO A 57 -34.70 23.72 9.17
N ALA A 58 -35.35 22.72 9.79
CA ALA A 58 -34.63 21.80 10.65
C ALA A 58 -33.70 20.89 9.87
N ASP A 59 -34.10 20.51 8.66
CA ASP A 59 -33.31 19.63 7.81
C ASP A 59 -33.24 20.19 6.41
N LEU A 60 -32.06 20.05 5.78
CA LEU A 60 -31.86 20.50 4.41
C LEU A 60 -30.69 19.71 3.85
N ALA A 61 -30.99 18.61 3.16
CA ALA A 61 -29.98 17.74 2.58
C ALA A 61 -29.80 18.11 1.11
N LEU A 62 -28.56 18.42 0.73
CA LEU A 62 -28.23 18.79 -0.64
C LEU A 62 -27.29 17.74 -1.23
N VAL A 63 -27.46 17.47 -2.52
CA VAL A 63 -26.61 16.50 -3.23
C VAL A 63 -25.96 17.23 -4.39
N GLY A 64 -24.63 17.28 -4.41
CA GLY A 64 -23.89 17.88 -5.49
C GLY A 64 -22.45 17.42 -5.50
N PRO A 65 -21.74 17.71 -6.59
CA PRO A 65 -20.32 17.34 -6.66
C PRO A 65 -19.50 18.09 -5.61
N ALA A 66 -18.30 17.56 -5.34
CA ALA A 66 -17.44 18.15 -4.33
C ALA A 66 -17.05 19.58 -4.68
N SER A 67 -16.81 19.85 -5.98
CA SER A 67 -16.36 21.17 -6.40
C SER A 67 -17.43 22.23 -6.25
N ALA A 68 -18.63 21.89 -5.82
CA ALA A 68 -19.69 22.86 -5.58
C ALA A 68 -19.76 23.32 -4.13
N ARG A 69 -18.83 22.86 -3.29
CA ARG A 69 -18.83 23.29 -1.88
C ARG A 69 -18.76 24.80 -1.79
N VAL A 70 -17.81 25.41 -2.53
CA VAL A 70 -17.64 26.86 -2.47
C VAL A 70 -18.90 27.57 -2.96
N LEU A 71 -19.62 26.96 -3.91
CA LEU A 71 -20.84 27.59 -4.41
C LEU A 71 -21.97 27.49 -3.39
N VAL A 72 -22.19 26.29 -2.84
CA VAL A 72 -23.25 26.12 -1.85
C VAL A 72 -22.93 26.93 -0.60
N ALA A 73 -21.65 26.99 -0.22
CA ALA A 73 -21.26 27.79 0.94
C ALA A 73 -21.53 29.27 0.70
N ALA A 74 -21.19 29.77 -0.49
CA ALA A 74 -21.42 31.17 -0.80
C ALA A 74 -22.91 31.50 -0.80
N ALA A 75 -23.73 30.57 -1.32
CA ALA A 75 -25.17 30.77 -1.31
C ALA A 75 -25.68 30.93 0.12
N LEU A 76 -25.48 29.90 0.96
CA LEU A 76 -25.93 29.98 2.35
C LEU A 76 -25.35 31.19 3.07
N ALA A 77 -24.23 31.75 2.60
CA ALA A 77 -23.69 32.96 3.20
C ALA A 77 -24.53 34.19 2.87
N GLN A 78 -25.40 34.12 1.86
CA GLN A 78 -26.22 35.26 1.50
C GLN A 78 -27.34 35.50 2.50
N ASN A 79 -27.61 34.56 3.40
CA ASN A 79 -28.66 34.72 4.40
C ASN A 79 -28.11 34.97 5.79
N GLY A 80 -26.78 35.06 5.95
CA GLY A 80 -26.17 35.29 7.23
C GLY A 80 -24.98 34.38 7.45
N PRO A 81 -24.35 34.50 8.62
CA PRO A 81 -23.14 33.70 8.89
C PRO A 81 -23.47 32.21 9.01
N LEU A 82 -22.46 31.39 8.71
CA LEU A 82 -22.62 29.94 8.79
C LEU A 82 -21.26 29.29 9.02
N LEU A 83 -21.30 28.09 9.60
CA LEU A 83 -20.12 27.27 9.83
C LEU A 83 -20.14 26.09 8.87
N VAL A 84 -19.01 25.81 8.23
CA VAL A 84 -18.87 24.70 7.30
C VAL A 84 -17.82 23.74 7.85
N VAL A 85 -18.15 22.45 7.85
CA VAL A 85 -17.29 21.42 8.41
C VAL A 85 -16.81 20.52 7.28
N ALA A 86 -15.51 20.50 7.03
CA ALA A 86 -14.89 19.55 6.13
C ALA A 86 -14.33 18.38 6.91
N ALA A 87 -14.06 17.28 6.20
CA ALA A 87 -13.58 16.07 6.85
C ALA A 87 -12.16 16.23 7.36
N THR A 88 -11.21 16.41 6.45
CA THR A 88 -9.81 16.52 6.82
C THR A 88 -9.37 17.98 6.91
N GLY A 89 -8.21 18.17 7.50
CA GLY A 89 -7.65 19.50 7.60
C GLY A 89 -7.34 20.10 6.25
N ARG A 90 -6.88 19.26 5.31
CA ARG A 90 -6.52 19.75 3.98
C ARG A 90 -7.75 20.16 3.20
N GLU A 91 -8.83 19.40 3.33
CA GLU A 91 -10.11 19.80 2.75
C GLU A 91 -10.61 21.10 3.38
N ALA A 92 -10.33 21.32 4.67
CA ALA A 92 -10.70 22.58 5.28
C ALA A 92 -9.83 23.71 4.77
N ASP A 93 -8.56 23.44 4.48
CA ASP A 93 -7.68 24.47 3.94
C ASP A 93 -8.10 24.86 2.54
N GLU A 94 -8.42 23.87 1.70
CA GLU A 94 -8.79 24.16 0.32
C GLU A 94 -10.10 24.92 0.24
N LEU A 95 -11.09 24.55 1.06
CA LEU A 95 -12.37 25.25 1.05
C LEU A 95 -12.21 26.67 1.59
N THR A 96 -11.42 26.83 2.65
CA THR A 96 -11.17 28.17 3.16
C THR A 96 -10.48 29.04 2.11
N ALA A 97 -9.52 28.46 1.39
CA ALA A 97 -8.85 29.22 0.34
C ALA A 97 -9.81 29.60 -0.78
N GLU A 98 -10.71 28.68 -1.13
CA GLU A 98 -11.71 28.97 -2.15
C GLU A 98 -12.65 30.07 -1.70
N LEU A 99 -13.15 29.97 -0.47
CA LEU A 99 -14.10 30.96 0.03
C LEU A 99 -13.44 32.33 0.25
N ARG A 100 -12.14 32.36 0.56
CA ARG A 100 -11.47 33.65 0.68
C ARG A 100 -11.43 34.38 -0.64
N GLY A 101 -11.31 33.66 -1.74
CA GLY A 101 -11.36 34.28 -3.05
C GLY A 101 -12.69 34.94 -3.39
N VAL A 102 -13.72 34.76 -2.57
CA VAL A 102 -15.01 35.38 -2.87
C VAL A 102 -15.40 36.36 -1.77
N PHE A 103 -14.94 36.11 -0.53
CA PHE A 103 -15.31 36.94 0.60
C PHE A 103 -14.11 37.59 1.28
N GLY A 104 -12.89 37.15 1.01
CA GLY A 104 -11.73 37.79 1.60
C GLY A 104 -11.64 37.54 3.10
N ASP A 105 -11.41 38.60 3.85
CA ASP A 105 -11.22 38.50 5.29
C ASP A 105 -12.50 38.12 6.03
N SER A 106 -13.64 38.02 5.33
CA SER A 106 -14.91 37.68 5.96
C SER A 106 -15.08 36.20 6.19
N VAL A 107 -14.13 35.38 5.73
CA VAL A 107 -14.14 33.94 6.00
C VAL A 107 -12.83 33.59 6.68
N ALA A 108 -12.91 32.84 7.77
CA ALA A 108 -11.73 32.38 8.47
C ALA A 108 -11.82 30.88 8.69
N LEU A 109 -10.67 30.26 8.90
CA LEU A 109 -10.57 28.86 9.27
C LEU A 109 -10.44 28.74 10.78
N PHE A 110 -11.15 27.77 11.36
CA PHE A 110 -10.98 27.44 12.77
C PHE A 110 -10.04 26.24 12.85
N PRO A 111 -8.74 26.46 13.09
CA PRO A 111 -7.77 25.38 12.92
C PRO A 111 -7.96 24.26 13.93
N SER A 112 -7.41 23.11 13.59
CA SER A 112 -7.46 21.92 14.44
C SER A 112 -6.14 21.77 15.19
N TRP A 113 -6.24 21.27 16.43
CA TRP A 113 -5.05 21.02 17.22
C TRP A 113 -4.17 19.97 16.55
N GLU A 114 -2.86 20.25 16.51
CA GLU A 114 -1.92 19.24 16.04
C GLU A 114 -1.83 18.06 16.99
N THR A 115 -2.20 18.26 18.24
CA THR A 115 -2.07 17.24 19.28
C THR A 115 -3.45 16.76 19.71
N LEU A 116 -3.49 15.56 20.28
CA LEU A 116 -4.72 15.02 20.81
C LEU A 116 -5.10 15.78 22.08
N PRO A 117 -6.38 15.74 22.47
CA PRO A 117 -6.81 16.53 23.64
C PRO A 117 -6.11 16.16 24.93
N HIS A 118 -5.68 14.91 25.09
CA HIS A 118 -5.06 14.46 26.32
C HIS A 118 -3.60 14.07 26.14
N GLU A 119 -2.94 14.59 25.12
CA GLU A 119 -1.54 14.31 24.87
C GLU A 119 -0.67 15.27 25.68
N ARG A 120 0.46 14.77 26.17
CA ARG A 120 1.41 15.58 26.92
C ARG A 120 2.24 16.49 26.02
N LEU A 121 1.65 17.02 24.96
CA LEU A 121 2.29 17.98 24.07
C LEU A 121 1.28 19.08 23.78
N SER A 122 1.68 20.33 24.03
CA SER A 122 0.79 21.44 23.72
C SER A 122 0.75 21.68 22.21
N PRO A 123 -0.40 22.09 21.68
CA PRO A 123 -0.49 22.45 20.26
C PRO A 123 0.36 23.67 19.95
N GLY A 124 0.47 23.97 18.65
CA GLY A 124 1.25 25.11 18.24
C GLY A 124 0.61 26.42 18.68
N VAL A 125 1.45 27.37 19.09
CA VAL A 125 0.93 28.63 19.60
C VAL A 125 0.17 29.39 18.53
N GLU A 126 0.63 29.29 17.27
CA GLU A 126 -0.10 29.95 16.18
C GLU A 126 -1.42 29.25 15.86
N THR A 127 -1.56 27.98 16.23
CA THR A 127 -2.85 27.33 16.12
C THR A 127 -3.79 27.79 17.22
N VAL A 128 -3.26 27.97 18.44
CA VAL A 128 -4.08 28.45 19.53
C VAL A 128 -4.52 29.89 19.29
N GLY A 129 -3.58 30.74 18.88
CA GLY A 129 -3.92 32.13 18.59
C GLY A 129 -5.01 32.25 17.56
N ALA A 130 -4.87 31.53 16.44
CA ALA A 130 -5.89 31.60 15.40
C ALA A 130 -7.26 31.16 15.92
N ARG A 131 -7.30 30.06 16.68
CA ARG A 131 -8.56 29.59 17.24
C ARG A 131 -9.18 30.61 18.17
N LEU A 132 -8.36 31.18 19.07
CA LEU A 132 -8.91 32.08 20.07
C LEU A 132 -9.24 33.44 19.47
N MET A 133 -8.58 33.83 18.39
CA MET A 133 -8.94 35.06 17.69
C MET A 133 -10.24 34.90 16.93
N LEU A 134 -10.44 33.73 16.31
CA LEU A 134 -11.71 33.48 15.62
C LEU A 134 -12.88 33.49 16.60
N LEU A 135 -12.74 32.76 17.71
CA LEU A 135 -13.78 32.75 18.72
C LEU A 135 -14.10 34.16 19.20
N ARG A 136 -13.08 34.99 19.42
CA ARG A 136 -13.31 36.36 19.83
C ARG A 136 -14.02 37.16 18.74
N ARG A 137 -13.65 36.93 17.48
CA ARG A 137 -14.29 37.63 16.38
C ARG A 137 -15.76 37.27 16.28
N LEU A 138 -16.11 36.01 16.56
CA LEU A 138 -17.51 35.61 16.57
C LEU A 138 -18.29 36.28 17.68
N ALA A 139 -17.63 36.63 18.78
CA ALA A 139 -18.29 37.31 19.88
C ALA A 139 -18.28 38.82 19.73
N ARG A 140 -17.45 39.36 18.84
CA ARG A 140 -17.37 40.80 18.60
C ARG A 140 -17.31 41.05 17.10
N PRO A 141 -18.45 40.89 16.40
CA PRO A 141 -18.44 41.03 14.94
C PRO A 141 -18.15 42.45 14.46
N ASP A 142 -18.36 43.46 15.29
CA ASP A 142 -18.11 44.85 14.91
C ASP A 142 -16.74 45.35 15.33
N ASP A 143 -15.95 44.51 16.01
CA ASP A 143 -14.60 44.93 16.42
C ASP A 143 -13.67 44.97 15.22
N GLU A 144 -13.54 46.14 14.61
CA GLU A 144 -12.73 46.29 13.40
C GLU A 144 -11.25 45.98 13.64
N THR A 145 -10.80 46.02 14.90
CA THR A 145 -9.41 45.72 15.20
C THR A 145 -9.08 44.24 15.03
N LEU A 146 -10.09 43.38 14.92
CA LEU A 146 -9.87 41.95 14.73
C LEU A 146 -10.12 41.48 13.30
N GLY A 147 -10.78 42.30 12.48
CA GLY A 147 -11.08 41.94 11.10
C GLY A 147 -12.51 42.26 10.72
N ALA A 148 -12.88 41.92 9.49
CA ALA A 148 -14.22 42.14 9.00
C ALA A 148 -15.20 41.19 9.69
N PRO A 149 -16.50 41.48 9.65
CA PRO A 149 -17.48 40.52 10.20
C PRO A 149 -17.41 39.20 9.44
N LEU A 150 -17.55 38.12 10.19
CA LEU A 150 -17.39 36.78 9.64
C LEU A 150 -18.64 36.36 8.88
N ARG A 151 -18.47 36.07 7.58
CA ARG A 151 -19.57 35.47 6.82
C ARG A 151 -19.54 33.95 6.95
N VAL A 152 -18.38 33.33 6.75
CA VAL A 152 -18.25 31.88 6.76
C VAL A 152 -17.10 31.47 7.66
N VAL A 153 -17.30 30.43 8.44
CA VAL A 153 -16.23 29.80 9.22
C VAL A 153 -16.09 28.36 8.74
N VAL A 154 -14.87 27.96 8.41
CA VAL A 154 -14.58 26.60 7.95
C VAL A 154 -13.79 25.89 9.04
N THR A 155 -14.08 24.60 9.23
CA THR A 155 -13.43 23.84 10.28
C THR A 155 -13.43 22.36 9.93
N THR A 156 -12.68 21.59 10.71
CA THR A 156 -12.55 20.15 10.53
C THR A 156 -13.41 19.41 11.54
N THR A 157 -13.53 18.10 11.33
CA THR A 157 -14.26 17.28 12.30
C THR A 157 -13.63 17.37 13.68
N ARG A 158 -12.30 17.44 13.74
CA ARG A 158 -11.61 17.49 15.02
C ARG A 158 -12.07 18.71 15.83
N SER A 159 -11.87 19.91 15.29
CA SER A 159 -12.27 21.12 16.01
C SER A 159 -13.77 21.18 16.25
N LEU A 160 -14.57 20.50 15.43
CA LEU A 160 -16.01 20.44 15.68
C LEU A 160 -16.33 19.57 16.88
N LEU A 161 -15.62 18.45 17.02
CA LEU A 161 -15.90 17.50 18.09
C LEU A 161 -15.18 17.81 19.40
N GLN A 162 -14.12 18.60 19.34
CA GLN A 162 -13.33 18.84 20.54
C GLN A 162 -14.01 19.90 21.41
N PRO A 163 -14.40 19.59 22.64
CA PRO A 163 -15.04 20.58 23.50
C PRO A 163 -14.02 21.59 24.02
N MET A 164 -14.54 22.69 24.54
CA MET A 164 -13.71 23.77 25.05
C MET A 164 -14.36 24.40 26.26
N ALA A 165 -13.54 25.08 27.05
CA ALA A 165 -14.06 25.78 28.23
C ALA A 165 -14.89 26.98 27.79
N PRO A 166 -16.10 27.17 28.34
CA PRO A 166 -16.96 28.27 27.88
C PRO A 166 -16.49 29.65 28.30
N ASP A 167 -15.38 29.77 29.03
CA ASP A 167 -14.85 31.06 29.43
C ASP A 167 -13.60 31.45 28.64
N LEU A 168 -13.33 30.78 27.52
CA LEU A 168 -12.16 31.11 26.71
C LEU A 168 -12.28 32.50 26.12
N VAL A 169 -13.42 32.80 25.49
CA VAL A 169 -13.60 34.09 24.84
C VAL A 169 -13.53 35.23 25.86
N ASP A 170 -14.02 35.00 27.07
CA ASP A 170 -14.09 36.08 28.06
C ASP A 170 -12.72 36.55 28.51
N ILE A 171 -11.66 35.77 28.24
CA ILE A 171 -10.30 36.15 28.60
C ILE A 171 -9.91 37.42 27.85
N GLU A 172 -9.77 38.52 28.57
CA GLU A 172 -9.44 39.78 27.92
C GLU A 172 -8.00 39.75 27.43
N PRO A 173 -7.76 39.96 26.15
CA PRO A 173 -6.38 40.00 25.65
C PRO A 173 -5.67 41.28 26.05
N VAL A 174 -4.37 41.31 25.79
CA VAL A 174 -3.58 42.53 26.00
C VAL A 174 -3.73 43.40 24.76
N THR A 175 -4.44 44.50 24.90
CA THR A 175 -4.71 45.42 23.80
C THR A 175 -3.71 46.57 23.87
N LEU A 176 -2.98 46.80 22.78
CA LEU A 176 -1.93 47.81 22.73
C LEU A 176 -2.23 48.77 21.59
N SER A 177 -2.60 50.00 21.94
CA SER A 177 -2.80 51.07 20.98
C SER A 177 -1.93 52.25 21.37
N VAL A 178 -1.66 53.12 20.40
CA VAL A 178 -0.91 54.33 20.69
C VAL A 178 -1.83 55.29 21.45
N GLY A 179 -1.40 55.68 22.65
CA GLY A 179 -2.19 56.54 23.51
C GLY A 179 -2.89 55.82 24.65
N ALA A 180 -2.87 54.50 24.67
CA ALA A 180 -3.44 53.77 25.80
C ALA A 180 -2.65 54.07 27.07
N GLU A 181 -3.36 54.19 28.19
CA GLU A 181 -2.74 54.44 29.48
C GLU A 181 -2.75 53.13 30.27
N MET A 182 -1.58 52.50 30.38
CA MET A 182 -1.45 51.21 31.06
C MET A 182 -0.24 51.25 31.98
N GLU A 183 -0.28 50.42 33.02
CA GLU A 183 0.82 50.29 33.96
C GLU A 183 1.77 49.22 33.43
N PHE A 184 2.99 49.64 33.07
CA PHE A 184 3.94 48.77 32.36
C PHE A 184 4.08 47.41 33.03
N GLU A 185 4.02 47.36 34.36
CA GLU A 185 4.37 46.12 35.05
C GLU A 185 3.22 45.12 35.13
N ASP A 186 1.97 45.54 34.95
CA ASP A 186 0.90 44.56 34.88
C ASP A 186 0.73 44.00 33.48
N VAL A 187 1.19 44.71 32.45
CA VAL A 187 1.14 44.19 31.09
C VAL A 187 1.98 42.92 30.99
N VAL A 188 3.24 43.01 31.43
CA VAL A 188 4.10 41.83 31.44
C VAL A 188 3.52 40.76 32.37
N ALA A 189 2.94 41.19 33.49
CA ALA A 189 2.31 40.24 34.41
C ALA A 189 1.13 39.55 33.75
N ARG A 190 0.28 40.33 33.05
CA ARG A 190 -0.83 39.73 32.32
C ARG A 190 -0.35 38.88 31.14
N LEU A 191 0.75 39.28 30.50
CA LEU A 191 1.27 38.52 29.38
C LEU A 191 1.75 37.14 29.83
N VAL A 192 2.34 37.05 31.02
CA VAL A 192 2.81 35.75 31.51
C VAL A 192 1.63 34.82 31.78
N ASP A 193 0.53 35.37 32.29
CA ASP A 193 -0.66 34.57 32.54
C ASP A 193 -1.32 34.11 31.25
N LEU A 194 -1.08 34.80 30.13
CA LEU A 194 -1.59 34.40 28.83
C LEU A 194 -0.67 33.39 28.14
N SER A 195 0.20 32.72 28.89
CA SER A 195 1.09 31.67 28.40
C SER A 195 2.16 32.21 27.47
N TYR A 196 2.55 33.47 27.62
CA TYR A 196 3.69 34.02 26.90
C TYR A 196 4.96 33.70 27.66
N THR A 197 5.99 33.24 26.96
CA THR A 197 7.26 32.88 27.57
C THR A 197 8.20 34.08 27.50
N ARG A 198 8.54 34.63 28.67
CA ARG A 198 9.46 35.75 28.75
C ARG A 198 10.85 35.33 28.31
N VAL A 199 11.49 36.16 27.49
CA VAL A 199 12.82 35.91 26.97
C VAL A 199 13.61 37.22 27.04
N ASP A 200 14.86 37.17 26.60
CA ASP A 200 15.68 38.36 26.48
C ASP A 200 15.77 38.86 25.04
N MET A 201 15.30 38.08 24.07
CA MET A 201 15.32 38.50 22.68
C MET A 201 14.21 37.76 21.95
N VAL A 202 13.24 38.51 21.43
CA VAL A 202 12.08 37.91 20.76
C VAL A 202 12.52 37.22 19.48
N GLY A 203 12.16 35.95 19.34
CA GLY A 203 12.53 35.19 18.16
C GLY A 203 11.39 34.35 17.62
N LYS A 204 10.49 33.93 18.50
CA LYS A 204 9.36 33.09 18.13
C LYS A 204 8.08 33.73 18.62
N ARG A 205 6.96 33.29 18.04
CA ARG A 205 5.66 33.74 18.49
C ARG A 205 5.39 33.21 19.90
N GLY A 206 4.66 34.00 20.68
CA GLY A 206 4.47 33.67 22.08
C GLY A 206 5.58 34.13 22.98
N GLU A 207 6.66 34.68 22.43
CA GLU A 207 7.75 35.22 23.23
C GLU A 207 7.55 36.72 23.43
N PHE A 208 8.20 37.25 24.47
CA PHE A 208 8.21 38.69 24.67
C PHE A 208 9.43 39.05 25.52
N ALA A 209 10.04 40.19 25.20
CA ALA A 209 11.21 40.69 25.92
C ALA A 209 10.86 42.00 26.60
N VAL A 210 11.57 42.28 27.70
CA VAL A 210 11.33 43.47 28.51
C VAL A 210 12.61 44.29 28.54
N ARG A 211 12.47 45.60 28.35
CA ARG A 211 13.59 46.53 28.45
C ARG A 211 13.24 47.66 29.42
N GLY A 212 14.09 48.68 29.49
CA GLY A 212 13.76 49.86 30.25
C GLY A 212 12.82 50.77 29.49
N GLY A 213 11.52 50.63 29.74
CA GLY A 213 10.54 51.44 29.04
C GLY A 213 10.21 50.98 27.64
N ILE A 214 10.62 49.76 27.26
CA ILE A 214 10.29 49.21 25.95
C ILE A 214 9.85 47.76 26.13
N LEU A 215 8.71 47.41 25.54
CA LEU A 215 8.21 46.04 25.55
C LEU A 215 8.19 45.51 24.13
N ASP A 216 8.84 44.37 23.92
CA ASP A 216 8.83 43.66 22.65
C ASP A 216 7.95 42.43 22.81
N VAL A 217 7.01 42.23 21.87
CA VAL A 217 6.07 41.12 21.97
C VAL A 217 5.77 40.61 20.57
N PHE A 218 5.46 39.32 20.48
CA PHE A 218 5.16 38.64 19.22
C PHE A 218 3.84 37.91 19.39
N PRO A 219 2.72 38.55 19.05
CA PRO A 219 1.42 37.90 19.24
C PRO A 219 1.31 36.67 18.36
N PRO A 220 0.58 35.66 18.81
CA PRO A 220 0.55 34.38 18.07
C PRO A 220 -0.15 34.45 16.72
N THR A 221 -0.76 35.59 16.38
CA THR A 221 -1.44 35.75 15.11
C THR A 221 -0.80 36.81 14.22
N ALA A 222 0.17 37.56 14.72
CA ALA A 222 0.79 38.63 13.96
C ALA A 222 1.75 38.06 12.92
N GLU A 223 2.05 38.87 11.92
CA GLU A 223 3.08 38.54 10.94
C GLU A 223 4.47 38.95 11.43
N HIS A 224 4.58 40.14 12.01
CA HIS A 224 5.81 40.63 12.59
C HIS A 224 5.60 40.88 14.08
N PRO A 225 6.64 40.76 14.89
CA PRO A 225 6.55 41.23 16.27
C PRO A 225 6.53 42.75 16.31
N VAL A 226 5.93 43.30 17.36
CA VAL A 226 5.78 44.73 17.51
C VAL A 226 6.55 45.20 18.75
N ARG A 227 7.25 46.32 18.61
CA ARG A 227 7.98 46.96 19.70
C ARG A 227 7.17 48.16 20.19
N VAL A 228 6.68 48.09 21.43
CA VAL A 228 5.90 49.17 22.02
C VAL A 228 6.76 49.92 23.02
N GLU A 229 6.79 51.25 22.89
CA GLU A 229 7.55 52.10 23.79
C GLU A 229 6.61 52.76 24.79
N PHE A 230 7.05 52.82 26.04
CA PHE A 230 6.28 53.42 27.12
C PHE A 230 6.96 54.70 27.58
N TRP A 231 6.15 55.70 27.93
CA TRP A 231 6.63 56.93 28.56
C TRP A 231 5.78 57.14 29.82
N GLY A 232 6.25 56.62 30.94
CA GLY A 232 5.47 56.62 32.15
C GLY A 232 4.48 55.47 32.19
N ASP A 233 3.19 55.79 32.24
CA ASP A 233 2.13 54.79 32.21
C ASP A 233 1.31 54.87 30.92
N GLU A 234 1.95 55.24 29.81
CA GLU A 234 1.25 55.46 28.55
C GLU A 234 2.13 54.98 27.41
N ILE A 235 1.51 54.41 26.39
CA ILE A 235 2.24 53.94 25.20
C ILE A 235 2.52 55.16 24.31
N SER A 236 3.79 55.41 24.05
CA SER A 236 4.21 56.55 23.26
C SER A 236 4.37 56.23 21.77
N GLU A 237 4.79 55.01 21.46
CA GLU A 237 5.01 54.62 20.06
C GLU A 237 4.85 53.11 19.93
N MET A 238 4.44 52.69 18.74
CA MET A 238 4.36 51.28 18.40
C MET A 238 4.93 51.10 17.00
N ARG A 239 5.84 50.14 16.85
CA ARG A 239 6.42 49.86 15.54
C ARG A 239 6.81 48.40 15.48
N ALA A 240 6.68 47.82 14.29
CA ALA A 240 7.02 46.42 14.08
C ALA A 240 8.49 46.29 13.73
N PHE A 241 9.07 45.15 14.08
CA PHE A 241 10.48 44.89 13.81
C PHE A 241 10.64 43.48 13.28
N ALA A 242 11.81 43.22 12.71
CA ALA A 242 12.15 41.93 12.13
C ALA A 242 12.91 41.09 13.15
N ILE A 243 12.75 39.77 13.06
CA ILE A 243 13.38 38.87 14.02
C ILE A 243 14.89 38.83 13.81
N ALA A 244 15.34 38.89 12.55
CA ALA A 244 16.75 38.76 12.22
C ALA A 244 17.58 39.89 12.81
N ASP A 245 17.47 41.10 12.25
CA ASP A 245 18.27 42.22 12.71
C ASP A 245 17.70 42.91 13.95
N GLN A 246 16.54 42.48 14.43
CA GLN A 246 15.89 42.99 15.64
C GLN A 246 15.57 44.48 15.54
N ARG A 247 15.58 45.06 14.35
CA ARG A 247 15.37 46.47 14.17
C ARG A 247 14.02 46.73 13.51
N SER A 248 13.54 47.97 13.65
CA SER A 248 12.18 48.31 13.28
C SER A 248 11.97 48.22 11.77
N ILE A 249 10.71 48.03 11.39
CA ILE A 249 10.27 48.07 10.00
C ILE A 249 9.29 49.24 9.87
N PRO A 250 9.74 50.38 9.34
CA PRO A 250 8.85 51.55 9.28
C PRO A 250 7.84 51.50 8.15
N GLU A 251 8.07 50.68 7.12
CA GLU A 251 7.15 50.63 5.98
C GLU A 251 5.90 49.80 6.24
N VAL A 252 5.75 49.25 7.44
CA VAL A 252 4.51 48.56 7.83
C VAL A 252 3.83 49.39 8.91
N PRO A 253 2.61 49.87 8.69
CA PRO A 253 1.93 50.63 9.75
C PRO A 253 1.45 49.68 10.84
N VAL A 254 1.54 50.16 12.08
CA VAL A 254 1.16 49.35 13.23
C VAL A 254 -0.09 49.97 13.84
N GLN A 255 -1.24 49.34 13.59
CA GLN A 255 -2.48 49.71 14.26
C GLN A 255 -2.55 49.05 15.62
N THR A 256 -3.77 48.92 16.16
CA THR A 256 -3.95 48.23 17.42
C THR A 256 -3.59 46.75 17.29
N VAL A 257 -2.73 46.27 18.19
CA VAL A 257 -2.38 44.86 18.24
C VAL A 257 -3.14 44.21 19.39
N VAL A 258 -3.69 43.03 19.14
CA VAL A 258 -4.42 42.27 20.14
C VAL A 258 -3.62 41.02 20.43
N ALA A 259 -3.04 40.97 21.63
CA ALA A 259 -2.27 39.82 22.09
C ALA A 259 -3.22 38.85 22.79
N VAL A 260 -3.75 37.90 22.03
CA VAL A 260 -4.61 36.86 22.60
C VAL A 260 -3.74 35.86 23.35
N PRO A 261 -4.29 35.04 24.24
CA PRO A 261 -3.47 34.05 24.95
C PRO A 261 -2.82 33.05 24.00
N CYS A 262 -1.75 32.42 24.49
CA CYS A 262 -0.98 31.44 23.72
C CYS A 262 -1.36 30.01 24.04
N ARG A 263 -2.12 29.78 25.11
CA ARG A 263 -2.66 28.47 25.43
C ARG A 263 -4.13 28.63 25.77
N GLU A 264 -4.94 27.65 25.41
CA GLU A 264 -6.38 27.76 25.65
C GLU A 264 -6.68 27.60 27.14
N LEU A 265 -6.23 28.58 27.93
CA LEU A 265 -6.40 28.64 29.37
C LEU A 265 -5.88 29.97 29.88
N LEU A 266 -6.17 30.25 31.14
CA LEU A 266 -5.62 31.40 31.83
C LEU A 266 -4.95 30.92 33.12
N MET A 267 -3.73 31.39 33.35
CA MET A 267 -3.01 31.05 34.58
C MET A 267 -3.60 31.84 35.73
N THR A 268 -4.49 31.20 36.48
CA THR A 268 -5.16 31.83 37.61
C THR A 268 -4.59 31.29 38.92
N ASP A 269 -4.85 32.02 40.00
CA ASP A 269 -4.45 31.54 41.32
C ASP A 269 -5.24 30.29 41.71
N ASP A 270 -6.38 30.06 41.10
CA ASP A 270 -7.13 28.83 41.38
C ASP A 270 -6.47 27.62 40.72
N VAL A 271 -5.95 27.76 39.50
CA VAL A 271 -5.28 26.63 38.86
C VAL A 271 -3.92 26.39 39.50
N ARG A 272 -3.32 27.40 40.13
CA ARG A 272 -2.11 27.15 40.92
C ARG A 272 -2.44 26.37 42.19
N GLU A 273 -3.55 26.71 42.83
CA GLU A 273 -3.98 25.98 44.02
C GLU A 273 -4.34 24.55 43.68
N ARG A 274 -5.14 24.38 42.62
CA ARG A 274 -5.51 23.03 42.20
C ARG A 274 -4.31 22.23 41.72
N ALA A 275 -3.32 22.91 41.13
CA ALA A 275 -2.05 22.23 40.85
C ALA A 275 -1.41 21.74 42.15
N ALA A 276 -1.33 22.63 43.15
CA ALA A 276 -0.68 22.29 44.41
C ALA A 276 -1.44 21.18 45.14
N ALA A 277 -2.77 21.29 45.19
CA ALA A 277 -3.57 20.19 45.72
C ALA A 277 -3.32 18.91 44.92
N LEU A 278 -3.29 19.03 43.59
CA LEU A 278 -2.87 17.90 42.76
C LEU A 278 -1.39 17.59 42.93
N ALA A 279 -0.58 18.55 43.39
CA ALA A 279 0.85 18.31 43.57
C ALA A 279 1.15 17.58 44.85
N ALA A 280 0.28 17.70 45.87
CA ALA A 280 0.41 16.88 47.06
C ALA A 280 0.48 15.41 46.68
N GLU A 281 -0.58 14.92 46.05
CA GLU A 281 -0.49 13.72 45.23
C GLU A 281 0.60 13.88 44.18
N HIS A 282 1.36 12.82 43.95
CA HIS A 282 2.54 12.84 43.08
C HIS A 282 3.49 13.99 43.43
N PRO A 283 4.06 14.03 44.66
CA PRO A 283 4.87 15.19 45.06
C PRO A 283 6.16 15.32 44.27
N THR A 284 7.15 14.48 44.56
CA THR A 284 8.46 14.48 43.91
C THR A 284 9.05 15.89 43.86
N THR A 285 9.40 16.37 45.05
CA THR A 285 9.95 17.72 45.20
C THR A 285 11.34 17.81 44.57
N GLU A 286 12.13 16.76 44.72
CA GLU A 286 13.54 16.72 44.34
C GLU A 286 13.73 15.90 43.08
N ASN A 287 14.93 16.02 42.50
CA ASN A 287 15.35 15.23 41.32
C ASN A 287 14.28 15.28 40.23
N THR A 288 13.82 16.50 39.94
CA THR A 288 12.73 16.69 38.98
C THR A 288 13.09 16.14 37.60
N VAL A 289 12.56 14.96 37.28
CA VAL A 289 12.69 14.45 35.91
C VAL A 289 11.88 15.34 34.98
N PRO A 290 12.44 15.77 33.85
CA PRO A 290 11.81 16.87 33.08
C PRO A 290 10.41 16.55 32.56
N GLY A 291 10.19 15.35 32.04
CA GLY A 291 8.96 15.06 31.32
C GLY A 291 7.89 14.31 32.09
N THR A 292 8.02 14.15 33.40
CA THR A 292 7.03 13.41 34.18
C THR A 292 6.09 14.37 34.88
N VAL A 293 4.97 13.80 35.35
CA VAL A 293 3.86 14.63 35.86
C VAL A 293 4.28 15.54 37.00
N PRO A 294 5.08 15.10 38.00
CA PRO A 294 5.44 16.03 39.08
C PRO A 294 6.14 17.30 38.61
N ASP A 295 7.10 17.20 37.68
CA ASP A 295 7.73 18.40 37.15
C ASP A 295 6.71 19.31 36.49
N MET A 296 5.67 18.73 35.89
CA MET A 296 4.57 19.52 35.34
C MET A 296 3.78 20.18 36.47
N LEU A 297 3.38 19.40 37.47
CA LEU A 297 2.53 19.94 38.55
C LEU A 297 3.32 20.88 39.46
N ALA A 298 4.59 20.56 39.73
CA ALA A 298 5.39 21.42 40.58
C ALA A 298 5.55 22.81 39.97
N LYS A 299 5.68 22.88 38.64
CA LYS A 299 5.82 24.16 37.99
C LYS A 299 4.49 24.89 37.86
N LEU A 300 3.41 24.16 37.57
CA LEU A 300 2.08 24.77 37.55
C LEU A 300 1.74 25.37 38.90
N ALA A 301 2.12 24.70 40.00
CA ALA A 301 1.90 25.25 41.33
C ALA A 301 2.66 26.56 41.50
N GLU A 302 3.90 26.62 41.03
CA GLU A 302 4.65 27.86 41.08
C GLU A 302 4.05 28.95 40.19
N GLY A 303 3.23 28.56 39.22
CA GLY A 303 2.54 29.53 38.39
C GLY A 303 3.08 29.72 36.99
N ILE A 304 4.01 28.87 36.55
CA ILE A 304 4.62 28.99 35.22
C ILE A 304 3.94 27.99 34.30
N PRO A 305 3.39 28.41 33.17
CA PRO A 305 2.78 27.45 32.24
C PRO A 305 3.83 26.53 31.63
N VAL A 306 3.48 25.24 31.53
CA VAL A 306 4.38 24.24 30.99
C VAL A 306 3.67 23.46 29.90
N ASP A 307 4.46 22.81 29.05
CA ASP A 307 3.92 22.03 27.94
C ASP A 307 3.17 20.82 28.46
N GLY A 308 2.22 20.34 27.65
CA GLY A 308 1.37 19.24 28.07
C GLY A 308 0.33 19.60 29.11
N MET A 309 0.11 20.89 29.35
CA MET A 309 -0.78 21.31 30.43
C MET A 309 -2.25 21.09 30.08
N GLU A 310 -2.62 21.31 28.82
CA GLU A 310 -4.03 21.29 28.43
C GLU A 310 -4.70 19.95 28.71
N ALA A 311 -3.93 18.89 28.92
CA ALA A 311 -4.53 17.59 29.19
C ALA A 311 -5.14 17.51 30.60
N LEU A 312 -4.61 18.28 31.55
CA LEU A 312 -5.08 18.26 32.92
C LEU A 312 -6.09 19.38 33.22
N LEU A 313 -6.64 20.01 32.18
CA LEU A 313 -7.56 21.12 32.37
C LEU A 313 -8.86 20.71 33.06
N PRO A 314 -9.43 19.53 32.78
CA PRO A 314 -10.57 19.07 33.59
C PRO A 314 -10.27 18.98 35.09
N LEU A 315 -9.00 18.90 35.48
CA LEU A 315 -8.63 18.89 36.89
C LEU A 315 -8.11 20.23 37.40
N LEU A 316 -7.52 21.05 36.54
CA LEU A 316 -7.05 22.36 36.94
C LEU A 316 -8.09 23.46 36.74
N HIS A 317 -9.05 23.23 35.85
CA HIS A 317 -10.08 24.23 35.53
C HIS A 317 -11.37 23.49 35.20
N PRO A 318 -12.04 22.94 36.21
CA PRO A 318 -13.23 22.10 35.97
C PRO A 318 -14.47 22.95 35.74
N ILE A 319 -15.01 22.87 34.53
CA ILE A 319 -16.21 23.60 34.14
C ILE A 319 -17.01 22.72 33.19
N GLU A 320 -18.33 22.96 33.15
CA GLU A 320 -19.20 22.37 32.14
C GLU A 320 -18.65 22.68 30.76
N PRO A 321 -18.15 21.69 30.02
CA PRO A 321 -17.60 21.95 28.70
C PRO A 321 -18.70 22.16 27.66
N THR A 322 -18.37 22.95 26.65
CA THR A 322 -19.27 23.23 25.54
C THR A 322 -18.53 23.01 24.23
N THR A 323 -19.27 23.12 23.13
CA THR A 323 -18.73 22.85 21.79
C THR A 323 -18.50 24.15 21.03
N LEU A 324 -18.02 23.99 19.79
CA LEU A 324 -17.70 25.16 18.97
C LEU A 324 -18.95 25.89 18.51
N THR A 325 -20.03 25.15 18.23
CA THR A 325 -21.25 25.78 17.70
C THR A 325 -21.89 26.76 18.67
N ARG A 326 -21.64 26.61 19.98
CA ARG A 326 -22.16 27.56 20.94
C ARG A 326 -21.67 28.97 20.65
N HIS A 327 -20.46 29.11 20.13
CA HIS A 327 -19.91 30.43 19.87
C HIS A 327 -20.50 31.08 18.64
N LEU A 328 -21.13 30.30 17.76
CA LEU A 328 -21.76 30.86 16.59
C LEU A 328 -22.91 31.78 17.00
N PRO A 329 -23.19 32.82 16.21
CA PRO A 329 -24.35 33.66 16.49
C PRO A 329 -25.64 32.86 16.37
N GLU A 330 -26.66 33.28 17.12
CA GLU A 330 -27.90 32.53 17.17
C GLU A 330 -28.51 32.41 15.78
N GLY A 331 -28.91 31.19 15.42
CA GLY A 331 -29.48 30.91 14.12
C GLY A 331 -28.48 30.54 13.06
N ALA A 332 -27.19 30.69 13.31
CA ALA A 332 -26.17 30.34 12.33
C ALA A 332 -26.17 28.84 12.08
N PRO A 333 -26.45 28.38 10.87
CA PRO A 333 -26.53 26.95 10.61
C PRO A 333 -25.14 26.33 10.51
N VAL A 334 -25.12 25.02 10.30
CA VAL A 334 -23.89 24.25 10.15
C VAL A 334 -24.05 23.34 8.94
N LEU A 335 -23.24 23.57 7.91
CA LEU A 335 -23.26 22.77 6.69
C LEU A 335 -22.15 21.72 6.78
N VAL A 336 -22.54 20.45 6.76
CA VAL A 336 -21.59 19.35 6.89
C VAL A 336 -21.35 18.75 5.51
N CYS A 337 -20.16 18.94 4.98
CA CYS A 337 -19.80 18.43 3.67
C CYS A 337 -19.31 16.99 3.80
N ASP A 338 -19.93 16.09 3.02
CA ASP A 338 -19.62 14.65 3.00
C ASP A 338 -19.79 14.04 4.39
N PRO A 339 -21.02 13.83 4.85
CA PRO A 339 -21.22 13.32 6.22
C PRO A 339 -20.65 11.93 6.45
N GLU A 340 -20.58 11.10 5.41
CA GLU A 340 -20.04 9.74 5.60
C GLU A 340 -18.58 9.79 6.05
N LYS A 341 -17.78 10.68 5.47
CA LYS A 341 -16.38 10.75 5.83
C LYS A 341 -16.20 11.39 7.19
N VAL A 342 -17.00 12.39 7.52
CA VAL A 342 -16.91 13.03 8.82
C VAL A 342 -17.19 12.02 9.93
N ARG A 343 -18.11 11.09 9.68
CA ARG A 343 -18.42 10.06 10.66
C ARG A 343 -17.23 9.10 10.84
N THR A 344 -16.70 8.58 9.73
CA THR A 344 -15.57 7.65 9.83
C THR A 344 -14.32 8.35 10.34
N ARG A 345 -14.12 9.62 9.93
CA ARG A 345 -13.07 10.43 10.52
C ARG A 345 -13.24 10.54 12.03
N ALA A 346 -14.46 10.89 12.46
CA ALA A 346 -14.75 11.00 13.89
C ALA A 346 -14.34 9.76 14.66
N ALA A 347 -14.68 8.58 14.12
CA ALA A 347 -14.32 7.33 14.81
C ALA A 347 -12.82 7.21 15.00
N ASP A 348 -12.03 7.68 14.02
CA ASP A 348 -10.58 7.63 14.16
C ASP A 348 -10.08 8.65 15.17
N LEU A 349 -10.69 9.84 15.20
CA LEU A 349 -10.32 10.83 16.20
C LEU A 349 -10.64 10.35 17.61
N ILE A 350 -11.82 9.74 17.79
CA ILE A 350 -12.22 9.25 19.10
C ILE A 350 -11.34 8.07 19.52
N LYS A 351 -11.05 7.15 18.58
CA LYS A 351 -10.16 6.04 18.88
C LYS A 351 -8.76 6.54 19.21
N THR A 352 -8.18 7.35 18.32
CA THR A 352 -6.83 7.86 18.55
C THR A 352 -6.75 8.67 19.85
N GLY A 353 -7.80 9.42 20.15
CA GLY A 353 -7.79 10.22 21.37
C GLY A 353 -7.76 9.36 22.62
N ARG A 354 -8.54 8.28 22.64
CA ARG A 354 -8.53 7.38 23.79
C ARG A 354 -7.19 6.67 23.91
N GLU A 355 -6.59 6.29 22.78
CA GLU A 355 -5.29 5.64 22.83
C GLU A 355 -4.22 6.56 23.43
N PHE A 356 -4.32 7.86 23.17
CA PHE A 356 -3.38 8.80 23.76
C PHE A 356 -3.70 9.10 25.22
N LEU A 357 -4.98 9.01 25.60
CA LEU A 357 -5.36 9.19 27.00
C LEU A 357 -4.87 8.02 27.84
N GLU A 358 -5.02 6.80 27.34
CA GLU A 358 -4.60 5.62 28.09
C GLU A 358 -3.09 5.49 28.15
N ALA A 359 -2.36 6.14 27.25
CA ALA A 359 -0.91 6.03 27.21
C ALA A 359 -0.22 7.12 28.03
N SER A 360 -0.72 8.35 27.97
CA SER A 360 -0.10 9.46 28.67
C SER A 360 -0.47 9.53 30.15
N TRP A 361 -1.53 8.82 30.56
CA TRP A 361 -1.99 8.92 31.94
C TRP A 361 -2.29 7.55 32.55
N SER A 362 -1.68 6.48 32.03
CA SER A 362 -1.76 5.19 32.68
C SER A 362 -1.09 5.25 34.04
N THR A 363 -1.50 4.34 34.94
CA THR A 363 -1.02 4.36 36.33
C THR A 363 0.51 4.39 36.39
N ALA A 364 1.16 3.60 35.54
CA ALA A 364 2.62 3.59 35.52
C ALA A 364 3.19 4.90 34.99
N ALA A 365 2.49 5.54 34.06
CA ALA A 365 3.01 6.76 33.45
C ALA A 365 2.93 7.96 34.38
N VAL A 366 2.07 7.93 35.39
CA VAL A 366 1.92 9.09 36.27
C VAL A 366 2.97 9.06 37.39
N GLY A 367 3.38 7.87 37.83
CA GLY A 367 4.36 7.71 38.87
C GLY A 367 3.81 7.13 40.16
N GLY A 368 2.51 7.31 40.40
CA GLY A 368 1.87 6.79 41.60
C GLY A 368 1.15 7.84 42.41
N ILE A 372 -5.49 10.63 40.28
CA ILE A 372 -5.83 11.20 38.98
C ILE A 372 -6.48 10.13 38.10
N ASP A 373 -7.80 10.20 37.97
CA ASP A 373 -8.54 9.22 37.18
C ASP A 373 -8.69 9.71 35.74
N LEU A 374 -8.55 8.78 34.80
CA LEU A 374 -8.63 9.12 33.39
C LEU A 374 -10.05 9.45 32.97
N GLU A 375 -11.04 8.86 33.63
CA GLU A 375 -12.44 9.18 33.32
C GLU A 375 -12.76 10.62 33.68
N ALA A 376 -12.04 11.20 34.65
CA ALA A 376 -12.24 12.61 34.98
C ALA A 376 -11.75 13.52 33.87
N LEU A 377 -10.73 13.09 33.12
CA LEU A 377 -10.23 13.86 31.99
C LEU A 377 -11.06 13.68 30.73
N GLY A 378 -11.99 12.72 30.71
CA GLY A 378 -12.83 12.50 29.54
C GLY A 378 -13.73 13.66 29.19
N ALA A 379 -13.87 14.64 30.07
CA ALA A 379 -14.70 15.81 29.75
C ALA A 379 -14.12 16.60 28.60
N SER A 380 -12.80 16.71 28.52
CA SER A 380 -12.13 17.38 27.42
C SER A 380 -11.95 16.48 26.20
N GLY A 381 -12.43 15.22 26.27
CA GLY A 381 -12.30 14.31 25.15
C GLY A 381 -13.29 14.60 24.03
N PHE A 382 -13.05 13.94 22.90
CA PHE A 382 -13.82 14.22 21.69
C PHE A 382 -15.30 13.88 21.87
N VAL A 383 -16.15 14.81 21.44
CA VAL A 383 -17.57 14.55 21.32
C VAL A 383 -17.79 13.54 20.18
N THR A 384 -18.89 12.80 20.25
CA THR A 384 -19.24 11.91 19.14
C THR A 384 -20.12 12.66 18.14
N PHE A 385 -20.18 12.12 16.92
CA PHE A 385 -20.84 12.81 15.82
C PHE A 385 -22.28 13.16 16.16
N GLU A 386 -23.03 12.21 16.72
CA GLU A 386 -24.43 12.46 17.05
C GLU A 386 -24.58 13.43 18.22
N GLU A 387 -23.64 13.40 19.17
CA GLU A 387 -23.68 14.37 20.27
C GLU A 387 -23.42 15.79 19.75
N ALA A 388 -22.56 15.93 18.75
CA ALA A 388 -22.31 17.23 18.17
C ALA A 388 -23.52 17.73 17.40
N ARG A 389 -24.17 16.85 16.64
CA ARG A 389 -25.38 17.24 15.93
C ARG A 389 -26.49 17.67 16.89
N GLU A 390 -26.70 16.90 17.95
CA GLU A 390 -27.73 17.28 18.93
C GLU A 390 -27.35 18.54 19.69
N ALA A 391 -26.05 18.75 19.95
CA ALA A 391 -25.62 19.98 20.61
C ALA A 391 -25.82 21.18 19.69
N ALA A 392 -25.74 20.98 18.37
CA ALA A 392 -25.96 22.07 17.43
C ALA A 392 -27.42 22.47 17.38
N ARG A 393 -28.33 21.49 17.32
CA ARG A 393 -29.75 21.79 17.22
C ARG A 393 -30.30 22.32 18.54
N GLU A 394 -29.84 21.78 19.67
CA GLU A 394 -30.29 22.28 20.96
C GLU A 394 -29.87 23.72 21.21
N GLY A 395 -28.90 24.22 20.45
CA GLY A 395 -28.46 25.60 20.57
C GLY A 395 -29.01 26.52 19.51
N GLY A 396 -29.91 26.05 18.66
CA GLY A 396 -30.49 26.88 17.63
C GLY A 396 -29.67 26.95 16.36
N HIS A 397 -28.86 25.94 16.07
CA HIS A 397 -28.00 25.93 14.89
C HIS A 397 -28.39 24.77 13.99
N PRO A 398 -29.05 25.02 12.86
CA PRO A 398 -29.49 23.92 11.99
C PRO A 398 -28.32 23.07 11.53
N TRP A 399 -28.64 21.82 11.20
CA TRP A 399 -27.67 20.82 10.79
C TRP A 399 -28.02 20.38 9.37
N TRP A 400 -27.33 20.96 8.40
CA TRP A 400 -27.54 20.66 6.99
C TRP A 400 -26.32 19.96 6.42
N THR A 401 -26.55 19.16 5.38
CA THR A 401 -25.49 18.32 4.82
C THR A 401 -25.33 18.58 3.32
N LEU A 402 -24.15 18.23 2.82
CA LEU A 402 -23.88 18.14 1.39
C LEU A 402 -23.17 16.82 1.14
N SER A 403 -23.74 15.99 0.28
CA SER A 403 -23.13 14.73 -0.09
C SER A 403 -23.01 14.65 -1.60
N GLN A 404 -22.13 13.76 -2.05
CA GLN A 404 -22.00 13.47 -3.48
C GLN A 404 -22.83 12.26 -3.90
N LEU A 405 -23.14 11.36 -2.97
CA LEU A 405 -24.03 10.25 -3.23
C LEU A 405 -25.48 10.70 -3.05
N SER A 406 -26.35 10.27 -3.96
CA SER A 406 -27.71 10.76 -4.01
C SER A 406 -28.61 9.99 -3.06
N ASP A 407 -29.57 10.70 -2.48
CA ASP A 407 -30.64 10.11 -1.69
C ASP A 407 -31.96 10.76 -2.10
N GLU A 408 -33.04 9.97 -2.06
CA GLU A 408 -34.31 10.43 -2.59
C GLU A 408 -34.88 11.61 -1.80
N SER A 409 -34.61 11.68 -0.51
CA SER A 409 -35.12 12.74 0.34
C SER A 409 -34.21 13.96 0.39
N ALA A 410 -33.30 14.09 -0.57
CA ALA A 410 -32.33 15.17 -0.57
C ALA A 410 -32.53 16.06 -1.80
N VAL A 411 -32.36 17.37 -1.60
CA VAL A 411 -32.47 18.32 -2.69
C VAL A 411 -31.24 18.21 -3.57
N GLU A 412 -31.45 17.95 -4.86
CA GLU A 412 -30.36 17.82 -5.82
C GLU A 412 -30.22 19.12 -6.59
N LEU A 413 -28.98 19.60 -6.72
CA LEU A 413 -28.68 20.83 -7.42
C LEU A 413 -28.30 20.55 -8.86
N ASP A 414 -28.75 21.41 -9.77
CA ASP A 414 -28.41 21.27 -11.18
C ASP A 414 -26.95 21.63 -11.41
N ILE A 415 -26.06 20.96 -10.68
CA ILE A 415 -24.63 21.26 -10.69
C ILE A 415 -23.87 19.99 -11.01
N ARG A 416 -22.85 20.11 -11.85
CA ARG A 416 -22.05 18.98 -12.31
C ARG A 416 -20.58 19.28 -12.08
N SER A 417 -19.76 18.24 -12.18
CA SER A 417 -18.32 18.38 -12.11
C SER A 417 -17.74 18.57 -13.49
N ALA A 418 -16.60 19.25 -13.55
CA ALA A 418 -16.00 19.57 -14.84
C ALA A 418 -15.15 18.41 -15.34
N PRO A 419 -15.05 18.27 -16.67
CA PRO A 419 -14.19 17.22 -17.23
C PRO A 419 -12.76 17.39 -16.77
N SER A 420 -12.09 16.26 -16.56
CA SER A 420 -10.69 16.24 -16.13
C SER A 420 -9.86 15.58 -17.22
N ALA A 421 -8.86 16.30 -17.73
CA ALA A 421 -7.91 15.75 -18.69
C ALA A 421 -6.75 15.10 -17.95
N ARG A 422 -7.06 13.97 -17.32
CA ARG A 422 -6.07 13.26 -16.50
C ARG A 422 -5.01 12.60 -17.37
N GLY A 423 -3.94 13.33 -17.66
CA GLY A 423 -2.84 12.79 -18.43
C GLY A 423 -3.14 12.54 -19.89
N SER A 424 -4.22 13.11 -20.42
CA SER A 424 -4.59 12.95 -21.82
C SER A 424 -4.74 14.33 -22.45
N GLN A 425 -3.88 14.62 -23.42
CA GLN A 425 -3.78 15.92 -24.06
C GLN A 425 -4.77 16.07 -25.21
N HIS A 426 -5.34 14.96 -25.67
CA HIS A 426 -6.48 15.02 -26.58
C HIS A 426 -7.76 15.32 -25.82
N ASN A 427 -7.82 14.96 -24.54
CA ASN A 427 -8.85 15.50 -23.66
C ASN A 427 -8.61 16.98 -23.39
N LEU A 428 -7.34 17.40 -23.38
CA LEU A 428 -7.01 18.81 -23.24
C LEU A 428 -7.55 19.61 -24.43
N GLU A 429 -7.47 19.03 -25.63
CA GLU A 429 -8.09 19.65 -26.80
C GLU A 429 -9.61 19.43 -26.80
N GLU A 430 -10.07 18.28 -26.32
CA GLU A 430 -11.51 18.02 -26.26
C GLU A 430 -12.19 18.96 -25.29
N ILE A 431 -11.59 19.20 -24.12
CA ILE A 431 -12.16 20.14 -23.16
C ILE A 431 -12.22 21.54 -23.77
N PHE A 432 -11.17 21.93 -24.49
CA PHE A 432 -11.15 23.26 -25.11
C PHE A 432 -12.15 23.34 -26.25
N ALA A 433 -12.25 22.29 -27.07
CA ALA A 433 -13.27 22.26 -28.11
C ALA A 433 -14.67 22.29 -27.50
N MET A 434 -14.84 21.79 -26.28
CA MET A 434 -16.12 21.88 -25.60
C MET A 434 -16.41 23.32 -25.19
N LEU A 435 -15.41 24.01 -24.64
CA LEU A 435 -15.60 25.40 -24.24
C LEU A 435 -15.88 26.29 -25.45
N ARG A 436 -15.18 26.05 -26.55
CA ARG A 436 -15.40 26.83 -27.76
C ARG A 436 -16.82 26.67 -28.27
N ALA A 437 -17.36 25.45 -28.20
CA ALA A 437 -18.76 25.24 -28.56
C ALA A 437 -19.70 25.93 -27.58
N HIS A 438 -19.32 25.99 -26.31
CA HIS A 438 -20.20 26.60 -25.31
C HIS A 438 -20.28 28.11 -25.49
N VAL A 439 -19.17 28.75 -25.89
CA VAL A 439 -19.18 30.20 -26.07
C VAL A 439 -19.71 30.61 -27.43
N ALA A 440 -19.64 29.73 -28.43
CA ALA A 440 -20.36 29.99 -29.67
C ALA A 440 -21.86 30.07 -29.41
N THR A 441 -22.36 29.20 -28.53
CA THR A 441 -23.74 29.29 -28.06
C THR A 441 -24.05 30.67 -27.52
N GLY A 442 -23.07 31.33 -26.91
CA GLY A 442 -23.30 32.53 -26.15
C GLY A 442 -23.26 32.34 -24.65
N GLY A 443 -22.64 31.26 -24.17
CA GLY A 443 -22.57 30.99 -22.76
C GLY A 443 -21.29 31.48 -22.12
N TYR A 444 -21.25 31.38 -20.79
CA TYR A 444 -20.11 31.84 -20.02
C TYR A 444 -19.14 30.69 -19.76
N ALA A 445 -17.85 30.94 -19.98
CA ALA A 445 -16.81 29.95 -19.76
C ALA A 445 -15.63 30.61 -19.08
N ALA A 446 -15.23 30.11 -17.92
CA ALA A 446 -14.09 30.65 -17.19
C ALA A 446 -13.11 29.53 -16.87
N VAL A 447 -11.83 29.81 -17.04
CA VAL A 447 -10.75 28.92 -16.63
C VAL A 447 -10.03 29.59 -15.48
N VAL A 448 -10.10 28.97 -14.30
CA VAL A 448 -9.53 29.52 -13.08
C VAL A 448 -8.18 28.88 -12.81
N THR A 449 -7.16 29.70 -12.61
CA THR A 449 -5.78 29.21 -12.46
C THR A 449 -5.16 29.77 -11.18
N PRO A 450 -5.03 28.96 -10.13
CA PRO A 450 -4.41 29.45 -8.89
C PRO A 450 -2.91 29.68 -9.01
N GLY A 451 -2.24 29.01 -9.94
CA GLY A 451 -0.81 29.19 -10.08
C GLY A 451 -0.45 30.57 -10.60
N ILE A 452 0.85 30.88 -10.48
CA ILE A 452 1.41 32.13 -10.99
C ILE A 452 2.11 31.84 -12.30
N GLY A 453 1.92 32.72 -13.28
CA GLY A 453 2.49 32.51 -14.59
C GLY A 453 1.82 31.44 -15.42
N THR A 454 0.71 30.87 -14.94
CA THR A 454 0.00 29.85 -15.69
C THR A 454 -1.20 30.39 -16.46
N ALA A 455 -1.54 31.67 -16.27
CA ALA A 455 -2.67 32.24 -17.00
C ALA A 455 -2.33 32.44 -18.47
N HIS A 456 -1.15 32.97 -18.76
CA HIS A 456 -0.84 33.30 -20.14
C HIS A 456 -0.66 32.06 -21.01
N ARG A 457 -0.23 30.94 -20.42
CA ARG A 457 -0.07 29.73 -21.21
C ARG A 457 -1.42 29.06 -21.48
N VAL A 458 -2.35 29.13 -20.53
CA VAL A 458 -3.71 28.65 -20.79
C VAL A 458 -4.34 29.45 -21.92
N VAL A 459 -4.11 30.77 -21.95
CA VAL A 459 -4.56 31.59 -23.06
C VAL A 459 -3.89 31.14 -24.36
N GLU A 460 -2.59 30.84 -24.30
CA GLU A 460 -1.89 30.34 -25.47
C GLU A 460 -2.40 28.96 -25.88
N GLN A 461 -2.76 28.12 -24.90
CA GLN A 461 -3.36 26.84 -25.21
C GLN A 461 -4.71 27.01 -25.91
N LEU A 462 -5.53 27.93 -25.42
CA LEU A 462 -6.84 28.16 -26.03
C LEU A 462 -6.72 28.75 -27.42
N GLY A 463 -5.68 29.55 -27.68
CA GLY A 463 -5.51 30.12 -29.00
C GLY A 463 -5.22 29.07 -30.05
N GLU A 464 -4.38 28.08 -29.71
CA GLU A 464 -4.09 27.01 -30.66
C GLU A 464 -5.30 26.13 -30.90
N ALA A 465 -6.15 25.97 -29.89
CA ALA A 465 -7.44 25.30 -30.07
C ALA A 465 -8.47 26.21 -30.73
N ASP A 466 -8.03 27.33 -31.32
CA ASP A 466 -8.91 28.24 -32.05
C ASP A 466 -10.05 28.76 -31.19
N THR A 467 -9.69 29.34 -30.04
CA THR A 467 -10.66 29.88 -29.11
C THR A 467 -10.18 31.22 -28.58
N ALA A 468 -11.04 32.23 -28.65
CA ALA A 468 -10.69 33.54 -28.12
C ALA A 468 -10.65 33.49 -26.60
N ALA A 469 -9.59 34.03 -26.02
CA ALA A 469 -9.41 34.02 -24.57
C ALA A 469 -8.83 35.36 -24.13
N THR A 470 -9.05 35.67 -22.85
CA THR A 470 -8.67 36.94 -22.25
C THR A 470 -8.44 36.72 -20.76
N ILE A 471 -7.40 37.33 -20.23
CA ILE A 471 -7.16 37.26 -18.79
C ILE A 471 -7.99 38.34 -18.11
N LEU A 472 -9.03 37.92 -17.39
CA LEU A 472 -9.93 38.86 -16.73
C LEU A 472 -9.26 39.54 -15.54
N GLU A 473 -9.65 40.78 -15.30
CA GLU A 473 -9.15 41.47 -14.13
C GLU A 473 -9.78 40.86 -12.87
N PRO A 474 -9.03 40.80 -11.77
CA PRO A 474 -9.54 40.12 -10.58
C PRO A 474 -10.89 40.67 -10.13
N GLY A 475 -11.78 39.75 -9.75
CA GLY A 475 -13.08 40.10 -9.21
C GLY A 475 -14.20 40.18 -10.22
N THR A 476 -13.90 40.12 -11.52
CA THR A 476 -14.90 40.27 -12.56
C THR A 476 -15.35 38.92 -13.08
N ALA A 477 -16.52 38.92 -13.76
CA ALA A 477 -17.15 37.75 -14.34
C ALA A 477 -16.76 37.63 -15.83
N PRO A 478 -16.73 36.40 -16.36
CA PRO A 478 -16.46 36.26 -17.80
C PRO A 478 -17.61 36.83 -18.61
N LYS A 479 -17.26 37.48 -19.73
CA LYS A 479 -18.24 38.01 -20.66
C LYS A 479 -18.64 36.92 -21.63
N ALA A 480 -19.95 36.77 -21.87
CA ALA A 480 -20.44 35.72 -22.75
C ALA A 480 -19.89 35.91 -24.16
N GLY A 481 -19.45 34.82 -24.77
CA GLY A 481 -18.91 34.89 -26.10
C GLY A 481 -17.42 34.59 -26.15
N VAL A 482 -16.68 35.05 -25.15
CA VAL A 482 -15.26 34.77 -25.03
C VAL A 482 -15.02 34.05 -23.71
N VAL A 483 -14.00 33.20 -23.69
CA VAL A 483 -13.62 32.47 -22.49
C VAL A 483 -12.69 33.35 -21.67
N GLY A 484 -13.00 33.49 -20.39
CA GLY A 484 -12.19 34.29 -19.48
C GLY A 484 -11.25 33.41 -18.68
N VAL A 485 -9.96 33.74 -18.72
CA VAL A 485 -8.97 33.12 -17.85
C VAL A 485 -8.82 34.00 -16.62
N LEU A 486 -9.07 33.42 -15.45
CA LEU A 486 -9.15 34.18 -14.20
C LEU A 486 -8.23 33.55 -13.15
N LYS A 487 -7.22 34.29 -12.73
CA LYS A 487 -6.38 33.85 -11.64
C LYS A 487 -7.17 33.86 -10.34
N GLY A 488 -7.25 32.71 -9.66
CA GLY A 488 -8.02 32.60 -8.46
C GLY A 488 -7.92 31.22 -7.82
N PRO A 489 -8.41 31.10 -6.59
CA PRO A 489 -8.28 29.83 -5.87
C PRO A 489 -9.46 28.88 -6.09
N LEU A 490 -9.39 28.03 -7.10
CA LEU A 490 -10.41 27.02 -7.32
C LEU A 490 -9.72 25.68 -7.54
N CYS A 491 -10.12 24.67 -6.77
CA CYS A 491 -9.50 23.36 -6.90
C CYS A 491 -9.99 22.66 -8.16
N SER A 492 -11.28 22.40 -8.26
CA SER A 492 -11.84 21.65 -9.38
C SER A 492 -12.98 22.42 -10.00
N GLY A 493 -13.23 22.13 -11.28
CA GLY A 493 -14.22 22.85 -12.04
C GLY A 493 -15.64 22.40 -11.76
N VAL A 494 -16.57 23.14 -12.37
CA VAL A 494 -17.99 23.01 -12.09
C VAL A 494 -18.76 23.37 -13.35
N VAL A 495 -19.90 22.72 -13.55
CA VAL A 495 -20.75 22.97 -14.71
C VAL A 495 -22.16 23.24 -14.23
N LEU A 496 -22.72 24.40 -14.59
CA LEU A 496 -24.12 24.75 -14.30
C LEU A 496 -24.80 25.18 -15.58
N PRO A 497 -25.62 24.30 -16.18
CA PRO A 497 -26.39 24.74 -17.35
C PRO A 497 -27.45 25.78 -17.01
N GLY A 498 -27.99 25.73 -15.79
CA GLY A 498 -28.99 26.71 -15.38
C GLY A 498 -28.47 28.13 -15.33
N ALA A 499 -27.15 28.31 -15.18
CA ALA A 499 -26.52 29.61 -15.34
C ALA A 499 -25.78 29.73 -16.67
N ASN A 500 -25.86 28.68 -17.50
CA ASN A 500 -25.12 28.61 -18.77
C ASN A 500 -23.64 28.95 -18.57
N LEU A 501 -23.10 28.50 -17.45
CA LEU A 501 -21.73 28.77 -17.07
C LEU A 501 -20.99 27.45 -16.90
N VAL A 502 -19.77 27.40 -17.43
CA VAL A 502 -18.90 26.23 -17.30
C VAL A 502 -17.55 26.72 -16.81
N ILE A 503 -17.09 26.17 -15.68
CA ILE A 503 -15.83 26.57 -15.06
C ILE A 503 -14.90 25.36 -15.06
N ILE A 504 -13.67 25.57 -15.52
CA ILE A 504 -12.63 24.55 -15.47
C ILE A 504 -11.42 25.17 -14.77
N THR A 505 -10.76 24.39 -13.92
CA THR A 505 -9.54 24.82 -13.26
C THR A 505 -8.31 24.24 -13.97
N GLU A 506 -7.14 24.78 -13.63
CA GLU A 506 -5.91 24.21 -14.18
C GLU A 506 -5.61 22.85 -13.59
N THR A 507 -6.17 22.52 -12.43
CA THR A 507 -6.05 21.16 -11.90
C THR A 507 -6.79 20.16 -12.79
N ASP A 508 -7.99 20.53 -13.26
CA ASP A 508 -8.71 19.68 -14.20
C ASP A 508 -7.93 19.51 -15.50
N LEU A 509 -7.14 20.51 -15.88
CA LEU A 509 -6.39 20.45 -17.13
C LEU A 509 -5.10 19.66 -16.99
N THR A 510 -4.51 19.63 -15.81
CA THR A 510 -3.22 18.99 -15.60
C THR A 510 -3.28 17.78 -14.69
N GLY A 511 -4.15 17.79 -13.69
CA GLY A 511 -4.17 16.73 -12.70
C GLY A 511 -3.28 16.96 -11.51
N ASN A 512 -2.87 18.20 -11.25
CA ASN A 512 -1.96 18.50 -10.16
C ASN A 512 -2.53 19.61 -9.30
N ARG A 513 -2.65 19.32 -8.01
CA ARG A 513 -3.08 20.29 -7.03
C ARG A 513 -2.08 21.45 -6.93
N VAL A 514 -2.47 22.49 -6.21
CA VAL A 514 -1.61 23.63 -5.90
C VAL A 514 -2.27 24.58 -4.90
N THR A 515 -2.17 24.27 -3.60
CA THR A 515 -2.68 25.17 -2.56
C THR A 515 -1.52 26.00 -2.00
N ALA A 516 -1.02 26.89 -2.86
CA ALA A 516 0.12 27.75 -2.50
C ALA A 516 -0.26 29.22 -2.54
N ALA A 523 5.83 37.01 0.34
CA ALA A 523 7.22 36.94 0.77
C ALA A 523 7.32 36.51 2.23
N ALA A 524 8.48 36.00 2.63
CA ALA A 524 8.71 35.54 4.00
C ALA A 524 9.98 36.20 4.53
N LYS A 525 10.09 36.19 5.86
CA LYS A 525 11.16 36.89 6.56
C LYS A 525 12.49 36.16 6.43
N ARG A 526 13.57 36.90 6.62
CA ARG A 526 14.92 36.36 6.57
C ARG A 526 15.17 35.50 7.81
N ARG A 527 16.40 35.03 7.98
CA ARG A 527 16.70 34.08 9.04
C ARG A 527 17.88 34.48 9.90
N ASN A 528 19.07 34.60 9.30
CA ASN A 528 20.31 34.76 10.06
C ASN A 528 20.30 36.07 10.85
N VAL A 529 20.37 35.95 12.18
CA VAL A 529 20.38 37.12 13.05
C VAL A 529 21.76 37.77 13.07
N PRO A 532 25.55 35.78 18.35
CA PRO A 532 26.45 36.65 19.12
C PRO A 532 27.55 35.87 19.83
N LEU A 533 27.53 35.91 21.16
CA LEU A 533 28.36 35.04 21.99
C LEU A 533 27.74 34.97 23.37
N ALA A 534 27.32 33.78 23.78
CA ALA A 534 26.63 33.57 25.05
C ALA A 534 27.52 32.72 25.94
N LEU A 535 28.00 33.31 27.03
CA LEU A 535 28.93 32.65 27.93
C LEU A 535 28.26 32.37 29.27
N THR A 536 28.45 31.15 29.76
CA THR A 536 27.98 30.75 31.09
C THR A 536 29.19 30.50 31.99
N ALA A 537 28.92 30.39 33.29
CA ALA A 537 29.97 30.10 34.25
C ALA A 537 30.58 28.74 33.96
N GLY A 538 31.85 28.72 33.58
CA GLY A 538 32.57 27.49 33.26
C GLY A 538 32.94 27.35 31.79
N ASP A 539 32.32 28.13 30.91
CA ASP A 539 32.64 28.04 29.49
C ASP A 539 34.08 28.48 29.23
N LEU A 540 34.75 27.77 28.32
CA LEU A 540 36.12 28.09 27.97
C LEU A 540 36.14 28.99 26.73
N VAL A 541 36.91 30.08 26.81
CA VAL A 541 37.05 31.02 25.71
C VAL A 541 38.53 31.19 25.42
N VAL A 542 38.83 31.83 24.28
CA VAL A 542 40.19 32.01 23.81
C VAL A 542 40.48 33.50 23.73
N HIS A 543 41.55 33.92 24.38
CA HIS A 543 42.07 35.27 24.26
C HIS A 543 43.23 35.26 23.27
N ASP A 544 43.26 36.23 22.35
CA ASP A 544 44.24 36.21 21.28
C ASP A 544 45.66 36.42 21.79
N GLN A 545 45.81 37.08 22.93
CA GLN A 545 47.12 37.39 23.48
C GLN A 545 47.50 36.50 24.66
N HIS A 546 46.56 35.78 25.25
CA HIS A 546 46.83 34.96 26.43
C HIS A 546 46.45 33.51 26.26
N GLY A 547 45.35 33.21 25.57
CA GLY A 547 45.02 31.83 25.26
C GLY A 547 43.75 31.32 25.92
N ILE A 548 43.71 30.01 26.15
CA ILE A 548 42.49 29.35 26.61
C ILE A 548 42.27 29.65 28.10
N GLY A 549 41.14 30.29 28.41
CA GLY A 549 40.77 30.56 29.78
C GLY A 549 39.36 30.05 30.06
N LYS A 550 38.99 30.14 31.34
CA LYS A 550 37.68 29.70 31.79
C LYS A 550 36.87 30.91 32.23
N PHE A 551 35.68 31.07 31.66
CA PHE A 551 34.82 32.19 32.01
C PHE A 551 34.24 32.01 33.40
N VAL A 552 34.20 33.09 34.16
CA VAL A 552 33.73 33.09 35.54
C VAL A 552 32.45 33.92 35.70
N GLU A 553 32.53 35.21 35.39
CA GLU A 553 31.51 36.16 35.81
C GLU A 553 31.57 37.36 34.86
N MET A 554 30.53 38.19 34.89
CA MET A 554 30.66 39.58 34.48
C MET A 554 30.56 40.47 35.71
N THR A 555 31.58 41.30 35.94
CA THR A 555 31.64 42.16 37.13
C THR A 555 31.79 43.62 36.73
N GLU A 556 31.78 44.49 37.74
CA GLU A 556 31.97 45.92 37.56
C GLU A 556 32.76 46.46 38.74
N ARG A 557 33.86 47.16 38.46
CA ARG A 557 34.70 47.77 39.47
C ARG A 557 34.83 49.26 39.17
N VAL A 558 34.57 50.10 40.16
CA VAL A 558 34.50 51.54 39.99
C VAL A 558 35.85 52.16 40.35
N VAL A 559 36.27 53.15 39.55
CA VAL A 559 37.55 53.83 39.75
C VAL A 559 37.25 55.32 39.82
N GLY A 560 36.97 55.81 41.03
CA GLY A 560 36.69 57.23 41.23
C GLY A 560 35.37 57.68 40.63
N GLY A 561 34.30 56.94 40.92
CA GLY A 561 32.99 57.26 40.39
C GLY A 561 32.77 56.86 38.94
N ALA A 562 33.77 56.30 38.27
CA ALA A 562 33.68 55.90 36.86
C ALA A 562 33.56 54.39 36.82
N ARG A 563 32.31 53.90 36.83
CA ARG A 563 32.05 52.46 36.78
C ARG A 563 32.46 51.90 35.42
N ARG A 564 33.17 50.77 35.44
CA ARG A 564 33.61 50.11 34.22
C ARG A 564 33.37 48.62 34.36
N GLU A 565 32.85 48.00 33.30
CA GLU A 565 32.51 46.59 33.31
C GLU A 565 33.69 45.75 32.82
N TYR A 566 33.81 44.54 33.36
CA TYR A 566 34.93 43.67 33.05
C TYR A 566 34.44 42.24 32.88
N LEU A 567 35.05 41.53 31.92
CA LEU A 567 34.83 40.10 31.72
C LEU A 567 36.03 39.34 32.27
N VAL A 568 35.77 38.39 33.16
CA VAL A 568 36.82 37.72 33.92
C VAL A 568 37.02 36.32 33.37
N LEU A 569 38.27 35.88 33.34
CA LEU A 569 38.65 34.56 32.80
C LEU A 569 39.61 33.89 33.76
N GLU A 570 39.33 32.62 34.06
CA GLU A 570 40.16 31.84 34.97
C GLU A 570 41.27 31.15 34.19
N TYR A 571 42.51 31.50 34.50
CA TYR A 571 43.68 30.92 33.85
C TYR A 571 44.48 30.09 34.85
N ALA A 572 45.44 29.34 34.32
CA ALA A 572 46.30 28.50 35.14
C ALA A 572 47.38 29.33 35.81
N SER A 573 48.18 28.68 36.66
CA SER A 573 49.23 29.35 37.41
C SER A 573 50.30 29.92 36.48
N ASP A 581 45.04 32.05 38.61
CA ASP A 581 45.14 33.42 38.11
C ASP A 581 43.87 33.81 37.35
N LYS A 582 43.52 35.09 37.41
CA LYS A 582 42.30 35.60 36.79
C LYS A 582 42.65 36.84 35.97
N LEU A 583 42.16 36.87 34.72
CA LEU A 583 42.40 37.98 33.81
C LEU A 583 41.11 38.77 33.62
N TYR A 584 41.20 40.08 33.81
CA TYR A 584 40.07 40.99 33.64
C TYR A 584 40.21 41.68 32.27
N VAL A 585 39.38 41.29 31.31
CA VAL A 585 39.45 41.93 30.00
C VAL A 585 38.41 43.06 29.99
N PRO A 586 38.78 44.26 29.53
CA PRO A 586 37.83 45.37 29.50
C PRO A 586 36.96 45.34 28.26
N MET A 587 35.93 46.19 28.29
CA MET A 587 34.90 46.22 27.26
C MET A 587 35.36 46.81 25.94
N ASP A 588 36.62 47.24 25.83
CA ASP A 588 37.18 47.66 24.55
C ASP A 588 38.09 46.60 23.95
N SER A 589 38.21 45.43 24.58
CA SER A 589 39.03 44.33 24.07
C SER A 589 38.21 43.07 23.82
N LEU A 590 36.90 43.20 23.63
CA LEU A 590 36.07 42.04 23.40
C LEU A 590 36.39 41.36 22.06
N ASP A 591 36.88 42.12 21.08
CA ASP A 591 37.27 41.52 19.82
C ASP A 591 38.45 40.56 19.98
N GLN A 592 39.18 40.65 21.09
CA GLN A 592 40.24 39.69 21.37
C GLN A 592 39.70 38.34 21.81
N LEU A 593 38.42 38.28 22.19
CA LEU A 593 37.83 37.07 22.72
C LEU A 593 37.15 36.25 21.62
N SER A 594 37.06 34.94 21.87
CA SER A 594 36.45 34.00 20.95
C SER A 594 36.17 32.74 21.75
N ARG A 595 34.92 32.31 21.77
CA ARG A 595 34.54 31.17 22.60
C ARG A 595 35.16 29.92 22.00
N TYR A 596 35.72 29.07 22.87
CA TYR A 596 36.53 27.96 22.38
C TYR A 596 35.67 26.88 21.73
N VAL A 597 35.96 26.57 20.47
CA VAL A 597 35.40 25.40 19.79
C VAL A 597 36.57 24.61 19.21
N GLY A 598 36.62 23.32 19.50
CA GLY A 598 37.70 22.50 18.99
C GLY A 598 37.77 21.14 19.64
N GLY A 599 38.86 20.88 20.37
CA GLY A 599 39.07 19.60 21.02
C GLY A 599 37.96 19.24 21.97
N GLU A 600 37.25 18.16 21.66
CA GLU A 600 36.17 17.70 22.53
C GLU A 600 36.70 17.37 23.92
N ALA A 601 37.83 16.70 24.00
CA ALA A 601 38.55 16.61 25.26
C ALA A 601 38.96 18.00 25.69
N PRO A 602 38.64 18.42 26.92
CA PRO A 602 38.89 19.82 27.31
C PRO A 602 40.38 20.15 27.27
N SER A 603 40.70 21.27 26.64
CA SER A 603 42.08 21.71 26.62
C SER A 603 42.49 22.21 28.00
N LEU A 604 43.72 22.68 28.09
CA LEU A 604 44.34 23.02 29.36
C LEU A 604 44.71 24.50 29.35
N SER A 605 44.22 25.22 30.35
CA SER A 605 44.39 26.66 30.39
C SER A 605 45.86 27.04 30.31
N ARG A 606 46.16 28.08 29.54
CA ARG A 606 47.51 28.61 29.44
C ARG A 606 47.79 29.49 30.66
N LEU A 607 48.87 30.26 30.60
CA LEU A 607 49.25 31.14 31.70
C LEU A 607 49.96 32.35 31.13
N GLY A 608 50.61 33.12 32.00
CA GLY A 608 51.26 34.36 31.59
C GLY A 608 52.60 34.17 30.90
N GLY A 609 52.95 32.94 30.56
CA GLY A 609 54.16 32.65 29.84
C GLY A 609 54.05 32.91 28.35
N SER A 610 55.17 32.80 27.66
CA SER A 610 55.24 32.97 26.21
C SER A 610 55.01 31.67 25.45
N ASP A 611 54.57 30.61 26.14
CA ASP A 611 54.31 29.35 25.45
C ASP A 611 53.08 29.44 24.56
N TRP A 612 52.09 30.25 24.93
CA TRP A 612 50.91 30.42 24.09
C TRP A 612 51.26 31.08 22.77
N ALA A 613 52.20 32.04 22.80
CA ALA A 613 52.64 32.66 21.55
C ALA A 613 53.32 31.65 20.64
N ASN A 614 54.01 30.67 21.21
CA ASN A 614 54.62 29.62 20.39
C ASN A 614 53.55 28.72 19.78
N THR A 615 52.49 28.44 20.53
CA THR A 615 51.39 27.66 19.98
C THR A 615 50.72 28.38 18.82
N LYS A 616 50.67 29.71 18.86
CA LYS A 616 50.12 30.47 17.74
C LYS A 616 51.02 30.39 16.52
N THR A 617 52.32 30.61 16.71
CA THR A 617 53.24 30.69 15.58
C THR A 617 53.26 29.41 14.77
N LYS A 618 53.48 28.26 15.43
CA LYS A 618 53.51 26.99 14.71
C LYS A 618 52.15 26.65 14.12
N ALA A 619 51.06 27.14 14.72
CA ALA A 619 49.76 26.97 14.10
C ALA A 619 49.60 27.83 12.86
N ARG A 620 50.27 28.98 12.81
CA ARG A 620 50.17 29.87 11.65
C ARG A 620 51.08 29.45 10.51
N ARG A 621 52.08 28.61 10.77
CA ARG A 621 52.89 28.10 9.67
C ARG A 621 52.20 26.95 8.97
N ALA A 622 51.34 26.21 9.68
CA ALA A 622 50.55 25.15 9.05
C ALA A 622 49.34 25.69 8.31
N VAL A 623 48.95 26.95 8.57
CA VAL A 623 47.76 27.50 7.94
C VAL A 623 48.07 28.15 6.59
N ARG A 624 49.29 28.66 6.40
CA ARG A 624 49.65 29.27 5.12
C ARG A 624 49.62 28.24 4.00
N GLU A 625 49.87 26.98 4.32
CA GLU A 625 49.86 25.93 3.30
C GLU A 625 48.47 25.73 2.71
N ILE A 626 47.44 25.76 3.55
CA ILE A 626 46.07 25.53 3.07
C ILE A 626 45.50 26.76 2.36
N ALA A 627 46.05 27.94 2.59
CA ALA A 627 45.62 29.11 1.83
C ALA A 627 46.27 29.17 0.46
N SER A 628 47.54 28.73 0.37
CA SER A 628 48.23 28.71 -0.92
C SER A 628 47.49 27.84 -1.92
N GLU A 629 47.18 26.60 -1.54
CA GLU A 629 46.43 25.70 -2.41
C GLU A 629 45.00 26.17 -2.64
N LEU A 630 44.51 27.16 -1.87
CA LEU A 630 43.17 27.69 -2.07
C LEU A 630 43.13 28.76 -3.16
N VAL A 631 44.13 29.63 -3.21
CA VAL A 631 44.19 30.64 -4.27
C VAL A 631 45.00 30.18 -5.47
N ALA A 632 45.82 29.13 -5.32
CA ALA A 632 46.48 28.56 -6.48
C ALA A 632 45.48 27.95 -7.44
N LEU A 633 44.37 27.41 -6.92
CA LEU A 633 43.28 26.99 -7.79
C LEU A 633 42.61 28.19 -8.44
N TYR A 634 42.52 29.32 -7.72
CA TYR A 634 42.10 30.56 -8.34
C TYR A 634 43.13 31.03 -9.36
N ALA A 635 44.41 30.80 -9.08
CA ALA A 635 45.44 31.09 -10.07
C ALA A 635 45.34 30.17 -11.28
N LYS A 636 44.89 28.93 -11.07
CA LYS A 636 44.58 28.05 -12.19
C LYS A 636 43.27 28.46 -12.85
N ARG A 637 42.29 28.87 -12.05
CA ARG A 637 41.06 29.47 -12.55
C ARG A 637 41.26 30.92 -12.98
N GLN A 638 42.51 31.39 -13.02
CA GLN A 638 42.83 32.74 -13.47
C GLN A 638 43.01 32.79 -14.99
N SER A 639 43.98 32.04 -15.50
CA SER A 639 44.30 32.01 -16.93
C SER A 639 43.69 30.81 -17.63
N ALA A 640 42.70 30.16 -17.02
CA ALA A 640 42.08 29.01 -17.65
C ALA A 640 41.31 29.45 -18.89
N PRO A 641 41.46 28.77 -20.02
CA PRO A 641 40.73 29.18 -21.23
C PRO A 641 39.31 28.64 -21.29
N GLY A 642 38.64 28.57 -20.13
CA GLY A 642 37.29 28.06 -20.06
C GLY A 642 36.31 28.84 -20.91
N HIS A 643 35.68 28.18 -21.88
CA HIS A 643 34.76 28.85 -22.77
C HIS A 643 33.51 29.31 -22.02
N ALA A 644 33.22 30.60 -22.12
CA ALA A 644 32.03 31.15 -21.49
C ALA A 644 30.77 30.71 -22.24
N PHE A 645 29.64 30.79 -21.55
CA PHE A 645 28.37 30.37 -22.10
C PHE A 645 27.61 31.56 -22.67
N GLY A 646 26.74 31.28 -23.64
CA GLY A 646 25.92 32.31 -24.25
C GLY A 646 24.75 32.69 -23.38
N PRO A 647 24.03 33.74 -23.79
CA PRO A 647 22.88 34.19 -23.01
C PRO A 647 21.69 33.24 -23.12
N ASP A 648 20.60 33.58 -22.43
CA ASP A 648 19.45 32.68 -22.37
C ASP A 648 18.73 32.62 -23.71
N THR A 649 18.22 31.43 -24.03
CA THR A 649 17.38 31.18 -25.18
C THR A 649 15.92 31.08 -24.75
N PRO A 650 14.97 31.27 -25.68
CA PRO A 650 13.56 31.31 -25.26
C PRO A 650 13.09 30.06 -24.54
N TRP A 651 13.73 28.91 -24.74
CA TRP A 651 13.37 27.71 -23.98
C TRP A 651 13.70 27.88 -22.51
N GLN A 652 14.80 28.57 -22.19
CA GLN A 652 15.11 28.86 -20.80
C GLN A 652 14.00 29.67 -20.13
N ALA A 653 13.40 30.60 -20.86
CA ALA A 653 12.28 31.35 -20.31
C ALA A 653 11.07 30.45 -20.10
N GLU A 654 10.78 29.56 -21.06
CA GLU A 654 9.61 28.70 -20.93
C GLU A 654 9.76 27.72 -19.77
N MET A 655 10.98 27.23 -19.55
CA MET A 655 11.20 26.23 -18.52
C MET A 655 11.08 26.82 -17.12
N GLU A 656 11.66 28.00 -16.90
CA GLU A 656 11.69 28.59 -15.57
C GLU A 656 10.31 28.96 -15.05
N ASP A 657 9.31 29.06 -15.91
CA ASP A 657 7.96 29.38 -15.46
C ASP A 657 7.09 28.15 -15.27
N ALA A 658 7.57 26.96 -15.68
CA ALA A 658 6.95 25.72 -15.25
C ALA A 658 7.23 25.39 -13.79
N PHE A 659 8.00 26.25 -13.11
CA PHE A 659 8.26 26.09 -11.68
C PHE A 659 6.97 26.30 -10.90
N GLY A 660 6.55 25.27 -10.16
CA GLY A 660 5.26 25.29 -9.51
C GLY A 660 5.16 26.10 -8.24
N PHE A 661 6.21 26.87 -7.93
CA PHE A 661 6.22 27.72 -6.75
C PHE A 661 6.90 29.03 -7.10
N THR A 662 6.70 30.04 -6.25
CA THR A 662 7.23 31.36 -6.49
C THR A 662 8.64 31.45 -5.92
N GLU A 663 9.59 31.89 -6.77
CA GLU A 663 10.99 31.93 -6.38
C GLU A 663 11.25 33.01 -5.35
N THR A 664 12.05 32.68 -4.34
CA THR A 664 12.39 33.63 -3.29
C THR A 664 13.42 34.62 -3.79
N ILE A 665 13.56 35.72 -3.04
CA ILE A 665 14.43 36.81 -3.49
C ILE A 665 15.89 36.38 -3.50
N ASP A 666 16.34 35.63 -2.48
CA ASP A 666 17.72 35.18 -2.51
C ASP A 666 17.92 34.08 -3.56
N GLN A 667 16.87 33.34 -3.86
CA GLN A 667 16.98 32.31 -4.90
C GLN A 667 17.27 32.95 -6.25
N LEU A 668 16.51 33.99 -6.62
CA LEU A 668 16.71 34.61 -7.92
C LEU A 668 18.02 35.40 -7.98
N THR A 669 18.44 36.00 -6.87
CA THR A 669 19.75 36.64 -6.86
C THR A 669 20.85 35.61 -7.08
N ALA A 670 20.73 34.44 -6.45
CA ALA A 670 21.68 33.37 -6.68
C ALA A 670 21.61 32.88 -8.12
N ILE A 671 20.40 32.78 -8.67
CA ILE A 671 20.26 32.45 -10.09
C ILE A 671 20.94 33.51 -10.95
N GLN A 672 20.80 34.78 -10.57
CA GLN A 672 21.43 35.85 -11.34
C GLN A 672 22.94 35.79 -11.26
N GLU A 673 23.49 35.29 -10.16
CA GLU A 673 24.95 35.14 -10.06
C GLU A 673 25.43 33.88 -10.76
N VAL A 674 24.69 32.78 -10.60
CA VAL A 674 25.09 31.53 -11.23
C VAL A 674 25.12 31.68 -12.75
N LYS A 675 24.08 32.29 -13.30
CA LYS A 675 24.08 32.58 -14.73
C LYS A 675 25.20 33.55 -15.09
N SER A 676 25.42 34.57 -14.25
CA SER A 676 26.45 35.56 -14.52
C SER A 676 27.83 34.91 -14.61
N ASP A 677 28.17 34.04 -13.65
CA ASP A 677 29.46 33.38 -13.67
C ASP A 677 29.64 32.51 -14.91
N MET A 678 28.53 32.04 -15.49
CA MET A 678 28.61 31.25 -16.71
C MET A 678 28.84 32.13 -17.94
N GLU A 679 28.33 33.37 -17.92
CA GLU A 679 28.54 34.27 -19.06
C GLU A 679 29.97 34.78 -19.11
N LYS A 680 30.65 34.85 -17.98
CA LYS A 680 32.00 35.41 -17.90
C LYS A 680 33.05 34.34 -18.24
N PRO A 681 34.10 34.73 -18.97
CA PRO A 681 35.07 33.73 -19.45
C PRO A 681 35.80 33.00 -18.33
N VAL A 682 35.96 33.62 -17.18
CA VAL A 682 36.60 32.92 -16.05
C VAL A 682 35.70 31.75 -15.63
N PRO A 683 36.23 30.53 -15.57
CA PRO A 683 35.39 29.38 -15.18
C PRO A 683 34.82 29.56 -13.79
N MET A 684 33.68 28.91 -13.56
CA MET A 684 32.88 29.14 -12.36
C MET A 684 33.25 28.16 -11.25
N ASP A 685 33.28 28.66 -10.02
CA ASP A 685 33.34 27.81 -8.82
C ASP A 685 32.52 28.50 -7.75
N ARG A 686 31.29 28.02 -7.53
CA ARG A 686 30.38 28.68 -6.63
C ARG A 686 29.68 27.66 -5.73
N VAL A 687 29.71 27.94 -4.44
CA VAL A 687 28.87 27.26 -3.47
C VAL A 687 27.60 28.09 -3.28
N ILE A 688 26.49 27.39 -3.06
CA ILE A 688 25.25 28.04 -2.66
C ILE A 688 24.74 27.35 -1.41
N CYS A 689 24.63 28.11 -0.32
CA CYS A 689 24.29 27.59 0.99
C CYS A 689 22.85 27.96 1.36
N GLY A 690 22.24 27.13 2.18
CA GLY A 690 20.88 27.32 2.62
C GLY A 690 20.29 26.02 3.11
N ASP A 691 19.26 26.15 3.94
CA ASP A 691 18.65 24.97 4.54
C ASP A 691 17.96 24.12 3.47
N VAL A 692 17.61 22.90 3.85
CA VAL A 692 16.95 22.00 2.92
C VAL A 692 15.58 22.57 2.55
N GLY A 693 15.19 22.36 1.30
CA GLY A 693 13.91 22.88 0.84
C GLY A 693 13.89 24.36 0.55
N TYR A 694 15.04 25.04 0.53
CA TYR A 694 15.09 26.47 0.26
C TYR A 694 15.26 26.79 -1.22
N GLY A 695 15.44 25.79 -2.07
CA GLY A 695 15.51 25.98 -3.50
C GLY A 695 16.85 25.78 -4.16
N LYS A 696 17.81 25.17 -3.48
CA LYS A 696 19.15 25.02 -4.07
C LYS A 696 19.11 24.16 -5.32
N THR A 697 18.41 23.03 -5.28
CA THR A 697 18.34 22.14 -6.44
C THR A 697 17.67 22.83 -7.62
N GLU A 698 16.66 23.67 -7.37
CA GLU A 698 16.01 24.40 -8.46
C GLU A 698 17.02 25.27 -9.21
N ILE A 699 17.91 25.94 -8.49
CA ILE A 699 18.96 26.71 -9.14
C ILE A 699 19.85 25.81 -9.98
N ALA A 700 20.05 24.57 -9.53
CA ALA A 700 20.91 23.65 -10.27
C ALA A 700 20.25 23.16 -11.55
N VAL A 701 18.92 22.99 -11.55
CA VAL A 701 18.27 22.52 -12.77
C VAL A 701 18.23 23.63 -13.82
N ARG A 702 18.21 24.88 -13.39
CA ARG A 702 18.27 25.98 -14.35
C ARG A 702 19.67 26.16 -14.90
N ALA A 703 20.69 26.08 -14.03
CA ALA A 703 22.07 26.15 -14.51
C ALA A 703 22.41 24.99 -15.43
N ALA A 704 21.95 23.79 -15.10
CA ALA A 704 22.23 22.62 -15.93
C ALA A 704 21.50 22.72 -17.26
N PHE A 705 20.25 23.18 -17.24
CA PHE A 705 19.49 23.34 -18.48
C PHE A 705 20.12 24.40 -19.38
N LYS A 706 20.70 25.45 -18.78
CA LYS A 706 21.31 26.51 -19.57
C LYS A 706 22.50 25.99 -20.36
N ALA A 707 23.35 25.17 -19.74
CA ALA A 707 24.51 24.63 -20.45
C ALA A 707 24.11 23.62 -21.52
N VAL A 708 22.88 23.11 -21.48
CA VAL A 708 22.42 22.23 -22.54
C VAL A 708 22.14 23.03 -23.81
N GLN A 709 21.58 24.24 -23.66
CA GLN A 709 21.28 25.07 -24.80
C GLN A 709 22.52 25.60 -25.52
N ASP A 710 23.69 25.46 -24.93
CA ASP A 710 24.95 25.80 -25.59
C ASP A 710 25.67 24.57 -26.13
N GLY A 711 24.96 23.46 -26.28
CA GLY A 711 25.55 22.26 -26.86
C GLY A 711 26.48 21.50 -25.95
N LYS A 712 26.44 21.75 -24.64
CA LYS A 712 27.28 21.07 -23.68
C LYS A 712 26.44 20.20 -22.75
N GLN A 713 27.05 19.15 -22.23
CA GLN A 713 26.42 18.24 -21.28
C GLN A 713 26.96 18.49 -19.89
N VAL A 714 26.13 18.23 -18.88
CA VAL A 714 26.51 18.52 -17.49
C VAL A 714 26.42 17.25 -16.65
N ALA A 715 27.24 17.20 -15.59
CA ALA A 715 27.35 16.05 -14.72
C ALA A 715 27.05 16.46 -13.29
N VAL A 716 26.18 15.69 -12.63
CA VAL A 716 25.73 15.98 -11.28
C VAL A 716 26.22 14.87 -10.36
N LEU A 717 27.06 15.23 -9.40
CA LEU A 717 27.69 14.26 -8.50
C LEU A 717 27.01 14.28 -7.14
N VAL A 718 26.62 13.10 -6.67
CA VAL A 718 25.94 12.94 -5.38
C VAL A 718 26.69 11.85 -4.60
N PRO A 719 26.76 11.94 -3.27
CA PRO A 719 27.48 10.92 -2.51
C PRO A 719 26.72 9.62 -2.34
N THR A 720 25.38 9.62 -2.41
CA THR A 720 24.58 8.43 -2.17
C THR A 720 23.60 8.22 -3.30
N THR A 721 23.29 6.95 -3.58
CA THR A 721 22.39 6.62 -4.68
C THR A 721 20.96 7.08 -4.43
N LEU A 722 20.58 7.34 -3.17
CA LEU A 722 19.26 7.90 -2.90
C LEU A 722 19.15 9.33 -3.42
N LEU A 723 20.18 10.15 -3.18
CA LEU A 723 20.20 11.48 -3.77
C LEU A 723 20.29 11.39 -5.29
N ALA A 724 20.92 10.33 -5.81
CA ALA A 724 20.94 10.14 -7.25
C ALA A 724 19.53 9.96 -7.80
N ASP A 725 18.72 9.12 -7.14
CA ASP A 725 17.37 8.88 -7.60
C ASP A 725 16.47 10.08 -7.34
N GLN A 726 16.66 10.74 -6.19
CA GLN A 726 15.84 11.91 -5.86
C GLN A 726 16.08 13.02 -6.87
N HIS A 727 17.35 13.38 -7.10
CA HIS A 727 17.65 14.40 -8.09
C HIS A 727 17.30 13.94 -9.50
N LEU A 728 17.36 12.64 -9.77
CA LEU A 728 16.96 12.14 -11.08
C LEU A 728 15.53 12.51 -11.40
N GLN A 729 14.59 12.15 -10.52
CA GLN A 729 13.18 12.46 -10.78
C GLN A 729 12.94 13.96 -10.85
N THR A 730 13.67 14.76 -10.06
CA THR A 730 13.49 16.20 -10.10
C THR A 730 13.91 16.77 -11.44
N PHE A 731 14.95 16.20 -12.05
CA PHE A 731 15.44 16.74 -13.32
C PHE A 731 14.55 16.32 -14.49
N THR A 732 14.12 15.05 -14.55
CA THR A 732 13.23 14.65 -15.63
C THR A 732 11.93 15.43 -15.59
N ASN A 733 11.38 15.65 -14.40
CA ASN A 733 10.08 16.31 -14.29
C ASN A 733 10.14 17.75 -14.80
N ARG A 734 11.09 18.53 -14.27
CA ARG A 734 11.13 19.95 -14.62
C ARG A 734 11.68 20.19 -16.01
N MET A 735 12.48 19.26 -16.54
CA MET A 735 12.97 19.34 -17.91
C MET A 735 12.19 18.42 -18.85
N ALA A 736 10.94 18.12 -18.52
CA ALA A 736 10.10 17.30 -19.37
C ALA A 736 9.40 18.17 -20.41
N GLY A 737 9.07 17.55 -21.54
CA GLY A 737 8.47 18.24 -22.67
C GLY A 737 9.46 18.84 -23.64
N PHE A 738 10.71 19.05 -23.20
CA PHE A 738 11.80 19.58 -24.00
C PHE A 738 12.76 18.45 -24.38
N PRO A 739 13.36 18.50 -25.56
CA PRO A 739 14.28 17.43 -25.97
C PRO A 739 15.56 17.41 -25.15
N VAL A 740 15.47 16.98 -23.90
CA VAL A 740 16.65 16.75 -23.06
C VAL A 740 16.58 15.31 -22.57
N THR A 741 17.64 14.54 -22.85
CA THR A 741 17.72 13.15 -22.45
C THR A 741 18.53 13.08 -21.16
N VAL A 742 17.87 12.75 -20.06
CA VAL A 742 18.53 12.62 -18.77
C VAL A 742 18.91 11.16 -18.56
N LYS A 743 19.76 10.92 -17.56
CA LYS A 743 20.22 9.56 -17.29
C LYS A 743 20.77 9.51 -15.88
N GLY A 744 20.78 8.33 -15.32
CA GLY A 744 21.29 8.12 -13.97
C GLY A 744 22.25 6.97 -13.92
N LEU A 745 23.27 7.10 -13.07
CA LEU A 745 24.26 6.05 -12.84
C LEU A 745 24.42 5.90 -11.32
N SER A 746 23.59 5.05 -10.73
CA SER A 746 23.67 4.74 -9.31
C SER A 746 24.23 3.33 -9.13
N ARG A 747 24.06 2.78 -7.93
CA ARG A 747 24.57 1.44 -7.66
C ARG A 747 23.70 0.35 -8.29
N PHE A 748 22.38 0.56 -8.37
CA PHE A 748 21.46 -0.48 -8.80
C PHE A 748 20.95 -0.27 -10.23
N THR A 749 21.63 0.54 -11.03
CA THR A 749 21.33 0.62 -12.45
C THR A 749 21.94 -0.58 -13.16
N ASP A 750 21.11 -1.32 -13.89
CA ASP A 750 21.53 -2.58 -14.48
C ASP A 750 22.69 -2.37 -15.45
N PRO A 751 23.59 -3.35 -15.56
CA PRO A 751 24.68 -3.23 -16.55
C PRO A 751 24.19 -3.14 -17.98
N ALA A 752 22.95 -3.54 -18.24
CA ALA A 752 22.40 -3.43 -19.60
C ALA A 752 22.21 -1.97 -20.00
N GLU A 753 22.05 -1.08 -19.02
CA GLU A 753 21.98 0.35 -19.27
C GLU A 753 23.16 1.12 -18.71
N SER A 754 23.76 0.62 -17.63
CA SER A 754 24.92 1.25 -17.00
C SER A 754 26.04 1.49 -18.02
N ARG A 755 26.72 0.42 -18.43
CA ARG A 755 27.79 0.57 -19.40
C ARG A 755 27.26 1.09 -20.73
N ALA A 756 26.06 0.66 -21.12
CA ALA A 756 25.53 0.98 -22.44
C ALA A 756 25.15 2.45 -22.56
N VAL A 757 24.02 2.84 -21.96
CA VAL A 757 23.48 4.17 -22.19
C VAL A 757 24.22 5.22 -21.37
N ILE A 758 24.40 4.96 -20.08
CA ILE A 758 24.98 5.94 -19.17
C ILE A 758 26.41 6.25 -19.60
N GLU A 759 27.31 5.27 -19.46
CA GLU A 759 28.71 5.50 -19.80
C GLU A 759 28.92 5.82 -21.28
N GLY A 760 27.89 5.70 -22.10
CA GLY A 760 27.95 6.19 -23.46
C GLY A 760 27.80 7.70 -23.50
N LEU A 761 28.58 8.39 -22.67
CA LEU A 761 28.56 9.85 -22.64
C LEU A 761 29.41 10.46 -23.73
N LYS A 762 30.39 9.72 -24.25
CA LYS A 762 31.12 10.17 -25.42
C LYS A 762 30.21 10.31 -26.64
N ASP A 763 29.08 9.59 -26.65
CA ASP A 763 28.10 9.75 -27.71
C ASP A 763 27.60 11.18 -27.80
N GLY A 764 27.44 11.84 -26.66
CA GLY A 764 26.87 13.17 -26.62
C GLY A 764 25.36 13.23 -26.63
N SER A 765 24.70 12.08 -26.75
CA SER A 765 23.23 12.05 -26.69
C SER A 765 22.71 12.22 -25.27
N VAL A 766 23.57 12.12 -24.26
CA VAL A 766 23.18 12.34 -22.88
C VAL A 766 23.39 13.82 -22.55
N ASP A 767 22.32 14.48 -22.10
CA ASP A 767 22.44 15.90 -21.81
C ASP A 767 22.85 16.18 -20.37
N VAL A 768 22.28 15.47 -19.40
CA VAL A 768 22.71 15.56 -18.01
C VAL A 768 22.61 14.18 -17.38
N VAL A 769 23.69 13.75 -16.73
CA VAL A 769 23.74 12.51 -15.98
C VAL A 769 23.82 12.83 -14.49
N ILE A 770 22.99 12.18 -13.68
CA ILE A 770 23.05 12.29 -12.23
C ILE A 770 23.52 10.94 -11.71
N GLY A 771 24.69 10.93 -11.10
CA GLY A 771 25.22 9.67 -10.61
C GLY A 771 26.05 9.88 -9.37
N THR A 772 26.44 8.75 -8.76
CA THR A 772 27.30 8.78 -7.60
C THR A 772 28.74 8.59 -8.06
N HIS A 773 29.61 8.04 -7.21
CA HIS A 773 31.04 8.00 -7.54
C HIS A 773 31.36 7.12 -8.74
N ARG A 774 30.38 6.43 -9.33
CA ARG A 774 30.65 5.66 -10.54
C ARG A 774 31.06 6.57 -11.69
N LEU A 775 30.47 7.76 -11.77
CA LEU A 775 30.87 8.73 -12.79
C LEU A 775 32.30 9.23 -12.59
N LEU A 776 32.87 9.02 -11.42
CA LEU A 776 34.23 9.45 -11.12
C LEU A 776 35.29 8.43 -11.52
N GLN A 777 34.90 7.20 -11.85
CA GLN A 777 35.87 6.18 -12.19
C GLN A 777 36.51 6.48 -13.55
N THR A 778 37.71 5.91 -13.74
CA THR A 778 38.54 6.29 -14.88
C THR A 778 37.87 5.98 -16.21
N GLY A 779 37.08 4.91 -16.28
CA GLY A 779 36.41 4.55 -17.52
C GLY A 779 35.49 5.62 -18.08
N VAL A 780 35.17 6.65 -17.30
CA VAL A 780 34.26 7.69 -17.75
C VAL A 780 34.95 8.57 -18.78
N THR A 781 34.14 9.20 -19.64
CA THR A 781 34.65 10.11 -20.66
C THR A 781 33.49 10.96 -21.16
N TRP A 782 33.65 12.28 -21.06
CA TRP A 782 32.64 13.23 -21.52
C TRP A 782 33.11 13.91 -22.80
N LYS A 783 32.23 13.95 -23.80
CA LYS A 783 32.48 14.74 -25.00
C LYS A 783 31.88 16.12 -24.76
N ASP A 784 32.74 17.10 -24.49
CA ASP A 784 32.33 18.48 -24.19
C ASP A 784 31.49 18.52 -22.91
N LEU A 785 32.17 18.36 -21.79
CA LEU A 785 31.56 18.54 -20.48
C LEU A 785 31.52 20.02 -20.15
N GLY A 786 30.32 20.56 -19.93
CA GLY A 786 30.15 21.99 -19.78
C GLY A 786 30.01 22.48 -18.36
N LEU A 787 29.39 21.68 -17.49
CA LEU A 787 29.12 22.12 -16.13
C LEU A 787 29.07 20.90 -15.21
N ILE A 788 29.55 21.10 -13.98
CA ILE A 788 29.52 20.07 -12.95
C ILE A 788 28.73 20.61 -11.77
N ILE A 789 27.80 19.80 -11.25
CA ILE A 789 27.03 20.14 -10.06
C ILE A 789 27.32 19.08 -9.01
N VAL A 790 27.74 19.53 -7.82
CA VAL A 790 28.11 18.64 -6.72
C VAL A 790 27.21 18.94 -5.54
N ASP A 791 26.54 17.91 -5.02
CA ASP A 791 25.71 18.04 -3.84
C ASP A 791 26.39 17.33 -2.68
N GLU A 792 26.57 18.05 -1.57
CA GLU A 792 27.16 17.49 -0.34
C GLU A 792 28.53 16.87 -0.62
N GLU A 793 29.48 17.76 -0.92
CA GLU A 793 30.84 17.32 -1.22
C GLU A 793 31.54 16.76 0.01
N GLN A 794 31.10 17.12 1.21
CA GLN A 794 31.75 16.61 2.43
C GLN A 794 31.57 15.12 2.59
N ARG A 795 30.48 14.56 2.06
CA ARG A 795 30.20 13.13 2.20
C ARG A 795 30.94 12.28 1.19
N PHE A 796 31.60 12.88 0.20
CA PHE A 796 32.36 12.11 -0.77
C PHE A 796 33.60 11.50 -0.14
N GLY A 797 34.15 10.48 -0.79
CA GLY A 797 35.42 9.93 -0.37
C GLY A 797 36.55 10.91 -0.61
N VAL A 798 37.60 10.78 0.21
CA VAL A 798 38.74 11.69 0.12
C VAL A 798 39.44 11.54 -1.23
N GLU A 799 39.60 10.29 -1.69
CA GLU A 799 40.15 10.08 -3.02
C GLU A 799 39.18 10.57 -4.10
N HIS A 800 37.88 10.43 -3.87
CA HIS A 800 36.91 10.98 -4.80
C HIS A 800 36.98 12.50 -4.83
N LYS A 801 36.98 13.13 -3.65
CA LYS A 801 37.03 14.59 -3.59
C LYS A 801 38.25 15.16 -4.29
N GLU A 802 39.38 14.44 -4.24
CA GLU A 802 40.55 14.87 -4.99
C GLU A 802 40.29 14.79 -6.49
N HIS A 803 39.62 13.73 -6.94
CA HIS A 803 39.24 13.62 -8.34
C HIS A 803 38.33 14.78 -8.75
N ILE A 804 37.40 15.16 -7.88
CA ILE A 804 36.49 16.25 -8.20
C ILE A 804 37.27 17.57 -8.29
N LYS A 805 38.24 17.77 -7.40
CA LYS A 805 39.01 19.01 -7.41
C LYS A 805 39.79 19.17 -8.71
N SER A 806 40.25 18.07 -9.29
CA SER A 806 40.89 18.13 -10.61
C SER A 806 39.96 18.81 -11.62
N MET A 807 38.70 18.35 -11.68
CA MET A 807 37.75 18.88 -12.65
C MET A 807 37.41 20.35 -12.43
N ARG A 808 37.67 20.88 -11.23
CA ARG A 808 37.30 22.26 -10.93
C ARG A 808 38.06 23.26 -11.82
N THR A 809 39.29 22.93 -12.19
CA THR A 809 40.10 23.86 -12.98
C THR A 809 39.58 23.97 -14.40
N HIS A 810 39.19 22.84 -15.01
CA HIS A 810 38.76 22.86 -16.40
C HIS A 810 37.43 23.58 -16.59
N VAL A 811 36.36 23.01 -16.05
CA VAL A 811 35.00 23.43 -16.40
C VAL A 811 34.36 24.14 -15.21
N ASP A 812 33.20 24.75 -15.47
CA ASP A 812 32.42 25.39 -14.42
C ASP A 812 31.91 24.32 -13.45
N VAL A 813 31.97 24.62 -12.16
CA VAL A 813 31.43 23.74 -11.13
C VAL A 813 30.45 24.53 -10.27
N LEU A 814 29.50 23.81 -9.68
CA LEU A 814 28.48 24.42 -8.84
C LEU A 814 28.13 23.43 -7.74
N THR A 815 28.40 23.80 -6.49
CA THR A 815 28.20 22.89 -5.38
C THR A 815 27.15 23.45 -4.42
N MET A 816 26.30 22.56 -3.92
CA MET A 816 25.24 22.90 -2.98
C MET A 816 25.59 22.34 -1.60
N SER A 817 25.29 23.13 -0.57
CA SER A 817 25.59 22.73 0.81
C SER A 817 24.47 23.21 1.72
N ALA A 818 24.01 22.31 2.59
CA ALA A 818 23.02 22.67 3.59
C ALA A 818 23.64 23.22 4.86
N THR A 819 24.88 22.87 5.15
CA THR A 819 25.51 23.39 6.37
C THR A 819 26.19 24.72 6.07
N PRO A 820 25.98 25.73 6.90
CA PRO A 820 26.56 27.06 6.61
C PRO A 820 28.01 27.13 7.05
N ILE A 821 28.68 28.18 6.59
CA ILE A 821 30.04 28.47 7.04
C ILE A 821 30.02 29.85 7.68
N PRO A 822 30.85 30.10 8.69
CA PRO A 822 30.77 31.38 9.40
C PRO A 822 31.05 32.55 8.48
N ARG A 823 30.32 33.65 8.70
CA ARG A 823 30.45 34.84 7.85
C ARG A 823 31.87 35.38 7.85
N THR A 824 32.70 34.97 8.81
CA THR A 824 34.11 35.33 8.79
C THR A 824 34.80 34.73 7.58
N LEU A 825 34.80 33.40 7.48
CA LEU A 825 35.41 32.73 6.32
C LEU A 825 34.65 33.03 5.04
N GLU A 826 33.33 33.24 5.13
CA GLU A 826 32.54 33.60 3.96
C GLU A 826 33.08 34.86 3.29
N MET A 827 33.49 35.85 4.08
CA MET A 827 34.05 37.08 3.54
C MET A 827 35.57 37.06 3.45
N SER A 828 36.24 36.15 4.16
CA SER A 828 37.69 36.11 4.12
C SER A 828 38.21 35.32 2.93
N LEU A 829 37.51 34.26 2.51
CA LEU A 829 37.87 33.51 1.32
C LEU A 829 36.96 33.82 0.14
N ALA A 830 36.30 34.98 0.16
CA ALA A 830 35.50 35.40 -0.99
C ALA A 830 36.34 35.83 -2.18
N GLY A 831 37.67 35.72 -2.09
CA GLY A 831 38.56 36.04 -3.17
C GLY A 831 39.14 34.84 -3.89
N ILE A 832 38.70 33.63 -3.56
CA ILE A 832 39.16 32.42 -4.24
C ILE A 832 37.97 31.57 -4.63
N ARG A 833 36.78 31.98 -4.19
CA ARG A 833 35.57 31.18 -4.39
C ARG A 833 34.32 31.95 -4.01
N GLU A 834 33.42 32.17 -4.96
CA GLU A 834 32.18 32.88 -4.71
C GLU A 834 31.17 31.96 -4.05
N MET A 835 30.39 32.51 -3.12
CA MET A 835 29.46 31.71 -2.33
C MET A 835 28.19 32.52 -2.07
N SER A 836 27.04 31.96 -2.45
CA SER A 836 25.75 32.60 -2.30
C SER A 836 24.95 31.93 -1.17
N THR A 837 24.13 32.72 -0.49
CA THR A 837 23.35 32.23 0.64
C THR A 837 21.88 32.56 0.43
N ILE A 838 21.02 31.61 0.80
CA ILE A 838 19.57 31.75 0.66
C ILE A 838 18.99 31.66 2.06
N LEU A 839 18.58 32.81 2.61
CA LEU A 839 17.99 32.88 3.93
C LEU A 839 16.48 33.12 3.89
N THR A 840 15.89 33.28 2.72
CA THR A 840 14.45 33.40 2.59
C THR A 840 13.83 32.04 2.31
N PRO A 841 13.07 31.48 3.23
CA PRO A 841 12.36 30.23 2.96
C PRO A 841 11.12 30.49 2.12
N PRO A 842 10.80 29.59 1.18
CA PRO A 842 9.57 29.75 0.40
C PRO A 842 8.32 29.64 1.27
N GLU A 843 8.14 28.51 1.94
CA GLU A 843 7.06 28.32 2.90
C GLU A 843 7.58 28.57 4.30
N GLU A 844 6.65 28.78 5.23
CA GLU A 844 6.99 28.93 6.64
C GLU A 844 7.17 27.56 7.28
N ARG A 845 8.32 27.36 7.94
CA ARG A 845 8.62 26.10 8.60
C ARG A 845 8.16 26.16 10.04
N TYR A 846 7.35 25.17 10.44
CA TYR A 846 6.94 25.25 11.84
C TYR A 846 7.74 24.27 12.69
N PRO A 847 8.11 24.66 13.91
CA PRO A 847 8.99 23.81 14.71
C PRO A 847 8.30 22.50 15.07
N VAL A 848 9.06 21.42 15.01
CA VAL A 848 8.50 20.13 15.38
C VAL A 848 8.21 20.11 16.87
N LEU A 849 7.08 19.52 17.24
CA LEU A 849 6.70 19.43 18.64
C LEU A 849 7.49 18.29 19.29
N THR A 850 8.28 18.62 20.30
CA THR A 850 9.23 17.69 20.90
C THR A 850 8.80 17.36 22.32
N TYR A 851 8.79 16.07 22.64
CA TYR A 851 8.48 15.59 23.98
C TYR A 851 9.71 14.91 24.54
N VAL A 852 10.11 15.28 25.75
CA VAL A 852 11.15 14.59 26.51
C VAL A 852 10.49 13.95 27.72
N GLY A 853 10.97 12.78 28.09
CA GLY A 853 10.39 12.05 29.19
C GLY A 853 10.84 10.61 29.23
N PRO A 854 10.34 9.85 30.21
CA PRO A 854 10.72 8.45 30.30
C PRO A 854 10.17 7.64 29.13
N HIS A 855 10.87 6.55 28.83
CA HIS A 855 10.42 5.64 27.79
C HIS A 855 9.16 4.93 28.24
N ASP A 856 8.09 5.05 27.45
CA ASP A 856 6.83 4.38 27.73
C ASP A 856 6.33 3.73 26.45
N ASP A 857 6.18 2.41 26.48
CA ASP A 857 5.83 1.66 25.27
C ASP A 857 4.49 2.08 24.69
N LYS A 858 3.53 2.42 25.55
CA LYS A 858 2.23 2.87 25.05
C LYS A 858 2.32 4.22 24.36
N GLN A 859 3.15 5.12 24.90
CA GLN A 859 3.33 6.41 24.26
C GLN A 859 4.00 6.27 22.90
N VAL A 860 5.01 5.40 22.80
CA VAL A 860 5.67 5.16 21.53
C VAL A 860 4.68 4.56 20.53
N ALA A 861 3.90 3.58 20.97
CA ALA A 861 2.96 2.92 20.06
C ALA A 861 1.95 3.91 19.50
N ALA A 862 1.39 4.79 20.35
CA ALA A 862 0.39 5.74 19.89
C ALA A 862 1.00 6.77 18.93
N ALA A 863 2.24 7.19 19.19
CA ALA A 863 2.86 8.19 18.34
C ALA A 863 3.20 7.63 16.96
N LEU A 864 3.66 6.38 16.91
CA LEU A 864 3.95 5.76 15.61
C LEU A 864 2.67 5.48 14.84
N ARG A 865 1.61 5.07 15.54
CA ARG A 865 0.35 4.80 14.87
C ARG A 865 -0.27 6.08 14.33
N ARG A 866 -0.15 7.19 15.07
CA ARG A 866 -0.61 8.47 14.55
C ARG A 866 0.12 8.84 13.27
N GLU A 867 1.44 8.68 13.26
CA GLU A 867 2.20 8.94 12.04
C GLU A 867 1.78 8.00 10.92
N LEU A 868 1.48 6.74 11.27
CA LEU A 868 1.07 5.78 10.24
C LEU A 868 -0.34 6.05 9.74
N LEU A 869 -1.18 6.66 10.56
CA LEU A 869 -2.55 6.94 10.15
C LEU A 869 -2.57 7.89 8.97
N ARG A 870 -1.77 8.96 9.03
CA ARG A 870 -1.64 9.88 7.89
C ARG A 870 -0.71 9.33 6.81
N ASP A 871 -0.46 8.02 6.84
CA ASP A 871 0.38 7.35 5.86
C ASP A 871 1.77 7.99 5.78
N GLY A 872 2.31 8.32 6.95
CA GLY A 872 3.66 8.80 7.08
C GLY A 872 4.61 7.71 7.58
N GLN A 873 5.86 8.13 7.78
CA GLN A 873 6.92 7.23 8.20
C GLN A 873 7.64 7.82 9.39
N ALA A 874 8.42 6.99 10.08
CA ALA A 874 9.05 7.40 11.32
C ALA A 874 10.49 6.92 11.39
N PHE A 875 11.32 7.68 12.09
CA PHE A 875 12.70 7.31 12.39
C PHE A 875 12.74 6.78 13.82
N TYR A 876 13.23 5.57 13.99
CA TYR A 876 13.49 5.00 15.31
C TYR A 876 15.00 4.84 15.44
N ILE A 877 15.61 5.58 16.37
CA ILE A 877 17.07 5.65 16.45
C ILE A 877 17.58 4.75 17.56
N HIS A 878 18.55 3.90 17.20
CA HIS A 878 19.17 2.96 18.12
C HIS A 878 20.61 2.75 17.64
N ASN A 879 21.57 3.32 18.37
CA ASN A 879 22.96 3.33 17.89
C ASN A 879 23.69 2.02 18.18
N ARG A 880 23.30 1.29 19.22
CA ARG A 880 23.96 0.04 19.60
C ARG A 880 23.70 -1.00 18.50
N VAL A 881 24.67 -1.15 17.58
CA VAL A 881 24.44 -1.96 16.39
C VAL A 881 24.22 -3.42 16.75
N ARG A 882 24.90 -3.92 17.79
CA ARG A 882 24.74 -5.33 18.13
C ARG A 882 23.38 -5.65 18.73
N THR A 883 22.58 -4.64 19.07
CA THR A 883 21.23 -4.86 19.58
C THR A 883 20.18 -4.11 18.75
N ILE A 884 20.49 -3.80 17.49
CA ILE A 884 19.52 -3.06 16.67
C ILE A 884 18.49 -4.00 16.07
N ASP A 885 18.87 -5.24 15.74
CA ASP A 885 17.88 -6.21 15.30
C ASP A 885 16.88 -6.51 16.41
N GLU A 886 17.37 -6.60 17.65
CA GLU A 886 16.48 -6.84 18.78
C GLU A 886 15.58 -5.64 19.05
N ALA A 887 16.09 -4.43 18.83
CA ALA A 887 15.27 -3.23 19.03
C ALA A 887 14.16 -3.15 18.00
N ALA A 888 14.47 -3.43 16.73
CA ALA A 888 13.43 -3.48 15.71
C ALA A 888 12.36 -4.50 16.07
N ALA A 889 12.78 -5.67 16.56
CA ALA A 889 11.82 -6.68 16.99
C ALA A 889 10.90 -6.15 18.08
N ARG A 890 11.43 -5.33 19.00
CA ARG A 890 10.58 -4.73 20.02
C ARG A 890 9.59 -3.76 19.39
N VAL A 891 10.02 -2.99 18.39
CA VAL A 891 9.12 -2.05 17.73
C VAL A 891 7.98 -2.79 17.06
N ARG A 892 8.29 -3.93 16.42
CA ARG A 892 7.24 -4.73 15.81
C ARG A 892 6.22 -5.21 16.85
N GLN A 893 6.70 -5.61 18.03
CA GLN A 893 5.79 -6.02 19.08
C GLN A 893 4.87 -4.88 19.51
N LEU A 894 5.35 -3.64 19.44
CA LEU A 894 4.50 -2.49 19.77
C LEU A 894 3.50 -2.21 18.66
N VAL A 895 3.93 -2.31 17.40
CA VAL A 895 3.07 -2.03 16.27
C VAL A 895 3.17 -3.20 15.30
N PRO A 896 2.42 -4.28 15.53
CA PRO A 896 2.49 -5.44 14.62
C PRO A 896 2.14 -5.10 13.19
N GLU A 897 1.33 -4.06 12.97
CA GLU A 897 0.87 -3.72 11.64
C GLU A 897 1.85 -2.85 10.86
N ALA A 898 2.98 -2.48 11.46
CA ALA A 898 3.97 -1.67 10.78
C ALA A 898 5.05 -2.56 10.16
N ARG A 899 5.60 -2.09 9.05
CA ARG A 899 6.74 -2.72 8.42
C ARG A 899 8.00 -2.00 8.88
N VAL A 900 8.86 -2.72 9.60
CA VAL A 900 10.04 -2.15 10.23
C VAL A 900 11.29 -2.80 9.66
N VAL A 901 12.33 -2.00 9.43
CA VAL A 901 13.64 -2.50 9.01
C VAL A 901 14.74 -1.75 9.74
N VAL A 902 15.92 -2.36 9.77
CA VAL A 902 17.10 -1.76 10.35
C VAL A 902 17.99 -1.23 9.24
N ALA A 903 18.89 -0.32 9.62
CA ALA A 903 19.93 0.18 8.73
C ALA A 903 21.07 0.71 9.60
N HIS A 904 22.29 0.30 9.31
CA HIS A 904 23.44 0.76 10.09
C HIS A 904 24.67 0.78 9.20
N GLY A 905 25.72 1.46 9.71
CA GLY A 905 26.94 1.62 8.93
C GLY A 905 27.71 0.33 8.74
N GLN A 906 27.55 -0.63 9.65
CA GLN A 906 28.26 -1.90 9.54
C GLN A 906 27.69 -2.79 8.46
N MET A 907 26.52 -2.46 7.90
CA MET A 907 26.02 -3.16 6.73
C MET A 907 26.91 -2.87 5.53
N ASN A 908 26.87 -3.79 4.56
CA ASN A 908 27.48 -3.51 3.27
C ASN A 908 26.60 -2.55 2.49
N GLU A 909 27.24 -1.54 1.87
CA GLU A 909 26.51 -0.44 1.25
C GLU A 909 25.57 -0.88 0.13
N GLU A 910 25.64 -2.13 -0.31
CA GLU A 910 24.66 -2.62 -1.26
C GLU A 910 23.33 -2.92 -0.57
N THR A 911 23.38 -3.52 0.62
CA THR A 911 22.14 -3.78 1.35
C THR A 911 21.64 -2.54 2.08
N LEU A 912 22.55 -1.68 2.53
CA LEU A 912 22.15 -0.46 3.22
C LEU A 912 21.41 0.49 2.28
N GLU A 913 21.97 0.75 1.10
CA GLU A 913 21.32 1.68 0.19
C GLU A 913 20.05 1.07 -0.42
N LYS A 914 20.00 -0.25 -0.58
CA LYS A 914 18.75 -0.88 -0.97
C LYS A 914 17.69 -0.75 0.12
N THR A 915 18.10 -0.82 1.38
CA THR A 915 17.16 -0.58 2.47
C THR A 915 16.63 0.85 2.42
N VAL A 916 17.54 1.83 2.34
CA VAL A 916 17.15 3.23 2.27
C VAL A 916 16.26 3.48 1.06
N GLU A 917 16.55 2.81 -0.06
CA GLU A 917 15.73 2.99 -1.26
C GLU A 917 14.31 2.50 -1.04
N GLY A 918 14.17 1.35 -0.38
CA GLY A 918 12.84 0.86 -0.07
C GLY A 918 12.10 1.80 0.87
N PHE A 919 12.82 2.41 1.80
CA PHE A 919 12.18 3.32 2.75
C PHE A 919 11.67 4.56 2.05
N TRP A 920 12.45 5.10 1.09
CA TRP A 920 12.00 6.26 0.34
C TRP A 920 10.81 5.92 -0.54
N ASN A 921 10.82 4.74 -1.16
CA ASN A 921 9.68 4.28 -1.95
C ASN A 921 8.56 3.71 -1.10
N ARG A 922 8.60 3.94 0.22
CA ARG A 922 7.49 3.61 1.12
C ARG A 922 7.21 2.11 1.20
N GLU A 923 8.24 1.28 1.00
CA GLU A 923 8.08 -0.15 1.24
C GLU A 923 8.15 -0.48 2.73
N TYR A 924 8.73 0.39 3.54
CA TYR A 924 8.79 0.22 4.99
C TYR A 924 8.23 1.47 5.65
N ASP A 925 7.53 1.29 6.76
CA ASP A 925 6.97 2.43 7.48
C ASP A 925 7.93 3.01 8.51
N ILE A 926 8.63 2.16 9.26
CA ILE A 926 9.52 2.61 10.33
C ILE A 926 10.93 2.16 10.00
N LEU A 927 11.88 3.11 10.03
CA LEU A 927 13.29 2.82 9.80
C LEU A 927 14.00 2.89 11.14
N VAL A 928 14.47 1.74 11.61
CA VAL A 928 15.28 1.69 12.82
C VAL A 928 16.74 1.78 12.41
N CYS A 929 17.40 2.85 12.82
CA CYS A 929 18.70 3.19 12.24
C CYS A 929 19.56 3.90 13.28
N THR A 930 20.82 4.09 12.91
CA THR A 930 21.79 4.85 13.69
C THR A 930 21.72 6.33 13.31
N THR A 931 22.32 7.17 14.16
CA THR A 931 22.31 8.61 13.89
C THR A 931 23.04 8.94 12.59
N ILE A 932 24.09 8.18 12.26
CA ILE A 932 24.82 8.42 11.02
C ILE A 932 23.91 8.20 9.82
N VAL A 933 23.17 7.09 9.82
CA VAL A 933 22.27 6.80 8.72
C VAL A 933 21.15 7.83 8.64
N GLU A 934 20.55 8.16 9.80
CA GLU A 934 19.43 9.10 9.82
C GLU A 934 19.85 10.48 9.31
N THR A 935 20.80 11.11 9.99
CA THR A 935 21.33 12.39 9.54
C THR A 935 22.08 12.19 8.23
N GLY A 936 21.39 12.38 7.11
CA GLY A 936 21.95 12.07 5.82
C GLY A 936 20.89 11.59 4.84
N LEU A 937 19.68 11.40 5.33
CA LEU A 937 18.54 11.03 4.51
C LEU A 937 17.58 12.20 4.38
N ASP A 938 17.00 12.36 3.19
CA ASP A 938 15.93 13.33 2.96
C ASP A 938 14.66 12.53 2.67
N ILE A 939 13.83 12.35 3.68
CA ILE A 939 12.56 11.64 3.55
C ILE A 939 11.50 12.60 4.05
N SER A 940 10.86 13.33 3.14
CA SER A 940 9.86 14.31 3.55
C SER A 940 8.63 13.65 4.16
N ASN A 941 8.40 12.37 3.88
CA ASN A 941 7.29 11.67 4.52
C ASN A 941 7.63 11.16 5.92
N ALA A 942 8.87 11.27 6.35
CA ALA A 942 9.26 10.89 7.71
C ALA A 942 9.12 12.11 8.60
N ASN A 943 8.03 12.17 9.37
CA ASN A 943 7.76 13.32 10.23
C ASN A 943 7.58 12.92 11.70
N THR A 944 8.01 11.72 12.06
CA THR A 944 8.04 11.31 13.46
C THR A 944 9.42 10.77 13.77
N LEU A 945 9.95 11.19 14.92
CA LEU A 945 11.28 10.79 15.36
C LEU A 945 11.18 10.22 16.77
N ILE A 946 11.63 8.99 16.95
CA ILE A 946 11.77 8.36 18.26
C ILE A 946 13.25 8.17 18.52
N VAL A 947 13.77 8.82 19.56
CA VAL A 947 15.16 8.67 19.96
C VAL A 947 15.17 7.92 21.27
N GLU A 948 15.37 6.61 21.18
CA GLU A 948 15.56 5.80 22.37
C GLU A 948 16.94 6.08 22.97
N ARG A 949 16.99 6.13 24.30
CA ARG A 949 18.20 6.49 25.06
C ARG A 949 18.76 7.84 24.60
N ALA A 950 17.90 8.86 24.67
CA ALA A 950 18.29 10.20 24.25
C ALA A 950 19.32 10.82 25.17
N ASP A 951 19.49 10.29 26.38
CA ASP A 951 20.48 10.84 27.30
C ASP A 951 21.91 10.53 26.88
N THR A 952 22.11 9.58 25.97
CA THR A 952 23.42 9.23 25.45
C THR A 952 23.82 10.07 24.24
N PHE A 953 23.20 11.24 24.05
CA PHE A 953 23.39 12.04 22.86
C PHE A 953 23.76 13.46 23.24
N GLY A 954 24.72 14.03 22.50
CA GLY A 954 25.03 15.43 22.65
C GLY A 954 23.92 16.30 22.08
N LEU A 955 23.96 17.58 22.43
CA LEU A 955 22.92 18.51 22.01
C LEU A 955 22.90 18.68 20.50
N SER A 956 24.08 18.74 19.88
CA SER A 956 24.15 18.86 18.42
C SER A 956 23.54 17.65 17.73
N GLN A 957 23.80 16.45 18.25
CA GLN A 957 23.23 15.24 17.66
C GLN A 957 21.70 15.25 17.75
N LEU A 958 21.16 15.70 18.88
CA LEU A 958 19.70 15.77 19.01
C LEU A 958 19.11 16.74 18.01
N HIS A 959 19.73 17.91 17.84
CA HIS A 959 19.22 18.91 16.92
C HIS A 959 19.26 18.43 15.47
N GLN A 960 20.34 17.72 15.10
CA GLN A 960 20.45 17.20 13.74
C GLN A 960 19.41 16.11 13.47
N LEU A 961 19.26 15.17 14.40
CA LEU A 961 18.21 14.16 14.26
C LEU A 961 16.84 14.79 14.12
N ARG A 962 16.59 15.86 14.89
CA ARG A 962 15.28 16.49 14.91
C ARG A 962 15.02 17.27 13.63
N GLY A 963 16.06 17.81 13.00
CA GLY A 963 15.90 18.55 11.76
C GLY A 963 15.55 17.69 10.57
N ARG A 964 15.61 16.36 10.71
CA ARG A 964 15.25 15.46 9.62
C ARG A 964 13.74 15.22 9.53
N VAL A 965 12.96 15.73 10.49
CA VAL A 965 11.51 15.54 10.49
C VAL A 965 10.86 16.92 10.53
N GLY A 966 9.60 16.96 10.11
CA GLY A 966 8.83 18.18 10.15
C GLY A 966 9.27 19.23 9.16
N ARG A 967 10.04 18.84 8.14
CA ARG A 967 10.50 19.82 7.16
C ARG A 967 9.39 20.28 6.23
N SER A 968 8.46 19.38 5.90
CA SER A 968 7.38 19.67 4.96
C SER A 968 6.32 20.56 5.57
N ARG A 969 5.14 20.61 4.94
CA ARG A 969 4.00 21.33 5.50
C ARG A 969 3.35 20.56 6.65
N GLU A 970 3.50 19.23 6.67
CA GLU A 970 2.94 18.43 7.76
C GLU A 970 3.80 18.59 9.02
N ARG A 971 3.13 18.74 10.16
CA ARG A 971 3.82 18.95 11.42
C ARG A 971 4.60 17.71 11.83
N GLY A 972 5.79 17.92 12.39
CA GLY A 972 6.63 16.82 12.81
C GLY A 972 6.56 16.61 14.31
N TYR A 973 6.91 15.40 14.73
CA TYR A 973 6.93 15.02 16.13
C TYR A 973 8.25 14.35 16.46
N ALA A 974 8.78 14.63 17.65
CA ALA A 974 10.07 14.09 18.07
C ALA A 974 9.99 13.72 19.54
N TYR A 975 10.38 12.49 19.86
CA TYR A 975 10.33 11.96 21.22
C TYR A 975 11.75 11.62 21.65
N PHE A 976 12.29 12.38 22.57
CA PHE A 976 13.61 12.11 23.16
C PHE A 976 13.38 11.41 24.49
N LEU A 977 13.57 10.10 24.50
CA LEU A 977 13.19 9.27 25.64
C LEU A 977 14.42 8.75 26.38
N TYR A 978 14.32 8.72 27.71
CA TYR A 978 15.36 8.13 28.54
C TYR A 978 14.80 6.94 29.30
N PRO A 979 15.63 5.96 29.63
CA PRO A 979 15.11 4.72 30.23
C PRO A 979 14.70 4.95 31.68
N PRO A 980 13.58 4.35 32.11
CA PRO A 980 13.18 4.50 33.51
C PRO A 980 13.88 3.53 34.47
N ASN A 981 14.43 2.43 33.98
CA ASN A 981 15.10 1.46 34.83
C ASN A 981 16.43 1.95 35.39
N LYS A 982 16.81 3.22 35.26
CA LYS A 982 18.11 3.68 35.72
C LYS A 982 18.01 5.15 36.11
N PRO A 983 18.74 5.59 37.12
CA PRO A 983 18.72 7.01 37.49
C PRO A 983 19.47 7.84 36.45
N LEU A 984 18.78 8.83 35.90
CA LEU A 984 19.38 9.64 34.85
C LEU A 984 20.35 10.66 35.45
N THR A 985 21.53 10.76 34.84
CA THR A 985 22.56 11.66 35.34
C THR A 985 22.10 13.11 35.26
N GLU A 986 22.54 13.91 36.23
CA GLU A 986 22.15 15.32 36.27
C GLU A 986 22.73 16.08 35.09
N THR A 987 23.87 15.62 34.55
CA THR A 987 24.41 16.25 33.34
C THR A 987 23.55 15.93 32.13
N ALA A 988 22.86 14.78 32.14
CA ALA A 988 21.87 14.50 31.10
C ALA A 988 20.57 15.24 31.37
N TYR A 989 20.19 15.40 32.64
CA TYR A 989 18.99 16.16 32.99
C TYR A 989 19.07 17.58 32.42
N ASP A 990 20.16 18.30 32.73
CA ASP A 990 20.36 19.62 32.16
C ASP A 990 20.35 19.57 30.63
N ARG A 991 21.08 18.60 30.06
CA ARG A 991 21.13 18.47 28.62
C ARG A 991 19.75 18.19 28.03
N LEU A 992 19.01 17.26 28.63
CA LEU A 992 17.65 17.00 28.18
C LEU A 992 16.73 18.19 28.47
N ALA A 993 16.86 18.79 29.66
CA ALA A 993 16.02 19.93 30.01
C ALA A 993 16.23 21.09 29.04
N THR A 994 17.48 21.34 28.63
CA THR A 994 17.76 22.44 27.72
C THR A 994 17.07 22.22 26.37
N ILE A 995 17.02 20.96 25.91
CA ILE A 995 16.36 20.66 24.64
C ILE A 995 14.86 20.49 24.78
N ALA A 996 14.33 20.50 26.00
CA ALA A 996 12.88 20.47 26.19
C ALA A 996 12.21 21.67 25.54
N GLN A 997 12.85 22.84 25.63
CA GLN A 997 12.41 24.05 24.93
C GLN A 997 13.35 24.24 23.75
N ASN A 998 12.81 24.13 22.53
CA ASN A 998 13.63 24.29 21.33
C ASN A 998 14.25 25.68 21.28
N ASN A 999 13.44 26.70 21.56
CA ASN A 999 13.92 28.04 21.84
C ASN A 999 15.15 27.96 22.74
N GLU A 1000 16.33 28.08 22.15
CA GLU A 1000 17.56 27.91 22.91
C GLU A 1000 18.63 28.87 22.39
N LEU A 1001 18.26 30.16 22.30
CA LEU A 1001 19.24 31.20 22.04
C LEU A 1001 20.27 31.21 23.16
N GLY A 1002 21.46 30.65 22.90
CA GLY A 1002 22.54 30.63 23.86
C GLY A 1002 22.51 29.51 24.87
N ALA A 1003 21.44 28.71 24.92
CA ALA A 1003 21.37 27.62 25.90
C ALA A 1003 22.47 26.59 25.67
N GLY A 1004 22.88 26.41 24.42
CA GLY A 1004 23.83 25.39 24.04
C GLY A 1004 23.52 24.96 22.63
N MET A 1005 22.26 25.17 22.22
CA MET A 1005 21.88 24.96 20.84
C MET A 1005 22.64 25.90 19.91
N ALA A 1006 22.87 27.14 20.34
CA ALA A 1006 23.70 28.06 19.57
C ALA A 1006 25.14 27.58 19.51
N VAL A 1007 25.69 27.15 20.66
CA VAL A 1007 27.02 26.53 20.70
C VAL A 1007 27.06 25.17 20.03
N ALA A 1008 25.91 24.63 19.59
CA ALA A 1008 25.88 23.48 18.69
C ALA A 1008 25.99 23.90 17.22
N MET A 1009 25.20 24.90 16.81
CA MET A 1009 25.23 25.37 15.42
C MET A 1009 26.65 25.64 14.94
N LYS A 1010 27.52 26.12 15.83
CA LYS A 1010 28.93 26.29 15.47
C LYS A 1010 29.57 24.97 15.11
N ASP A 1011 29.23 23.89 15.84
CA ASP A 1011 29.80 22.58 15.55
C ASP A 1011 29.23 21.97 14.28
N LEU A 1012 28.11 22.49 13.79
CA LEU A 1012 27.67 22.15 12.44
C LEU A 1012 28.49 22.87 11.39
N GLU A 1013 29.10 24.00 11.74
CA GLU A 1013 29.96 24.76 10.85
C GLU A 1013 31.42 24.30 10.87
N ILE A 1014 31.79 23.41 11.81
CA ILE A 1014 33.13 22.85 11.79
C ILE A 1014 33.27 21.90 10.62
N ARG A 1015 32.33 20.97 10.46
CA ARG A 1015 32.31 20.07 9.30
C ARG A 1015 32.03 20.82 8.02
N GLY A 1016 31.47 22.03 8.09
CA GLY A 1016 31.30 22.87 6.93
C GLY A 1016 32.57 23.60 6.57
N ALA A 1017 33.23 24.18 7.57
CA ALA A 1017 34.51 24.85 7.33
C ALA A 1017 35.59 23.84 6.95
N GLY A 1018 35.58 22.66 7.59
CA GLY A 1018 36.53 21.62 7.21
C GLY A 1018 36.28 21.11 5.81
N ASN A 1019 35.02 21.13 5.35
CA ASN A 1019 34.71 20.67 4.01
C ASN A 1019 35.10 21.67 2.94
N VAL A 1020 35.40 22.91 3.32
CA VAL A 1020 35.79 23.94 2.35
C VAL A 1020 37.31 24.11 2.42
N LEU A 1021 37.88 23.84 3.58
CA LEU A 1021 39.33 23.95 3.78
C LEU A 1021 40.00 22.59 3.58
N GLY A 1022 39.79 22.02 2.40
CA GLY A 1022 40.31 20.70 2.08
C GLY A 1022 39.78 19.63 2.99
N ALA A 1023 40.55 19.28 4.02
CA ALA A 1023 40.12 18.39 5.08
C ALA A 1023 40.42 19.04 6.42
N GLU A 1024 39.89 18.46 7.49
CA GLU A 1024 40.11 18.99 8.83
C GLU A 1024 41.40 18.43 9.42
N GLN A 1025 42.11 19.27 10.16
CA GLN A 1025 43.35 18.88 10.84
C GLN A 1025 43.34 19.56 12.21
N SER A 1026 42.77 18.87 13.20
CA SER A 1026 42.65 19.42 14.54
C SER A 1026 43.97 19.45 15.30
N GLY A 1027 45.08 19.03 14.67
CA GLY A 1027 46.37 19.07 15.35
C GLY A 1027 46.75 20.46 15.83
N HIS A 1028 46.36 21.50 15.07
CA HIS A 1028 46.55 22.87 15.48
C HIS A 1028 45.26 23.58 15.87
N VAL A 1029 44.10 23.06 15.45
CA VAL A 1029 42.83 23.66 15.86
C VAL A 1029 42.64 23.51 17.36
N ALA A 1030 42.73 22.29 17.88
CA ALA A 1030 42.70 22.07 19.31
C ALA A 1030 43.97 22.62 19.94
N GLY A 1031 43.82 23.54 20.89
CA GLY A 1031 44.93 24.26 21.47
C GLY A 1031 45.02 25.69 21.03
N VAL A 1032 44.35 26.04 19.91
CA VAL A 1032 44.25 27.41 19.45
C VAL A 1032 42.79 27.87 19.36
N GLY A 1033 41.89 26.96 19.00
CA GLY A 1033 40.49 27.32 18.88
C GLY A 1033 40.06 27.43 17.43
N PHE A 1034 38.88 26.89 17.08
CA PHE A 1034 38.48 26.83 15.68
C PHE A 1034 38.40 28.23 15.07
N ASP A 1035 37.75 29.17 15.78
CA ASP A 1035 37.66 30.54 15.28
C ASP A 1035 39.05 31.12 15.07
N LEU A 1036 39.86 31.18 16.13
CA LEU A 1036 41.22 31.69 15.98
C LEU A 1036 41.99 30.93 14.92
N TYR A 1037 41.68 29.64 14.74
CA TYR A 1037 42.34 28.85 13.70
C TYR A 1037 41.98 29.39 12.31
N VAL A 1038 40.69 29.49 12.00
CA VAL A 1038 40.28 30.01 10.70
C VAL A 1038 40.39 31.52 10.62
N ARG A 1039 40.59 32.21 11.74
CA ARG A 1039 40.98 33.61 11.68
C ARG A 1039 42.32 33.77 11.00
N LEU A 1040 43.27 32.88 11.33
CA LEU A 1040 44.57 32.86 10.65
C LEU A 1040 44.45 32.39 9.21
N VAL A 1041 43.39 31.64 8.86
CA VAL A 1041 43.11 31.34 7.47
C VAL A 1041 42.90 32.65 6.70
N GLY A 1042 42.01 33.50 7.22
CA GLY A 1042 41.77 34.77 6.56
C GLY A 1042 43.00 35.65 6.48
N GLU A 1043 43.94 35.48 7.41
CA GLU A 1043 45.19 36.23 7.34
C GLU A 1043 46.13 35.63 6.31
N ALA A 1044 46.14 34.30 6.17
CA ALA A 1044 46.97 33.65 5.16
C ALA A 1044 46.36 33.78 3.77
N VAL A 1045 45.03 33.78 3.66
CA VAL A 1045 44.37 33.96 2.37
C VAL A 1045 44.62 35.37 1.85
N GLU A 1046 44.41 36.38 2.70
CA GLU A 1046 44.68 37.75 2.30
C GLU A 1046 46.16 37.97 2.01
N ALA A 1047 47.04 37.23 2.69
CA ALA A 1047 48.46 37.32 2.38
C ALA A 1047 48.78 36.74 1.01
N TYR A 1048 48.04 35.72 0.57
CA TYR A 1048 48.28 35.08 -0.71
C TYR A 1048 47.39 35.61 -1.84
N ARG A 1049 46.21 36.16 -1.51
CA ARG A 1049 45.43 36.85 -2.55
C ARG A 1049 46.08 38.17 -2.92
N ALA A 1050 46.82 38.78 -1.99
CA ALA A 1050 47.67 39.93 -2.28
C ALA A 1050 48.97 39.51 -2.95
N ALA A 1051 48.92 38.50 -3.82
CA ALA A 1051 50.11 38.07 -4.54
C ALA A 1051 50.48 39.05 -5.65
N ALA A 1052 49.49 39.72 -6.24
CA ALA A 1052 49.78 40.75 -7.22
C ALA A 1052 50.49 41.93 -6.57
N ASP A 1053 50.10 42.27 -5.32
CA ASP A 1053 50.74 43.34 -4.59
C ASP A 1053 51.94 42.87 -3.77
N GLY A 1054 52.06 41.57 -3.52
CA GLY A 1054 53.19 41.03 -2.79
C GLY A 1054 53.17 41.32 -1.31
N LYS A 1055 53.35 42.58 -0.93
CA LYS A 1055 53.35 42.99 0.47
C LYS A 1055 51.96 42.89 1.08
N ASP A 1065 44.46 48.76 18.46
CA ASP A 1065 44.03 48.85 19.84
C ASP A 1065 44.67 50.06 20.52
N VAL A 1066 43.87 50.79 21.31
CA VAL A 1066 44.34 51.99 22.00
C VAL A 1066 43.68 52.04 23.37
N ARG A 1067 44.48 52.13 24.43
CA ARG A 1067 43.98 52.17 25.79
C ARG A 1067 43.68 53.62 26.17
N ILE A 1068 42.52 53.84 26.78
CA ILE A 1068 42.09 55.17 27.22
C ILE A 1068 41.63 55.03 28.67
N ASP A 1069 42.52 55.37 29.60
CA ASP A 1069 42.24 55.28 31.03
C ASP A 1069 42.01 56.71 31.55
N LEU A 1070 40.78 57.18 31.38
CA LEU A 1070 40.43 58.54 31.77
C LEU A 1070 39.34 58.54 32.82
N PRO A 1071 39.30 59.56 33.69
CA PRO A 1071 38.18 59.70 34.61
C PRO A 1071 36.90 60.08 33.89
N VAL A 1072 36.30 59.12 33.19
CA VAL A 1072 35.07 59.31 32.44
C VAL A 1072 34.12 58.19 32.81
N ASP A 1073 32.90 58.54 33.19
CA ASP A 1073 31.88 57.55 33.52
C ASP A 1073 31.33 56.99 32.20
N ALA A 1074 31.97 55.95 31.70
CA ALA A 1074 31.68 55.40 30.38
C ALA A 1074 31.37 53.91 30.52
N HIS A 1075 30.09 53.56 30.46
CA HIS A 1075 29.67 52.16 30.55
C HIS A 1075 28.25 52.05 30.06
N LEU A 1076 27.79 50.80 29.94
CA LEU A 1076 26.39 50.51 29.64
C LEU A 1076 25.68 50.10 30.93
N PRO A 1077 24.85 50.95 31.51
CA PRO A 1077 24.19 50.60 32.77
C PRO A 1077 23.25 49.43 32.58
N PRO A 1078 23.17 48.52 33.56
CA PRO A 1078 22.24 47.39 33.44
C PRO A 1078 20.78 47.82 33.38
N GLU A 1079 20.45 49.01 33.90
CA GLU A 1079 19.11 49.56 33.74
C GLU A 1079 18.79 49.84 32.28
N TYR A 1080 19.80 50.00 31.43
CA TYR A 1080 19.61 50.22 30.00
C TYR A 1080 19.48 48.91 29.24
N ILE A 1081 20.36 47.96 29.51
CA ILE A 1081 20.33 46.63 28.90
C ILE A 1081 20.51 45.62 30.03
N GLY A 1082 19.40 45.00 30.46
CA GLY A 1082 19.48 44.06 31.57
C GLY A 1082 20.22 42.78 31.21
N SER A 1083 20.00 42.27 30.00
CA SER A 1083 20.60 41.00 29.59
C SER A 1083 22.12 41.16 29.44
N ASP A 1084 22.87 40.40 30.24
CA ASP A 1084 24.32 40.46 30.15
C ASP A 1084 24.83 39.95 28.80
N ARG A 1085 24.09 39.02 28.18
CA ARG A 1085 24.48 38.56 26.85
C ARG A 1085 24.32 39.66 25.82
N LEU A 1086 23.23 40.43 25.89
CA LEU A 1086 22.99 41.47 24.90
C LEU A 1086 23.81 42.73 25.19
N ARG A 1087 23.98 43.08 26.46
CA ARG A 1087 24.81 44.23 26.79
C ARG A 1087 26.25 44.02 26.34
N LEU A 1088 26.75 42.79 26.46
CA LEU A 1088 28.12 42.50 26.03
C LEU A 1088 28.26 42.63 24.53
N GLU A 1089 27.27 42.16 23.78
CA GLU A 1089 27.31 42.31 22.33
C GLU A 1089 27.26 43.78 21.93
N ALA A 1090 26.52 44.60 22.68
CA ALA A 1090 26.50 46.04 22.39
C ALA A 1090 27.89 46.63 22.58
N TYR A 1091 28.56 46.28 23.69
CA TYR A 1091 29.94 46.71 23.90
C TYR A 1091 30.82 46.33 22.73
N ARG A 1092 30.73 45.07 22.29
CA ARG A 1092 31.64 44.56 21.27
C ARG A 1092 31.47 45.28 19.95
N ARG A 1093 30.22 45.45 19.51
CA ARG A 1093 29.97 46.04 18.20
C ARG A 1093 30.22 47.54 18.17
N LEU A 1094 30.07 48.21 19.32
CA LEU A 1094 30.51 49.60 19.42
C LEU A 1094 32.02 49.70 19.26
N ALA A 1095 32.77 48.81 19.93
CA ALA A 1095 34.22 48.82 19.83
C ALA A 1095 34.71 48.42 18.44
N ALA A 1096 33.92 47.60 17.72
CA ALA A 1096 34.34 47.17 16.39
C ALA A 1096 34.03 48.20 15.31
N ALA A 1097 33.17 49.18 15.60
CA ALA A 1097 32.84 50.22 14.63
C ALA A 1097 34.11 50.99 14.24
N ALA A 1098 34.52 50.85 12.98
CA ALA A 1098 35.78 51.43 12.51
C ALA A 1098 35.63 52.87 12.05
N ASP A 1099 34.45 53.46 12.19
CA ASP A 1099 34.18 54.77 11.60
C ASP A 1099 33.11 55.49 12.40
N ASP A 1100 33.02 56.80 12.17
CA ASP A 1100 31.94 57.58 12.77
C ASP A 1100 30.58 57.11 12.27
N ASP A 1101 30.48 56.77 10.97
CA ASP A 1101 29.21 56.28 10.45
C ASP A 1101 28.84 54.93 11.05
N ALA A 1102 29.84 54.05 11.24
CA ALA A 1102 29.58 52.79 11.90
C ALA A 1102 29.19 53.01 13.36
N VAL A 1103 29.82 53.98 14.03
CA VAL A 1103 29.43 54.30 15.40
C VAL A 1103 28.00 54.83 15.42
N ALA A 1104 27.67 55.72 14.48
CA ALA A 1104 26.31 56.25 14.42
C ALA A 1104 25.30 55.15 14.13
N SER A 1105 25.67 54.18 13.28
CA SER A 1105 24.78 53.07 13.02
C SER A 1105 24.57 52.23 14.27
N VAL A 1106 25.64 52.00 15.05
CA VAL A 1106 25.50 51.26 16.29
C VAL A 1106 24.63 52.02 17.28
N VAL A 1107 24.78 53.35 17.34
CA VAL A 1107 23.93 54.16 18.22
C VAL A 1107 22.47 54.04 17.79
N ASP A 1108 22.21 54.22 16.49
CA ASP A 1108 20.83 54.15 16.00
C ASP A 1108 20.18 52.81 16.36
N GLU A 1109 20.95 51.72 16.28
CA GLU A 1109 20.43 50.41 16.67
C GLU A 1109 20.10 50.37 18.15
N LEU A 1110 20.96 50.94 18.99
CA LEU A 1110 20.67 50.97 20.42
C LEU A 1110 19.41 51.77 20.71
N ILE A 1111 19.25 52.92 20.06
CA ILE A 1111 18.05 53.75 20.28
C ILE A 1111 16.80 52.97 19.91
N ASP A 1112 16.84 52.24 18.79
CA ASP A 1112 15.68 51.46 18.38
C ASP A 1112 15.46 50.26 19.29
N ARG A 1113 16.54 49.57 19.67
CA ARG A 1113 16.42 48.32 20.41
C ARG A 1113 16.10 48.56 21.88
N TYR A 1114 16.73 49.56 22.51
CA TYR A 1114 16.66 49.71 23.95
C TYR A 1114 16.21 51.09 24.42
N GLY A 1115 16.13 52.08 23.55
CA GLY A 1115 15.66 53.40 23.94
C GLY A 1115 16.75 54.44 23.91
N PRO A 1116 16.44 55.64 24.41
CA PRO A 1116 17.43 56.72 24.39
C PRO A 1116 18.64 56.39 25.25
N LEU A 1117 19.83 56.75 24.74
CA LEU A 1117 21.07 56.43 25.43
C LEU A 1117 21.16 57.21 26.74
N PRO A 1118 21.43 56.54 27.87
CA PRO A 1118 21.69 57.27 29.10
C PRO A 1118 23.00 58.04 29.00
N GLU A 1119 23.22 58.92 29.99
CA GLU A 1119 24.46 59.68 30.02
C GLU A 1119 25.72 58.81 30.07
N PRO A 1120 25.78 57.73 30.85
CA PRO A 1120 26.99 56.88 30.77
C PRO A 1120 27.19 56.24 29.41
N ALA A 1121 26.11 55.81 28.76
CA ALA A 1121 26.23 55.22 27.43
C ALA A 1121 26.65 56.28 26.41
N GLN A 1122 26.18 57.51 26.56
CA GLN A 1122 26.63 58.59 25.68
C GLN A 1122 28.13 58.82 25.83
N ARG A 1123 28.63 58.80 27.07
CA ARG A 1123 30.04 59.09 27.31
C ARG A 1123 30.94 58.02 26.71
N LEU A 1124 30.50 56.75 26.75
CA LEU A 1124 31.30 55.68 26.18
C LEU A 1124 31.36 55.79 24.66
N VAL A 1125 30.27 56.22 24.04
CA VAL A 1125 30.27 56.44 22.59
C VAL A 1125 31.30 57.50 22.22
N ALA A 1126 31.39 58.57 23.02
CA ALA A 1126 32.38 59.61 22.75
C ALA A 1126 33.81 59.10 22.99
N VAL A 1127 33.99 58.20 23.95
CA VAL A 1127 35.31 57.62 24.16
C VAL A 1127 35.71 56.74 22.98
N ALA A 1128 34.74 56.05 22.39
CA ALA A 1128 35.03 55.22 21.22
C ALA A 1128 35.37 56.09 20.02
N ARG A 1129 34.66 57.20 19.84
CA ARG A 1129 35.02 58.14 18.79
C ARG A 1129 36.41 58.73 19.02
N LEU A 1130 36.82 58.87 20.29
CA LEU A 1130 38.16 59.33 20.58
C LEU A 1130 39.21 58.30 20.19
N ARG A 1131 38.89 57.02 20.36
CA ARG A 1131 39.80 55.96 19.91
C ARG A 1131 40.04 56.05 18.41
N LEU A 1132 38.98 56.31 17.64
CA LEU A 1132 39.14 56.44 16.19
C LEU A 1132 40.00 57.64 15.83
N LEU A 1133 39.84 58.75 16.55
CA LEU A 1133 40.71 59.91 16.36
C LEU A 1133 42.16 59.55 16.68
N CYS A 1134 42.37 58.73 17.70
CA CYS A 1134 43.72 58.28 18.04
C CYS A 1134 44.29 57.36 16.96
N ARG A 1135 43.43 56.54 16.33
CA ARG A 1135 43.90 55.68 15.25
C ARG A 1135 44.31 56.50 14.03
N GLU A 1136 43.59 57.61 13.77
CA GLU A 1136 43.95 58.47 12.64
C GLU A 1136 45.34 59.06 12.81
N PHE A 1137 45.77 59.31 14.06
CA PHE A 1137 47.10 59.85 14.33
C PHE A 1137 48.01 58.85 15.02
N GLY A 1138 47.64 57.57 15.04
CA GLY A 1138 48.50 56.53 15.58
C GLY A 1138 48.82 56.65 17.05
N ILE A 1139 47.85 57.01 17.87
CA ILE A 1139 48.02 57.10 19.32
C ILE A 1139 47.54 55.81 19.94
N THR A 1140 48.35 55.26 20.85
CA THR A 1140 48.12 53.94 21.46
C THR A 1140 47.64 54.02 22.90
N GLU A 1141 47.95 55.09 23.61
CA GLU A 1141 47.62 55.17 25.02
C GLU A 1141 47.37 56.61 25.42
N ILE A 1142 46.20 56.86 26.01
CA ILE A 1142 45.87 58.15 26.63
C ILE A 1142 45.40 57.84 28.04
N GLY A 1143 46.24 58.12 29.03
CA GLY A 1143 45.89 57.84 30.41
C GLY A 1143 46.31 58.99 31.32
N ALA A 1144 45.63 59.06 32.46
CA ALA A 1144 45.89 60.09 33.46
C ALA A 1144 46.97 59.59 34.41
N VAL A 1145 48.16 60.21 34.34
CA VAL A 1145 49.26 59.79 35.21
C VAL A 1145 48.93 60.10 36.67
N SER A 1146 48.07 61.10 36.90
CA SER A 1146 47.64 61.46 38.24
C SER A 1146 46.27 62.11 38.11
N ALA A 1147 45.74 62.58 39.25
CA ALA A 1147 44.44 63.24 39.22
C ALA A 1147 44.47 64.57 38.46
N SER A 1148 45.66 65.09 38.14
CA SER A 1148 45.80 66.41 37.56
C SER A 1148 46.45 66.44 36.19
N THR A 1149 47.03 65.34 35.73
CA THR A 1149 47.81 65.35 34.49
C THR A 1149 47.49 64.11 33.66
N VAL A 1150 47.39 64.30 32.34
CA VAL A 1150 47.11 63.23 31.40
C VAL A 1150 48.31 63.07 30.46
N ARG A 1151 48.55 61.83 30.03
CA ARG A 1151 49.67 61.50 29.17
C ARG A 1151 49.17 60.89 27.86
N LEU A 1152 49.75 61.34 26.76
CA LEU A 1152 49.47 60.80 25.42
C LEU A 1152 50.74 60.12 24.95
N SER A 1153 50.70 58.80 24.79
CA SER A 1153 51.92 57.99 24.80
C SER A 1153 52.75 58.08 23.53
N PRO A 1154 52.26 57.71 22.34
CA PRO A 1154 53.15 57.73 21.17
C PRO A 1154 52.99 58.98 20.31
N MET A 1155 53.88 59.95 20.50
CA MET A 1155 53.86 61.19 19.72
C MET A 1155 55.27 61.73 19.63
N VAL A 1156 55.77 61.92 18.41
CA VAL A 1156 57.03 62.62 18.20
C VAL A 1156 56.69 63.99 17.63
N LEU A 1157 57.19 65.04 18.28
CA LEU A 1157 56.80 66.40 17.97
C LEU A 1157 57.95 67.13 17.28
N PRO A 1158 57.79 67.55 16.03
CA PRO A 1158 58.75 68.47 15.44
C PRO A 1158 58.80 69.76 16.24
N ASP A 1159 59.79 70.59 15.95
CA ASP A 1159 59.92 71.85 16.68
C ASP A 1159 58.59 72.58 16.73
N SER A 1160 58.02 72.90 15.56
CA SER A 1160 56.78 73.68 15.48
C SER A 1160 55.72 73.18 16.45
N ALA A 1161 55.56 71.85 16.56
CA ALA A 1161 54.55 71.32 17.48
C ALA A 1161 54.99 71.42 18.94
N GLN A 1162 56.30 71.44 19.19
CA GLN A 1162 56.78 71.62 20.56
C GLN A 1162 56.55 73.05 21.02
N LEU A 1163 56.89 74.03 20.17
CA LEU A 1163 56.61 75.43 20.50
C LEU A 1163 55.11 75.69 20.60
N ARG A 1164 54.32 75.06 19.72
CA ARG A 1164 52.87 75.21 19.78
C ARG A 1164 52.29 74.62 21.06
N LEU A 1165 52.88 73.53 21.56
CA LEU A 1165 52.39 72.93 22.80
C LEU A 1165 52.59 73.87 23.99
N LYS A 1166 53.69 74.64 24.01
CA LYS A 1166 53.96 75.50 25.15
C LYS A 1166 53.01 76.68 25.20
N ARG A 1167 52.67 77.25 24.04
CA ARG A 1167 51.85 78.47 24.02
C ARG A 1167 50.35 78.19 24.08
N MET A 1168 49.91 77.00 23.66
CA MET A 1168 48.49 76.67 23.72
C MET A 1168 48.13 75.79 24.90
N TYR A 1169 49.12 75.19 25.57
CA TYR A 1169 48.88 74.34 26.74
C TYR A 1169 50.01 74.57 27.72
N PRO A 1170 49.91 75.58 28.56
CA PRO A 1170 50.96 75.83 29.57
C PRO A 1170 51.06 74.68 30.54
N GLY A 1171 52.26 74.49 31.08
CA GLY A 1171 52.54 73.42 32.01
C GLY A 1171 52.76 72.06 31.38
N GLY A 1172 52.39 71.89 30.11
CA GLY A 1172 52.59 70.62 29.43
C GLY A 1172 53.95 70.56 28.74
N HIS A 1173 54.61 69.43 28.92
CA HIS A 1173 55.93 69.19 28.33
C HIS A 1173 55.88 68.01 27.38
N TYR A 1174 56.97 67.83 26.63
CA TYR A 1174 57.14 66.73 25.70
C TYR A 1174 58.40 65.96 26.06
N ARG A 1175 58.25 64.65 26.26
CA ARG A 1175 59.35 63.78 26.65
C ARG A 1175 59.73 62.92 25.46
N ALA A 1176 60.83 63.28 24.79
CA ALA A 1176 61.19 62.64 23.53
C ALA A 1176 61.63 61.19 23.73
N THR A 1177 62.22 60.87 24.88
CA THR A 1177 62.68 59.51 25.16
C THR A 1177 61.51 58.54 25.12
N THR A 1178 60.65 58.57 26.14
CA THR A 1178 59.46 57.74 26.16
C THR A 1178 58.44 58.15 25.10
N SER A 1179 58.72 59.22 24.33
CA SER A 1179 57.92 59.65 23.20
C SER A 1179 56.51 60.12 23.58
N THR A 1180 56.28 60.47 24.83
CA THR A 1180 54.94 60.86 25.28
C THR A 1180 54.82 62.38 25.39
N VAL A 1181 53.56 62.82 25.51
CA VAL A 1181 53.22 64.21 25.78
C VAL A 1181 52.42 64.23 27.08
N GLN A 1182 52.87 65.00 28.05
CA GLN A 1182 52.22 65.10 29.35
C GLN A 1182 51.70 66.53 29.54
N VAL A 1183 50.39 66.66 29.68
CA VAL A 1183 49.77 67.97 29.86
C VAL A 1183 48.86 67.96 31.10
N PRO A 1184 48.74 69.08 31.82
CA PRO A 1184 47.89 69.09 33.01
C PRO A 1184 46.43 69.37 32.66
N LEU A 1185 45.55 68.71 33.40
CA LEU A 1185 44.11 68.91 33.20
C LEU A 1185 43.71 70.31 33.67
N PRO A 1186 42.93 71.05 32.90
CA PRO A 1186 42.43 72.34 33.37
C PRO A 1186 41.33 72.14 34.41
N ARG A 1187 41.01 73.24 35.10
CA ARG A 1187 40.01 73.23 36.15
C ARG A 1187 38.66 73.69 35.62
N ALA A 1188 37.60 73.11 36.18
CA ALA A 1188 36.24 73.47 35.80
C ALA A 1188 35.87 74.84 36.37
N GLY A 1189 35.63 74.90 37.67
CA GLY A 1189 35.32 76.14 38.36
C GLY A 1189 36.56 76.86 38.82
N GLU A 1190 36.42 77.62 39.90
CA GLU A 1190 37.52 78.39 40.47
C GLU A 1190 37.62 78.08 41.96
N GLY A 1191 38.79 77.65 42.40
CA GLY A 1191 38.97 77.30 43.79
C GLY A 1191 40.42 76.94 44.07
N VAL A 1192 40.66 76.48 45.29
CA VAL A 1192 42.00 76.12 45.72
C VAL A 1192 42.03 74.68 46.23
N ALA A 1194 38.84 73.94 43.32
CA ALA A 1194 38.15 73.65 42.07
C ALA A 1194 38.44 72.23 41.59
N PRO A 1195 37.41 71.55 41.11
CA PRO A 1195 37.60 70.16 40.64
C PRO A 1195 38.17 70.14 39.22
N ARG A 1196 39.01 69.14 38.97
CA ARG A 1196 39.50 68.90 37.62
C ARG A 1196 38.35 68.45 36.72
N ILE A 1197 38.39 68.87 35.46
CA ILE A 1197 37.30 68.53 34.54
C ILE A 1197 37.28 67.04 34.27
N ARG A 1198 36.09 66.51 33.99
CA ARG A 1198 35.88 65.09 33.78
C ARG A 1198 34.93 64.88 32.61
N ASP A 1199 34.64 63.61 32.34
CA ASP A 1199 33.52 63.17 31.49
C ASP A 1199 33.64 63.81 30.12
N LEU A 1200 32.57 64.36 29.54
CA LEU A 1200 32.59 64.78 28.15
C LEU A 1200 33.49 65.98 27.94
N GLU A 1201 33.53 66.92 28.88
CA GLU A 1201 34.39 68.09 28.72
C GLU A 1201 35.85 67.68 28.63
N LEU A 1202 36.25 66.67 29.41
CA LEU A 1202 37.59 66.13 29.26
C LEU A 1202 37.76 65.42 27.91
N VAL A 1203 36.77 64.62 27.51
CA VAL A 1203 36.86 63.93 26.22
C VAL A 1203 36.97 64.94 25.10
N GLN A 1204 36.19 66.03 25.16
CA GLN A 1204 36.32 67.08 24.16
C GLN A 1204 37.67 67.76 24.25
N TRP A 1205 38.16 68.00 25.47
CA TRP A 1205 39.41 68.72 25.64
C TRP A 1205 40.60 67.88 25.21
N VAL A 1206 40.55 66.56 25.43
CA VAL A 1206 41.64 65.69 25.00
C VAL A 1206 41.63 65.55 23.48
N ALA A 1207 40.44 65.50 22.88
CA ALA A 1207 40.34 65.50 21.43
C ALA A 1207 40.89 66.79 20.85
N GLY A 1208 40.62 67.93 21.50
CA GLY A 1208 41.19 69.18 21.06
C GLY A 1208 42.70 69.20 21.14
N LEU A 1209 43.26 68.59 22.18
CA LEU A 1209 44.71 68.50 22.30
C LEU A 1209 45.31 67.62 21.20
N VAL A 1210 44.65 66.51 20.89
CA VAL A 1210 45.16 65.61 19.84
C VAL A 1210 45.20 66.33 18.50
N LEU A 1211 44.20 67.16 18.23
CA LEU A 1211 44.13 67.85 16.94
C LEU A 1211 45.24 68.89 16.82
N VAL A 1212 45.32 69.83 17.77
CA VAL A 1212 46.27 70.93 17.67
C VAL A 1212 47.71 70.43 17.61
N LEU A 1213 48.01 69.33 18.29
CA LEU A 1213 49.35 68.78 18.26
C LEU A 1213 49.65 68.03 16.97
N ASN A 1214 48.66 67.85 16.10
CA ASN A 1214 48.83 67.21 14.81
C ASN A 1214 48.37 68.13 13.67
N GLY A 1215 48.46 69.43 13.87
CA GLY A 1215 48.13 70.41 12.85
C GLY A 1215 46.67 70.83 12.76
N LYS A 1216 45.76 69.85 12.71
CA LYS A 1216 44.34 70.15 12.56
C LYS A 1216 43.84 71.01 13.71
N GLY A 1217 42.91 71.92 13.40
CA GLY A 1217 42.43 72.85 14.40
C GLY A 1217 41.64 72.16 15.51
N GLN A 1218 41.59 72.85 16.65
CA GLN A 1218 40.93 72.31 17.84
C GLN A 1218 39.41 72.22 17.69
N GLY A 1219 38.83 72.94 16.73
CA GLY A 1219 37.40 72.94 16.55
C GLY A 1219 36.93 72.26 15.28
N ASP A 1220 37.63 71.20 14.88
CA ASP A 1220 37.29 70.46 13.68
C ASP A 1220 36.39 69.25 13.95
N VAL A 1221 36.08 68.97 15.21
CA VAL A 1221 35.19 67.87 15.57
C VAL A 1221 34.72 68.09 17.00
N ASP A 1222 33.57 67.52 17.34
CA ASP A 1222 33.07 67.56 18.70
C ASP A 1222 32.53 66.18 19.08
N MET A 1223 32.56 65.90 20.38
CA MET A 1223 31.97 64.69 20.94
C MET A 1223 30.59 64.95 21.53
N SER A 1224 30.01 66.13 21.31
CA SER A 1224 28.70 66.44 21.84
C SER A 1224 27.59 65.64 21.16
N LYS A 1225 27.87 65.07 19.98
CA LYS A 1225 26.88 64.27 19.29
C LYS A 1225 26.49 63.05 20.11
N PHE A 1226 25.28 62.55 19.87
CA PHE A 1226 24.72 61.45 20.63
C PHE A 1226 24.69 61.75 22.13
N SER B 28 -19.53 -15.43 -40.10
CA SER B 28 -18.22 -15.83 -39.60
C SER B 28 -18.16 -15.66 -38.08
N VAL B 29 -18.67 -16.65 -37.35
CA VAL B 29 -18.73 -16.57 -35.89
C VAL B 29 -17.34 -16.60 -35.27
N GLN B 30 -16.31 -16.99 -36.02
CA GLN B 30 -14.96 -17.04 -35.47
C GLN B 30 -14.42 -15.64 -35.21
N THR B 31 -14.70 -14.69 -36.10
CA THR B 31 -14.17 -13.32 -36.02
C THR B 31 -15.34 -12.35 -36.05
N PRO B 32 -16.07 -12.21 -34.94
CA PRO B 32 -17.28 -11.36 -34.97
C PRO B 32 -17.00 -9.88 -35.18
N ILE B 33 -15.83 -9.38 -34.78
CA ILE B 33 -15.54 -7.96 -34.90
C ILE B 33 -14.47 -7.68 -35.97
N ALA B 34 -14.31 -8.60 -36.92
CA ALA B 34 -13.29 -8.41 -37.95
C ALA B 34 -13.66 -7.27 -38.91
N GLY B 35 -14.95 -7.05 -39.12
CA GLY B 35 -15.40 -6.01 -40.04
C GLY B 35 -15.25 -4.61 -39.46
N LEU B 36 -15.54 -4.48 -38.17
CA LEU B 36 -15.43 -3.17 -37.53
C LEU B 36 -13.97 -2.74 -37.39
N VAL B 37 -13.09 -3.67 -37.02
CA VAL B 37 -11.66 -3.36 -36.97
C VAL B 37 -11.15 -3.06 -38.38
N GLU B 38 -11.68 -3.76 -39.39
CA GLU B 38 -11.38 -3.41 -40.77
C GLU B 38 -11.77 -1.97 -41.07
N LEU B 39 -12.94 -1.53 -40.59
CA LEU B 39 -13.33 -0.15 -40.74
C LEU B 39 -12.38 0.79 -40.02
N ALA B 40 -11.79 0.34 -38.91
CA ALA B 40 -10.89 1.19 -38.14
C ALA B 40 -9.56 1.40 -38.86
N LEU B 41 -9.12 0.42 -39.64
CA LEU B 41 -7.86 0.55 -40.37
C LEU B 41 -7.93 1.57 -41.50
N SER B 42 -9.12 2.08 -41.82
CA SER B 42 -9.24 3.18 -42.78
C SER B 42 -8.71 4.49 -42.22
N ASP B 43 -8.45 4.56 -40.92
CA ASP B 43 -7.85 5.74 -40.32
C ASP B 43 -6.48 5.98 -40.94
N PRO B 44 -6.22 7.18 -41.47
CA PRO B 44 -4.87 7.45 -42.02
C PRO B 44 -3.76 7.26 -41.01
N SER B 45 -4.02 7.46 -39.72
CA SER B 45 -3.00 7.22 -38.70
C SER B 45 -2.63 5.75 -38.65
N LEU B 46 -3.63 4.86 -38.61
CA LEU B 46 -3.35 3.43 -38.64
C LEU B 46 -2.81 3.01 -40.00
N GLN B 47 -3.26 3.65 -41.08
CA GLN B 47 -2.69 3.37 -42.39
C GLN B 47 -1.23 3.78 -42.46
N ASP B 48 -0.85 4.84 -41.74
CA ASP B 48 0.55 5.25 -41.70
C ASP B 48 1.41 4.25 -40.94
N VAL B 49 0.85 3.62 -39.91
CA VAL B 49 1.59 2.58 -39.20
C VAL B 49 1.81 1.37 -40.11
N ILE B 50 0.82 1.02 -40.93
CA ILE B 50 0.96 -0.13 -41.82
C ILE B 50 2.04 0.13 -42.87
N ARG B 51 2.09 1.34 -43.43
CA ARG B 51 3.11 1.62 -44.43
C ARG B 51 4.47 1.87 -43.80
N ARG B 52 4.52 2.48 -42.61
CA ARG B 52 5.78 2.60 -41.89
C ARG B 52 6.35 1.23 -41.57
N ALA B 53 5.52 0.35 -40.99
CA ALA B 53 5.99 -1.00 -40.66
C ALA B 53 6.40 -1.78 -41.89
N ALA B 54 5.75 -1.53 -43.02
CA ALA B 54 6.14 -2.22 -44.25
C ALA B 54 7.59 -1.95 -44.61
N ASP B 55 8.06 -0.72 -44.35
CA ASP B 55 9.46 -0.40 -44.56
C ASP B 55 10.37 -1.11 -43.57
N ARG B 56 9.82 -1.60 -42.46
CA ARG B 56 10.50 -2.37 -41.42
C ARG B 56 11.65 -1.60 -40.79
N PRO B 57 11.39 -0.46 -40.16
CA PRO B 57 12.49 0.30 -39.54
C PRO B 57 12.96 -0.35 -38.26
N ALA B 58 14.19 -0.01 -37.87
CA ALA B 58 14.74 -0.49 -36.61
C ALA B 58 14.05 0.14 -35.41
N ASP B 59 13.42 1.30 -35.59
CA ASP B 59 12.75 2.02 -34.52
C ASP B 59 11.36 2.42 -34.99
N LEU B 60 10.39 2.28 -34.08
CA LEU B 60 9.02 2.71 -34.32
C LEU B 60 8.27 2.76 -32.99
N ALA B 61 8.19 3.93 -32.40
CA ALA B 61 7.47 4.14 -31.16
C ALA B 61 6.13 4.77 -31.48
N LEU B 62 5.05 4.06 -31.19
CA LEU B 62 3.70 4.55 -31.38
C LEU B 62 3.11 4.92 -30.02
N VAL B 63 2.37 6.01 -29.96
CA VAL B 63 1.73 6.45 -28.73
C VAL B 63 0.23 6.43 -28.94
N GLY B 64 -0.49 5.91 -27.95
CA GLY B 64 -1.92 5.82 -27.99
C GLY B 64 -2.48 5.27 -26.70
N PRO B 65 -3.80 5.32 -26.53
CA PRO B 65 -4.40 4.77 -25.32
C PRO B 65 -4.30 3.25 -25.23
N ALA B 66 -4.79 2.70 -24.13
CA ALA B 66 -4.74 1.24 -23.96
C ALA B 66 -5.76 0.53 -24.83
N SER B 67 -6.85 1.22 -25.19
CA SER B 67 -7.87 0.62 -26.04
C SER B 67 -7.37 0.37 -27.46
N ALA B 68 -6.34 1.10 -27.91
CA ALA B 68 -5.85 0.97 -29.27
C ALA B 68 -4.89 -0.20 -29.46
N ARG B 69 -4.65 -1.00 -28.40
CA ARG B 69 -3.72 -2.11 -28.52
C ARG B 69 -4.22 -3.13 -29.54
N VAL B 70 -5.51 -3.47 -29.48
CA VAL B 70 -6.07 -4.43 -30.43
C VAL B 70 -5.91 -3.90 -31.85
N LEU B 71 -6.13 -2.60 -32.05
CA LEU B 71 -6.07 -2.04 -33.40
C LEU B 71 -4.63 -1.99 -33.91
N VAL B 72 -3.69 -1.56 -33.08
CA VAL B 72 -2.29 -1.47 -33.51
C VAL B 72 -1.76 -2.84 -33.89
N ALA B 73 -2.04 -3.85 -33.06
CA ALA B 73 -1.64 -5.22 -33.40
C ALA B 73 -2.41 -5.73 -34.63
N ALA B 74 -3.69 -5.40 -34.74
CA ALA B 74 -4.45 -5.78 -35.93
C ALA B 74 -3.87 -5.11 -37.17
N ALA B 75 -3.49 -3.84 -37.05
CA ALA B 75 -2.90 -3.13 -38.19
C ALA B 75 -1.54 -3.69 -38.55
N LEU B 76 -0.68 -3.94 -37.55
CA LEU B 76 0.63 -4.51 -37.82
C LEU B 76 0.54 -5.92 -38.37
N ALA B 77 -0.58 -6.61 -38.15
CA ALA B 77 -0.75 -7.96 -38.68
C ALA B 77 -1.05 -7.97 -40.17
N GLN B 78 -1.41 -6.82 -40.74
CA GLN B 78 -1.68 -6.76 -42.18
C GLN B 78 -0.42 -7.02 -43.00
N ASN B 79 0.75 -6.76 -42.43
CA ASN B 79 2.00 -6.96 -43.15
C ASN B 79 2.61 -8.34 -42.93
N GLY B 80 2.08 -9.12 -41.99
CA GLY B 80 2.64 -10.42 -41.69
C GLY B 80 2.41 -10.81 -40.24
N PRO B 81 3.10 -11.85 -39.79
CA PRO B 81 2.90 -12.32 -38.40
C PRO B 81 3.52 -11.37 -37.38
N LEU B 82 3.06 -11.51 -36.15
CA LEU B 82 3.32 -10.55 -35.09
C LEU B 82 3.57 -11.29 -33.78
N LEU B 83 4.35 -10.65 -32.91
CA LEU B 83 4.47 -11.04 -31.51
C LEU B 83 4.15 -9.81 -30.67
N VAL B 84 3.13 -9.92 -29.82
CA VAL B 84 2.68 -8.82 -28.97
C VAL B 84 2.96 -9.19 -27.52
N VAL B 85 3.67 -8.31 -26.81
CA VAL B 85 4.09 -8.55 -25.45
C VAL B 85 3.29 -7.63 -24.53
N ALA B 86 2.63 -8.22 -23.53
CA ALA B 86 2.01 -7.49 -22.44
C ALA B 86 2.74 -7.84 -21.15
N ALA B 87 2.75 -6.92 -20.18
CA ALA B 87 3.58 -7.10 -19.00
C ALA B 87 3.06 -8.23 -18.12
N THR B 88 1.81 -8.14 -17.68
CA THR B 88 1.27 -9.16 -16.79
C THR B 88 0.37 -10.12 -17.56
N GLY B 89 -0.04 -11.19 -16.86
CA GLY B 89 -0.81 -12.23 -17.51
C GLY B 89 -2.25 -11.82 -17.83
N ARG B 90 -2.85 -10.97 -17.00
CA ARG B 90 -4.24 -10.59 -17.21
C ARG B 90 -4.40 -9.79 -18.51
N GLU B 91 -3.55 -8.78 -18.69
CA GLU B 91 -3.58 -7.97 -19.90
C GLU B 91 -3.25 -8.77 -21.14
N ALA B 92 -2.50 -9.86 -21.00
CA ALA B 92 -2.27 -10.76 -22.13
C ALA B 92 -3.47 -11.67 -22.38
N ASP B 93 -4.23 -12.00 -21.34
CA ASP B 93 -5.49 -12.71 -21.55
C ASP B 93 -6.50 -11.84 -22.28
N GLU B 94 -6.69 -10.61 -21.80
CA GLU B 94 -7.68 -9.73 -22.41
C GLU B 94 -7.30 -9.37 -23.84
N LEU B 95 -6.01 -9.24 -24.13
CA LEU B 95 -5.59 -8.92 -25.49
C LEU B 95 -5.74 -10.12 -26.42
N THR B 96 -5.49 -11.32 -25.90
CA THR B 96 -5.73 -12.51 -26.70
C THR B 96 -7.22 -12.70 -26.96
N ALA B 97 -8.05 -12.43 -25.96
CA ALA B 97 -9.49 -12.55 -26.15
C ALA B 97 -10.00 -11.53 -27.17
N GLU B 98 -9.44 -10.33 -27.15
CA GLU B 98 -9.87 -9.29 -28.09
C GLU B 98 -9.48 -9.65 -29.52
N LEU B 99 -8.20 -9.95 -29.74
CA LEU B 99 -7.75 -10.37 -31.07
C LEU B 99 -8.41 -11.65 -31.52
N ARG B 100 -8.94 -12.45 -30.59
CA ARG B 100 -9.71 -13.63 -30.98
C ARG B 100 -10.92 -13.25 -31.82
N GLY B 101 -11.58 -12.15 -31.45
CA GLY B 101 -12.72 -11.67 -32.23
C GLY B 101 -12.36 -11.07 -33.57
N VAL B 102 -11.07 -10.87 -33.85
CA VAL B 102 -10.62 -10.31 -35.10
C VAL B 102 -10.02 -11.38 -36.01
N PHE B 103 -9.27 -12.33 -35.45
CA PHE B 103 -8.56 -13.32 -36.23
C PHE B 103 -8.91 -14.77 -35.88
N GLY B 104 -9.73 -15.00 -34.87
CA GLY B 104 -10.11 -16.35 -34.53
C GLY B 104 -8.90 -17.19 -34.14
N ASP B 105 -8.84 -18.40 -34.66
CA ASP B 105 -7.76 -19.35 -34.35
C ASP B 105 -6.39 -18.89 -34.82
N SER B 106 -6.30 -17.77 -35.54
CA SER B 106 -5.00 -17.30 -36.01
C SER B 106 -4.24 -16.50 -34.96
N VAL B 107 -4.85 -16.22 -33.81
CA VAL B 107 -4.18 -15.59 -32.68
C VAL B 107 -4.21 -16.56 -31.51
N ALA B 108 -3.08 -16.65 -30.80
CA ALA B 108 -2.96 -17.54 -29.67
C ALA B 108 -2.07 -16.90 -28.61
N LEU B 109 -2.38 -17.16 -27.36
CA LEU B 109 -1.56 -16.72 -26.24
C LEU B 109 -0.48 -17.74 -25.95
N PHE B 110 0.74 -17.24 -25.71
CA PHE B 110 1.86 -18.06 -25.25
C PHE B 110 1.96 -17.90 -23.73
N PRO B 111 1.49 -18.86 -22.94
CA PRO B 111 1.35 -18.62 -21.50
C PRO B 111 2.69 -18.60 -20.77
N SER B 112 2.66 -18.02 -19.58
CA SER B 112 3.82 -17.97 -18.71
C SER B 112 3.75 -19.07 -17.65
N TRP B 113 4.92 -19.51 -17.22
CA TRP B 113 5.00 -20.43 -16.10
C TRP B 113 4.42 -19.78 -14.85
N GLU B 114 3.74 -20.59 -14.04
CA GLU B 114 3.33 -20.12 -12.72
C GLU B 114 4.47 -20.18 -11.71
N THR B 115 5.52 -20.92 -12.02
CA THR B 115 6.71 -20.98 -11.21
C THR B 115 7.85 -20.26 -11.92
N LEU B 116 8.99 -20.17 -11.25
CA LEU B 116 10.15 -19.48 -11.79
C LEU B 116 11.21 -20.51 -12.21
N PRO B 117 12.08 -20.16 -13.17
CA PRO B 117 12.87 -21.19 -13.88
C PRO B 117 13.63 -22.16 -12.97
N HIS B 118 14.07 -21.73 -11.80
CA HIS B 118 14.84 -22.61 -10.91
C HIS B 118 14.12 -22.87 -9.59
N GLU B 119 12.83 -22.57 -9.50
CA GLU B 119 12.04 -22.95 -8.34
C GLU B 119 11.78 -24.46 -8.38
N ARG B 120 12.08 -25.14 -7.28
CA ARG B 120 11.90 -26.59 -7.22
C ARG B 120 10.42 -26.93 -7.13
N LEU B 121 9.65 -26.56 -8.14
CA LEU B 121 8.22 -26.82 -8.19
C LEU B 121 7.79 -26.71 -9.65
N SER B 122 7.28 -27.81 -10.21
CA SER B 122 6.98 -27.83 -11.63
C SER B 122 5.78 -26.92 -11.93
N PRO B 123 5.79 -26.25 -13.08
CA PRO B 123 4.63 -25.43 -13.47
C PRO B 123 3.44 -26.28 -13.86
N GLY B 124 2.32 -25.61 -14.10
CA GLY B 124 1.11 -26.30 -14.48
C GLY B 124 1.28 -27.09 -15.77
N VAL B 125 0.58 -28.23 -15.84
CA VAL B 125 0.73 -29.08 -17.01
C VAL B 125 -0.13 -28.58 -18.16
N GLU B 126 -1.21 -27.85 -17.88
CA GLU B 126 -1.97 -27.21 -18.95
C GLU B 126 -1.15 -26.12 -19.63
N THR B 127 -0.38 -25.36 -18.85
CA THR B 127 0.44 -24.31 -19.43
C THR B 127 1.60 -24.88 -20.23
N VAL B 128 2.22 -25.95 -19.73
CA VAL B 128 3.27 -26.60 -20.51
C VAL B 128 2.72 -27.09 -21.83
N GLY B 129 1.54 -27.70 -21.81
CA GLY B 129 0.94 -28.18 -23.04
C GLY B 129 0.67 -27.05 -24.02
N ALA B 130 0.10 -25.94 -23.53
CA ALA B 130 -0.19 -24.81 -24.40
C ALA B 130 1.09 -24.19 -24.95
N ARG B 131 2.15 -24.12 -24.14
CA ARG B 131 3.41 -23.57 -24.61
C ARG B 131 3.99 -24.43 -25.74
N LEU B 132 4.02 -25.75 -25.54
CA LEU B 132 4.65 -26.62 -26.52
C LEU B 132 3.78 -26.82 -27.75
N MET B 133 2.47 -26.65 -27.61
CA MET B 133 1.59 -26.68 -28.78
C MET B 133 1.79 -25.45 -29.64
N LEU B 134 2.01 -24.29 -29.01
CA LEU B 134 2.18 -23.06 -29.78
C LEU B 134 3.53 -23.03 -30.48
N LEU B 135 4.57 -23.59 -29.86
CA LEU B 135 5.86 -23.65 -30.52
C LEU B 135 5.81 -24.59 -31.73
N ARG B 136 4.92 -25.58 -31.70
CA ARG B 136 4.78 -26.49 -32.84
C ARG B 136 3.95 -25.87 -33.95
N ARG B 137 2.91 -25.09 -33.60
CA ARG B 137 2.19 -24.34 -34.61
C ARG B 137 3.11 -23.35 -35.33
N LEU B 138 4.16 -22.88 -34.66
CA LEU B 138 5.07 -21.94 -35.28
C LEU B 138 6.05 -22.61 -36.23
N ALA B 139 6.45 -23.85 -35.93
CA ALA B 139 7.31 -24.59 -36.84
C ALA B 139 6.54 -25.31 -37.93
N ARG B 140 5.24 -25.53 -37.73
CA ARG B 140 4.36 -26.19 -38.70
C ARG B 140 3.14 -25.31 -38.93
N PRO B 141 3.30 -24.20 -39.67
CA PRO B 141 2.21 -23.22 -39.75
C PRO B 141 0.99 -23.72 -40.51
N ASP B 142 1.17 -24.53 -41.55
CA ASP B 142 0.05 -24.97 -42.36
C ASP B 142 -0.36 -26.41 -42.05
N ASP B 143 -0.02 -26.89 -40.86
CA ASP B 143 -0.55 -28.16 -40.36
C ASP B 143 -1.93 -27.90 -39.76
N GLU B 144 -2.97 -28.29 -40.48
CA GLU B 144 -4.33 -27.97 -40.06
C GLU B 144 -4.74 -28.73 -38.80
N THR B 145 -4.04 -29.80 -38.43
CA THR B 145 -4.41 -30.57 -37.26
C THR B 145 -4.12 -29.82 -35.96
N LEU B 146 -3.22 -28.82 -36.00
CA LEU B 146 -2.92 -28.03 -34.81
C LEU B 146 -3.76 -26.77 -34.73
N GLY B 147 -4.19 -26.24 -35.86
CA GLY B 147 -5.00 -25.04 -35.88
C GLY B 147 -4.67 -24.22 -37.10
N ALA B 148 -5.31 -23.06 -37.18
CA ALA B 148 -5.10 -22.14 -38.29
C ALA B 148 -3.68 -21.57 -38.24
N PRO B 149 -3.17 -21.09 -39.37
CA PRO B 149 -1.85 -20.44 -39.35
C PRO B 149 -1.86 -19.21 -38.47
N LEU B 150 -0.81 -19.07 -37.66
CA LEU B 150 -0.78 -18.05 -36.63
C LEU B 150 -0.46 -16.68 -37.23
N ARG B 151 -1.32 -15.71 -36.93
CA ARG B 151 -1.09 -14.32 -37.30
C ARG B 151 -0.48 -13.51 -36.16
N VAL B 152 -1.05 -13.58 -34.96
CA VAL B 152 -0.56 -12.85 -33.81
C VAL B 152 -0.31 -13.84 -32.67
N VAL B 153 0.87 -13.78 -32.08
CA VAL B 153 1.19 -14.50 -30.85
C VAL B 153 1.24 -13.49 -29.72
N VAL B 154 0.38 -13.67 -28.71
CA VAL B 154 0.37 -12.83 -27.51
C VAL B 154 1.15 -13.54 -26.42
N THR B 155 1.85 -12.79 -25.58
CA THR B 155 2.64 -13.37 -24.51
C THR B 155 2.87 -12.32 -23.43
N THR B 156 3.56 -12.75 -22.37
CA THR B 156 3.92 -11.91 -21.24
C THR B 156 5.43 -11.68 -21.24
N THR B 157 5.86 -10.68 -20.46
CA THR B 157 7.29 -10.42 -20.37
C THR B 157 8.04 -11.57 -19.72
N ARG B 158 7.36 -12.44 -18.97
CA ARG B 158 8.03 -13.61 -18.43
C ARG B 158 8.41 -14.59 -19.54
N SER B 159 7.44 -15.04 -20.33
CA SER B 159 7.73 -15.97 -21.41
C SER B 159 8.68 -15.36 -22.45
N LEU B 160 8.62 -14.05 -22.64
CA LEU B 160 9.57 -13.38 -23.51
C LEU B 160 11.00 -13.51 -22.98
N LEU B 161 11.18 -13.28 -21.68
CA LEU B 161 12.52 -13.31 -21.09
C LEU B 161 13.00 -14.71 -20.76
N GLN B 162 12.10 -15.67 -20.58
CA GLN B 162 12.51 -17.00 -20.13
C GLN B 162 13.06 -17.82 -21.29
N PRO B 163 14.33 -18.18 -21.28
CA PRO B 163 14.85 -19.04 -22.35
C PRO B 163 14.30 -20.45 -22.27
N MET B 164 14.42 -21.16 -23.38
CA MET B 164 13.95 -22.54 -23.48
C MET B 164 15.00 -23.34 -24.24
N ALA B 165 14.75 -24.63 -24.36
CA ALA B 165 15.66 -25.46 -25.13
C ALA B 165 15.31 -25.39 -26.61
N PRO B 166 16.32 -25.36 -27.49
CA PRO B 166 16.02 -25.28 -28.93
C PRO B 166 15.35 -26.52 -29.47
N ASP B 167 15.60 -27.69 -28.89
CA ASP B 167 15.07 -28.94 -29.41
C ASP B 167 13.66 -29.24 -28.93
N LEU B 168 13.09 -28.42 -28.04
CA LEU B 168 11.81 -28.78 -27.43
C LEU B 168 10.69 -28.82 -28.46
N VAL B 169 10.78 -28.03 -29.54
CA VAL B 169 9.81 -28.15 -30.61
C VAL B 169 10.06 -29.37 -31.47
N ASP B 170 11.26 -29.94 -31.42
CA ASP B 170 11.61 -31.11 -32.22
C ASP B 170 11.15 -32.42 -31.60
N ILE B 171 10.43 -32.39 -30.48
CA ILE B 171 9.89 -33.62 -29.90
C ILE B 171 8.60 -33.97 -30.61
N GLU B 172 8.55 -35.16 -31.20
CA GLU B 172 7.37 -35.59 -31.93
C GLU B 172 6.27 -35.98 -30.96
N PRO B 173 5.08 -35.41 -31.06
CA PRO B 173 3.96 -35.81 -30.19
C PRO B 173 3.37 -37.12 -30.68
N VAL B 174 2.32 -37.55 -29.99
CA VAL B 174 1.57 -38.74 -30.35
C VAL B 174 0.32 -38.30 -31.10
N THR B 175 0.26 -38.57 -32.39
CA THR B 175 -0.90 -38.25 -33.20
C THR B 175 -1.83 -39.45 -33.24
N LEU B 176 -3.10 -39.23 -32.87
CA LEU B 176 -4.09 -40.29 -32.80
C LEU B 176 -5.32 -39.87 -33.60
N SER B 177 -5.61 -40.59 -34.68
CA SER B 177 -6.80 -40.35 -35.47
C SER B 177 -7.42 -41.69 -35.84
N VAL B 178 -8.72 -41.65 -36.13
CA VAL B 178 -9.44 -42.86 -36.49
C VAL B 178 -8.87 -43.44 -37.78
N GLY B 179 -8.58 -44.74 -37.76
CA GLY B 179 -8.07 -45.42 -38.93
C GLY B 179 -6.57 -45.44 -39.09
N ALA B 180 -5.82 -44.95 -38.11
CA ALA B 180 -4.37 -44.94 -38.22
C ALA B 180 -3.79 -46.28 -37.82
N GLU B 181 -2.62 -46.59 -38.37
CA GLU B 181 -1.91 -47.83 -38.09
C GLU B 181 -0.76 -47.54 -37.14
N MET B 182 -0.74 -48.24 -36.00
CA MET B 182 0.29 -48.07 -34.99
C MET B 182 0.24 -49.23 -34.01
N GLU B 183 1.40 -49.57 -33.46
CA GLU B 183 1.48 -50.60 -32.43
C GLU B 183 0.99 -50.04 -31.10
N PHE B 184 0.06 -50.77 -30.47
CA PHE B 184 -0.61 -50.25 -29.27
C PHE B 184 0.37 -50.00 -28.14
N GLU B 185 1.15 -51.02 -27.77
CA GLU B 185 2.07 -50.86 -26.65
C GLU B 185 3.23 -49.93 -26.99
N ASP B 186 3.46 -49.64 -28.28
CA ASP B 186 4.44 -48.62 -28.64
C ASP B 186 3.93 -47.23 -28.29
N VAL B 187 2.62 -46.99 -28.45
CA VAL B 187 2.03 -45.71 -28.08
C VAL B 187 2.16 -45.49 -26.58
N VAL B 188 2.02 -46.56 -25.79
CA VAL B 188 2.07 -46.43 -24.34
C VAL B 188 3.47 -46.04 -23.89
N ALA B 189 4.49 -46.71 -24.43
CA ALA B 189 5.86 -46.38 -24.05
C ALA B 189 6.26 -44.99 -24.52
N ARG B 190 5.71 -44.54 -25.66
CA ARG B 190 6.00 -43.21 -26.16
C ARG B 190 5.33 -42.13 -25.30
N LEU B 191 4.11 -42.41 -24.83
CA LEU B 191 3.46 -41.49 -23.90
C LEU B 191 4.23 -41.39 -22.59
N VAL B 192 4.77 -42.51 -22.12
CA VAL B 192 5.61 -42.48 -20.92
C VAL B 192 6.81 -41.57 -21.13
N ASP B 193 7.43 -41.64 -22.31
CA ASP B 193 8.56 -40.78 -22.61
C ASP B 193 8.16 -39.31 -22.73
N LEU B 194 6.90 -39.03 -23.06
CA LEU B 194 6.38 -37.67 -23.07
C LEU B 194 5.93 -37.20 -21.68
N SER B 195 6.31 -37.92 -20.62
CA SER B 195 5.94 -37.59 -19.24
C SER B 195 4.43 -37.65 -19.02
N TYR B 196 3.78 -38.65 -19.63
CA TYR B 196 2.42 -39.00 -19.26
C TYR B 196 2.46 -40.04 -18.15
N THR B 197 1.60 -39.87 -17.14
CA THR B 197 1.61 -40.72 -15.97
C THR B 197 0.55 -41.82 -16.13
N ARG B 198 1.01 -43.08 -16.08
CA ARG B 198 0.11 -44.22 -16.16
C ARG B 198 -0.70 -44.33 -14.87
N VAL B 199 -2.01 -44.52 -15.00
CA VAL B 199 -2.90 -44.60 -13.85
C VAL B 199 -3.94 -45.69 -14.09
N ASP B 200 -4.57 -46.13 -13.00
CA ASP B 200 -5.70 -47.04 -13.11
C ASP B 200 -6.90 -46.36 -13.77
N MET B 201 -6.99 -45.03 -13.68
CA MET B 201 -8.20 -44.31 -14.05
C MET B 201 -7.82 -42.86 -14.26
N VAL B 202 -8.14 -42.30 -15.43
CA VAL B 202 -7.74 -40.93 -15.72
C VAL B 202 -8.65 -39.96 -14.96
N GLY B 203 -8.04 -38.94 -14.39
CA GLY B 203 -8.78 -37.94 -13.63
C GLY B 203 -8.30 -36.53 -13.90
N LYS B 204 -7.10 -36.39 -14.45
CA LYS B 204 -6.56 -35.09 -14.80
C LYS B 204 -5.65 -35.22 -16.00
N ARG B 205 -5.25 -34.06 -16.55
CA ARG B 205 -4.46 -34.03 -17.77
C ARG B 205 -3.06 -34.57 -17.53
N GLY B 206 -2.53 -35.27 -18.53
CA GLY B 206 -1.23 -35.89 -18.40
C GLY B 206 -1.25 -37.30 -17.89
N GLU B 207 -2.43 -37.92 -17.81
CA GLU B 207 -2.59 -39.29 -17.34
C GLU B 207 -3.14 -40.16 -18.48
N PHE B 208 -2.85 -41.45 -18.41
CA PHE B 208 -3.43 -42.40 -19.35
C PHE B 208 -3.63 -43.74 -18.66
N ALA B 209 -4.69 -44.44 -19.04
CA ALA B 209 -5.02 -45.76 -18.53
C ALA B 209 -5.14 -46.72 -19.70
N VAL B 210 -4.64 -47.94 -19.51
CA VAL B 210 -4.63 -48.95 -20.57
C VAL B 210 -5.60 -50.06 -20.17
N ARG B 211 -6.56 -50.35 -21.04
CA ARG B 211 -7.59 -51.33 -20.72
C ARG B 211 -7.55 -52.50 -21.70
N GLY B 212 -6.36 -53.04 -21.94
CA GLY B 212 -6.21 -54.15 -22.86
C GLY B 212 -6.38 -53.75 -24.31
N GLY B 213 -7.62 -53.46 -24.71
CA GLY B 213 -7.87 -52.99 -26.06
C GLY B 213 -8.29 -51.54 -26.12
N ILE B 214 -8.36 -50.89 -24.96
CA ILE B 214 -8.82 -49.50 -24.85
C ILE B 214 -7.70 -48.67 -24.24
N LEU B 215 -7.56 -47.43 -24.73
CA LEU B 215 -6.60 -46.49 -24.17
C LEU B 215 -7.33 -45.19 -23.87
N ASP B 216 -7.35 -44.81 -22.59
CA ASP B 216 -7.86 -43.51 -22.17
C ASP B 216 -6.67 -42.59 -21.94
N VAL B 217 -6.72 -41.39 -22.52
CA VAL B 217 -5.66 -40.40 -22.35
C VAL B 217 -6.28 -39.02 -22.24
N PHE B 218 -5.58 -38.13 -21.54
CA PHE B 218 -6.05 -36.76 -21.30
C PHE B 218 -4.91 -35.82 -21.67
N PRO B 219 -4.84 -35.37 -22.92
CA PRO B 219 -3.77 -34.47 -23.31
C PRO B 219 -3.87 -33.16 -22.56
N PRO B 220 -2.74 -32.53 -22.25
CA PRO B 220 -2.77 -31.30 -21.42
C PRO B 220 -3.48 -30.14 -22.09
N THR B 221 -3.73 -30.21 -23.39
CA THR B 221 -4.39 -29.14 -24.12
C THR B 221 -5.85 -29.45 -24.45
N ALA B 222 -6.31 -30.65 -24.18
CA ALA B 222 -7.65 -31.07 -24.57
C ALA B 222 -8.68 -30.64 -23.54
N GLU B 223 -9.88 -30.34 -24.02
CA GLU B 223 -10.98 -30.01 -23.12
C GLU B 223 -11.44 -31.25 -22.36
N HIS B 224 -11.64 -32.35 -23.06
CA HIS B 224 -12.04 -33.62 -22.48
C HIS B 224 -10.99 -34.68 -22.76
N PRO B 225 -10.93 -35.74 -21.96
CA PRO B 225 -10.11 -36.89 -22.32
C PRO B 225 -10.75 -37.68 -23.45
N VAL B 226 -9.91 -38.45 -24.15
CA VAL B 226 -10.35 -39.22 -25.31
C VAL B 226 -10.18 -40.71 -25.00
N ARG B 227 -11.16 -41.50 -25.42
CA ARG B 227 -11.14 -42.96 -25.28
C ARG B 227 -10.84 -43.56 -26.65
N VAL B 228 -9.70 -44.23 -26.75
CA VAL B 228 -9.18 -44.73 -28.02
C VAL B 228 -9.44 -46.24 -28.08
N GLU B 229 -10.45 -46.63 -28.86
CA GLU B 229 -10.78 -48.04 -29.06
C GLU B 229 -9.95 -48.58 -30.22
N PHE B 230 -9.18 -49.63 -29.96
CA PHE B 230 -8.29 -50.20 -30.96
C PHE B 230 -9.00 -51.33 -31.72
N TRP B 231 -8.28 -51.92 -32.67
CA TRP B 231 -8.77 -53.07 -33.43
C TRP B 231 -7.62 -53.72 -34.18
N GLY B 232 -7.03 -54.77 -33.59
CA GLY B 232 -5.84 -55.39 -34.15
C GLY B 232 -4.62 -54.54 -33.91
N ASP B 233 -4.18 -53.82 -34.95
CA ASP B 233 -3.14 -52.82 -34.82
C ASP B 233 -3.57 -51.48 -35.42
N GLU B 234 -4.87 -51.24 -35.49
CA GLU B 234 -5.44 -50.02 -36.05
C GLU B 234 -6.45 -49.45 -35.07
N ILE B 235 -6.55 -48.13 -35.03
CA ILE B 235 -7.50 -47.46 -34.15
C ILE B 235 -8.89 -47.53 -34.77
N SER B 236 -9.81 -48.16 -34.05
CA SER B 236 -11.17 -48.33 -34.53
C SER B 236 -12.05 -47.13 -34.21
N GLU B 237 -12.06 -46.70 -32.95
CA GLU B 237 -12.94 -45.63 -32.52
C GLU B 237 -12.22 -44.72 -31.53
N MET B 238 -12.58 -43.45 -31.58
CA MET B 238 -12.17 -42.47 -30.58
C MET B 238 -13.41 -41.68 -30.16
N ARG B 239 -13.53 -41.43 -28.87
CA ARG B 239 -14.69 -40.69 -28.36
C ARG B 239 -14.32 -40.06 -27.04
N ALA B 240 -14.93 -38.91 -26.76
CA ALA B 240 -14.66 -38.17 -25.55
C ALA B 240 -15.52 -38.68 -24.40
N PHE B 241 -14.98 -38.61 -23.19
CA PHE B 241 -15.69 -39.04 -21.99
C PHE B 241 -15.38 -38.09 -20.85
N ALA B 242 -16.34 -37.98 -19.93
CA ALA B 242 -16.18 -37.14 -18.75
C ALA B 242 -15.34 -37.84 -17.68
N ILE B 243 -14.87 -37.07 -16.72
CA ILE B 243 -14.06 -37.62 -15.63
C ILE B 243 -14.94 -38.14 -14.50
N ALA B 244 -16.06 -37.46 -14.23
CA ALA B 244 -16.88 -37.81 -13.07
C ALA B 244 -17.46 -39.21 -13.17
N ASP B 245 -17.78 -39.67 -14.37
CA ASP B 245 -18.40 -40.98 -14.55
C ASP B 245 -17.69 -41.87 -15.56
N GLN B 246 -16.66 -41.36 -16.23
CA GLN B 246 -15.88 -42.09 -17.25
C GLN B 246 -16.74 -42.59 -18.40
N ARG B 247 -17.96 -42.08 -18.55
CA ARG B 247 -18.83 -42.47 -19.65
C ARG B 247 -18.60 -41.55 -20.85
N SER B 248 -18.69 -42.13 -22.05
CA SER B 248 -18.59 -41.35 -23.27
C SER B 248 -19.71 -40.31 -23.32
N ILE B 249 -19.40 -39.17 -23.93
CA ILE B 249 -20.36 -38.07 -24.07
C ILE B 249 -20.91 -38.11 -25.49
N PRO B 250 -22.23 -38.22 -25.67
CA PRO B 250 -22.78 -38.41 -27.01
C PRO B 250 -22.82 -37.12 -27.82
N GLU B 251 -22.79 -37.31 -29.14
CA GLU B 251 -22.98 -36.24 -30.12
C GLU B 251 -21.84 -35.23 -30.11
N VAL B 252 -20.82 -35.43 -29.27
CA VAL B 252 -19.64 -34.57 -29.29
C VAL B 252 -18.51 -35.36 -29.94
N PRO B 253 -18.31 -35.22 -31.25
CA PRO B 253 -17.36 -36.09 -31.95
C PRO B 253 -15.93 -35.60 -31.79
N VAL B 254 -15.00 -36.48 -32.15
CA VAL B 254 -13.58 -36.17 -32.15
C VAL B 254 -13.07 -36.34 -33.58
N GLN B 255 -12.10 -35.50 -33.95
CA GLN B 255 -11.47 -35.62 -35.25
C GLN B 255 -10.13 -36.31 -35.09
N THR B 256 -9.18 -35.61 -34.46
CA THR B 256 -7.87 -36.18 -34.17
C THR B 256 -7.29 -35.44 -32.97
N VAL B 257 -6.62 -36.17 -32.09
CA VAL B 257 -6.01 -35.61 -30.89
C VAL B 257 -4.49 -35.64 -31.07
N VAL B 258 -3.82 -34.58 -30.60
CA VAL B 258 -2.38 -34.46 -30.67
C VAL B 258 -1.86 -34.42 -29.25
N ALA B 259 -1.16 -35.48 -28.83
CA ALA B 259 -0.70 -35.62 -27.45
C ALA B 259 0.66 -34.97 -27.33
N VAL B 260 0.65 -33.68 -27.01
CA VAL B 260 1.88 -32.91 -26.78
C VAL B 260 2.52 -33.41 -25.50
N PRO B 261 3.82 -33.16 -25.27
CA PRO B 261 4.42 -33.55 -23.99
C PRO B 261 3.77 -32.82 -22.82
N CYS B 262 4.10 -33.29 -21.62
CA CYS B 262 3.54 -32.73 -20.40
C CYS B 262 4.60 -32.03 -19.55
N ARG B 263 5.88 -32.17 -19.89
CA ARG B 263 6.95 -31.44 -19.24
C ARG B 263 7.90 -30.89 -20.28
N GLU B 264 8.65 -29.87 -19.90
CA GLU B 264 9.66 -29.28 -20.78
C GLU B 264 11.03 -29.92 -20.59
N LEU B 265 11.14 -30.92 -19.71
CA LEU B 265 12.33 -31.76 -19.59
C LEU B 265 11.89 -33.20 -19.83
N LEU B 266 12.31 -33.76 -20.96
CA LEU B 266 11.91 -35.12 -21.32
C LEU B 266 12.95 -36.11 -20.82
N MET B 267 12.48 -37.26 -20.35
CA MET B 267 13.35 -38.28 -19.79
C MET B 267 13.98 -39.10 -20.90
N THR B 268 15.31 -39.09 -20.97
CA THR B 268 16.08 -39.88 -21.93
C THR B 268 17.23 -40.54 -21.19
N ASP B 269 18.07 -41.26 -21.95
CA ASP B 269 19.18 -41.96 -21.34
C ASP B 269 20.24 -40.98 -20.82
N ASP B 270 20.44 -39.86 -21.54
CA ASP B 270 21.46 -38.91 -21.13
C ASP B 270 21.09 -38.23 -19.81
N VAL B 271 19.81 -37.93 -19.61
CA VAL B 271 19.42 -37.22 -18.39
C VAL B 271 19.49 -38.15 -17.18
N ARG B 272 19.30 -39.45 -17.38
CA ARG B 272 19.42 -40.39 -16.27
C ARG B 272 20.88 -40.58 -15.87
N GLU B 273 21.78 -40.63 -16.84
CA GLU B 273 23.20 -40.72 -16.53
C GLU B 273 23.67 -39.46 -15.81
N ARG B 274 23.26 -38.29 -16.29
CA ARG B 274 23.64 -37.05 -15.61
C ARG B 274 22.96 -36.94 -14.25
N ALA B 275 21.76 -37.50 -14.10
CA ALA B 275 21.11 -37.53 -12.79
C ALA B 275 21.86 -38.47 -11.85
N ALA B 276 22.28 -39.64 -12.34
CA ALA B 276 23.06 -40.54 -11.51
C ALA B 276 24.38 -39.90 -11.10
N ALA B 277 25.00 -39.15 -12.01
CA ALA B 277 26.23 -38.44 -11.68
C ALA B 277 25.99 -37.41 -10.58
N LEU B 278 24.86 -36.70 -10.65
CA LEU B 278 24.50 -35.79 -9.57
C LEU B 278 24.15 -36.55 -8.29
N ALA B 279 23.56 -37.75 -8.42
CA ALA B 279 23.21 -38.55 -7.26
C ALA B 279 24.44 -39.06 -6.52
N ALA B 280 25.57 -39.19 -7.21
CA ALA B 280 26.79 -39.64 -6.54
C ALA B 280 27.28 -38.60 -5.54
N GLU B 281 27.17 -37.31 -5.88
CA GLU B 281 27.57 -36.25 -4.96
C GLU B 281 26.57 -36.05 -3.83
N HIS B 282 25.36 -36.58 -3.96
CA HIS B 282 24.31 -36.46 -2.94
C HIS B 282 23.73 -37.85 -2.71
N PRO B 283 24.38 -38.66 -1.88
CA PRO B 283 23.94 -40.05 -1.73
C PRO B 283 22.64 -40.16 -0.94
N THR B 284 21.77 -41.07 -1.38
CA THR B 284 20.55 -41.42 -0.68
C THR B 284 20.73 -42.61 0.27
N THR B 285 21.97 -42.88 0.67
CA THR B 285 22.25 -44.00 1.57
C THR B 285 21.78 -43.76 3.00
N GLU B 286 21.43 -42.52 3.35
CA GLU B 286 20.99 -42.23 4.71
C GLU B 286 19.63 -42.82 5.03
N ASN B 287 18.84 -43.18 4.01
CA ASN B 287 17.50 -43.74 4.18
C ASN B 287 16.63 -42.80 5.02
N THR B 288 16.55 -41.55 4.59
CA THR B 288 15.83 -40.53 5.34
C THR B 288 15.49 -39.38 4.40
N VAL B 289 15.11 -38.25 5.00
CA VAL B 289 14.75 -36.98 4.35
C VAL B 289 14.04 -37.16 3.02
N PRO B 290 12.85 -37.77 2.99
CA PRO B 290 12.14 -37.89 1.70
C PRO B 290 11.62 -36.55 1.22
N GLY B 291 11.63 -36.39 -0.11
CA GLY B 291 11.26 -35.11 -0.69
C GLY B 291 12.39 -34.12 -0.81
N THR B 292 13.63 -34.53 -0.54
CA THR B 292 14.78 -33.65 -0.66
C THR B 292 15.39 -33.78 -2.05
N VAL B 293 16.57 -33.20 -2.24
CA VAL B 293 17.29 -33.27 -3.50
C VAL B 293 17.79 -34.69 -3.76
N PRO B 294 18.44 -35.38 -2.80
CA PRO B 294 18.90 -36.75 -3.10
C PRO B 294 17.78 -37.70 -3.47
N ASP B 295 16.61 -37.59 -2.82
CA ASP B 295 15.46 -38.39 -3.21
C ASP B 295 14.97 -38.02 -4.60
N MET B 296 15.07 -36.74 -4.96
CA MET B 296 14.69 -36.30 -6.30
C MET B 296 15.68 -36.82 -7.34
N LEU B 297 16.98 -36.71 -7.06
CA LEU B 297 17.97 -37.19 -8.02
C LEU B 297 17.95 -38.72 -8.13
N ALA B 298 17.67 -39.41 -7.03
CA ALA B 298 17.62 -40.87 -7.08
C ALA B 298 16.46 -41.37 -7.93
N LYS B 299 15.28 -40.75 -7.77
CA LYS B 299 14.15 -41.10 -8.62
C LYS B 299 14.38 -40.68 -10.07
N LEU B 300 15.21 -39.67 -10.29
CA LEU B 300 15.58 -39.29 -11.65
C LEU B 300 16.55 -40.28 -12.26
N ALA B 301 17.42 -40.88 -11.44
CA ALA B 301 18.35 -41.89 -11.95
C ALA B 301 17.60 -43.12 -12.45
N GLU B 302 16.54 -43.51 -11.77
CA GLU B 302 15.71 -44.62 -12.21
C GLU B 302 14.78 -44.24 -13.36
N GLY B 303 14.90 -43.03 -13.88
CA GLY B 303 14.17 -42.63 -15.08
C GLY B 303 12.72 -42.25 -14.87
N ILE B 304 12.37 -41.78 -13.67
CA ILE B 304 10.99 -41.45 -13.33
C ILE B 304 10.91 -39.94 -13.08
N PRO B 305 10.01 -39.22 -13.75
CA PRO B 305 9.94 -37.77 -13.55
C PRO B 305 9.50 -37.40 -12.15
N VAL B 306 10.04 -36.27 -11.67
CA VAL B 306 9.71 -35.74 -10.36
C VAL B 306 9.29 -34.28 -10.52
N ASP B 307 8.50 -33.80 -9.57
CA ASP B 307 8.17 -32.39 -9.55
C ASP B 307 9.41 -31.56 -9.27
N GLY B 308 9.50 -30.40 -9.93
CA GLY B 308 10.63 -29.52 -9.77
C GLY B 308 11.88 -29.88 -10.55
N MET B 309 11.84 -30.94 -11.36
CA MET B 309 13.03 -31.33 -12.11
C MET B 309 13.35 -30.37 -13.25
N GLU B 310 12.36 -29.58 -13.71
CA GLU B 310 12.63 -28.59 -14.74
C GLU B 310 13.65 -27.57 -14.29
N ALA B 311 13.75 -27.34 -12.98
CA ALA B 311 14.73 -26.40 -12.43
C ALA B 311 16.16 -26.86 -12.64
N LEU B 312 16.39 -28.11 -13.00
CA LEU B 312 17.72 -28.64 -13.26
C LEU B 312 17.98 -28.86 -14.74
N LEU B 313 17.25 -28.17 -15.62
CA LEU B 313 17.51 -28.27 -17.05
C LEU B 313 18.94 -27.94 -17.43
N PRO B 314 19.59 -26.88 -16.91
CA PRO B 314 20.98 -26.62 -17.30
C PRO B 314 21.94 -27.74 -16.93
N LEU B 315 21.63 -28.51 -15.89
CA LEU B 315 22.50 -29.59 -15.44
C LEU B 315 22.11 -30.95 -16.00
N LEU B 316 20.81 -31.23 -16.13
CA LEU B 316 20.35 -32.54 -16.62
C LEU B 316 20.31 -32.63 -18.13
N HIS B 317 20.01 -31.53 -18.83
CA HIS B 317 19.96 -31.49 -20.29
C HIS B 317 20.76 -30.28 -20.76
N PRO B 318 22.09 -30.35 -20.70
CA PRO B 318 22.91 -29.20 -21.09
C PRO B 318 22.74 -28.89 -22.57
N ILE B 319 22.48 -27.60 -22.85
CA ILE B 319 22.13 -27.16 -24.19
C ILE B 319 22.29 -25.65 -24.21
N GLU B 320 22.56 -25.10 -25.38
CA GLU B 320 22.57 -23.66 -25.48
C GLU B 320 21.13 -23.18 -25.61
N PRO B 321 20.58 -22.50 -24.59
CA PRO B 321 19.17 -22.15 -24.62
C PRO B 321 18.87 -21.11 -25.68
N THR B 322 17.63 -21.14 -26.16
CA THR B 322 17.16 -20.21 -27.18
C THR B 322 16.12 -19.28 -26.56
N THR B 323 15.61 -18.36 -27.38
CA THR B 323 14.64 -17.38 -26.94
C THR B 323 13.32 -17.61 -27.66
N LEU B 324 12.25 -17.02 -27.13
CA LEU B 324 10.94 -17.17 -27.74
C LEU B 324 10.91 -16.57 -29.14
N THR B 325 11.55 -15.41 -29.32
CA THR B 325 11.53 -14.75 -30.63
C THR B 325 12.23 -15.59 -31.69
N ARG B 326 13.20 -16.42 -31.30
CA ARG B 326 13.87 -17.27 -32.28
C ARG B 326 12.87 -18.21 -32.97
N HIS B 327 11.79 -18.58 -32.28
CA HIS B 327 10.79 -19.45 -32.88
C HIS B 327 9.83 -18.72 -33.81
N LEU B 328 9.80 -17.39 -33.74
CA LEU B 328 8.88 -16.63 -34.58
C LEU B 328 9.20 -16.85 -36.05
N PRO B 329 8.21 -16.66 -36.93
CA PRO B 329 8.47 -16.73 -38.37
C PRO B 329 9.47 -15.66 -38.81
N GLU B 330 9.93 -15.80 -40.06
CA GLU B 330 11.00 -14.97 -40.57
C GLU B 330 10.59 -13.49 -40.58
N GLY B 331 11.38 -12.66 -39.89
CA GLY B 331 11.17 -11.24 -39.91
C GLY B 331 9.93 -10.75 -39.18
N ALA B 332 9.33 -11.60 -38.35
CA ALA B 332 8.17 -11.16 -37.60
C ALA B 332 8.59 -10.15 -36.53
N PRO B 333 7.97 -8.98 -36.48
CA PRO B 333 8.34 -7.98 -35.49
C PRO B 333 7.71 -8.25 -34.12
N VAL B 334 8.30 -7.65 -33.10
CA VAL B 334 7.83 -7.75 -31.72
C VAL B 334 7.27 -6.39 -31.33
N LEU B 335 6.01 -6.37 -30.90
CA LEU B 335 5.35 -5.15 -30.45
C LEU B 335 5.23 -5.19 -28.93
N VAL B 336 5.94 -4.30 -28.26
CA VAL B 336 5.96 -4.23 -26.80
C VAL B 336 4.96 -3.16 -26.36
N CYS B 337 3.97 -3.55 -25.56
CA CYS B 337 2.99 -2.62 -25.03
C CYS B 337 3.41 -2.16 -23.64
N ASP B 338 3.32 -0.84 -23.40
CA ASP B 338 3.73 -0.21 -22.15
C ASP B 338 5.16 -0.60 -21.82
N PRO B 339 6.13 -0.14 -22.61
CA PRO B 339 7.49 -0.71 -22.52
C PRO B 339 8.17 -0.45 -21.18
N GLU B 340 7.88 0.68 -20.53
CA GLU B 340 8.53 0.93 -19.25
C GLU B 340 7.91 0.12 -18.13
N LYS B 341 6.64 -0.28 -18.27
CA LYS B 341 6.06 -1.23 -17.33
C LYS B 341 6.63 -2.63 -17.56
N VAL B 342 6.91 -2.99 -18.81
CA VAL B 342 7.58 -4.25 -19.10
C VAL B 342 9.01 -4.22 -18.58
N ARG B 343 9.67 -3.07 -18.67
CA ARG B 343 11.03 -2.95 -18.17
C ARG B 343 11.09 -3.15 -16.65
N THR B 344 10.18 -2.50 -15.92
CA THR B 344 10.18 -2.66 -14.47
C THR B 344 9.77 -4.08 -14.07
N ARG B 345 8.75 -4.63 -14.74
CA ARG B 345 8.38 -6.01 -14.48
C ARG B 345 9.53 -6.96 -14.78
N ALA B 346 10.29 -6.68 -15.82
CA ALA B 346 11.47 -7.48 -16.13
C ALA B 346 12.47 -7.47 -14.98
N ALA B 347 12.65 -6.31 -14.34
CA ALA B 347 13.55 -6.23 -13.20
C ALA B 347 13.00 -7.02 -12.01
N ASP B 348 11.68 -6.96 -11.79
CA ASP B 348 11.06 -7.73 -10.72
C ASP B 348 11.27 -9.22 -10.94
N LEU B 349 10.99 -9.71 -12.16
CA LEU B 349 11.14 -11.13 -12.43
C LEU B 349 12.57 -11.61 -12.16
N ILE B 350 13.57 -10.83 -12.59
CA ILE B 350 14.96 -11.22 -12.38
C ILE B 350 15.27 -11.29 -10.89
N LYS B 351 14.82 -10.31 -10.12
CA LYS B 351 15.03 -10.32 -8.68
C LYS B 351 14.36 -11.54 -8.05
N THR B 352 13.09 -11.77 -8.39
CA THR B 352 12.37 -12.92 -7.86
C THR B 352 13.02 -14.23 -8.28
N GLY B 353 13.42 -14.34 -9.55
CA GLY B 353 14.03 -15.58 -10.03
C GLY B 353 15.35 -15.86 -9.34
N ARG B 354 16.17 -14.82 -9.12
CA ARG B 354 17.41 -15.01 -8.40
C ARG B 354 17.15 -15.45 -6.96
N GLU B 355 16.12 -14.86 -6.33
CA GLU B 355 15.76 -15.25 -4.98
C GLU B 355 15.38 -16.72 -4.91
N PHE B 356 14.56 -17.20 -5.86
CA PHE B 356 14.14 -18.60 -5.82
C PHE B 356 15.28 -19.55 -6.15
N LEU B 357 16.24 -19.10 -6.97
CA LEU B 357 17.39 -19.95 -7.28
C LEU B 357 18.29 -20.12 -6.06
N GLU B 358 18.62 -19.01 -5.39
CA GLU B 358 19.49 -19.07 -4.23
C GLU B 358 18.81 -19.71 -3.02
N ALA B 359 17.49 -19.88 -3.05
CA ALA B 359 16.74 -20.46 -1.95
C ALA B 359 16.45 -21.94 -2.15
N SER B 360 15.96 -22.32 -3.33
CA SER B 360 15.64 -23.72 -3.58
C SER B 360 16.88 -24.60 -3.64
N TRP B 361 18.04 -24.02 -3.94
CA TRP B 361 19.26 -24.80 -4.19
C TRP B 361 20.42 -24.30 -3.34
N SER B 362 20.14 -23.68 -2.20
CA SER B 362 21.20 -23.24 -1.32
C SER B 362 21.94 -24.43 -0.74
N THR B 363 23.17 -24.16 -0.29
CA THR B 363 23.99 -25.22 0.29
C THR B 363 23.35 -25.79 1.56
N ALA B 364 22.63 -24.95 2.32
CA ALA B 364 21.92 -25.44 3.49
C ALA B 364 20.70 -26.26 3.09
N ALA B 365 20.04 -25.87 1.99
CA ALA B 365 18.83 -26.58 1.57
C ALA B 365 19.15 -28.00 1.13
N VAL B 366 20.15 -28.16 0.26
CA VAL B 366 20.64 -29.47 -0.14
C VAL B 366 21.96 -29.69 0.59
N GLY B 367 21.89 -30.37 1.73
CA GLY B 367 23.05 -30.57 2.57
C GLY B 367 23.97 -31.69 2.10
N GLY B 368 24.13 -31.81 0.78
CA GLY B 368 25.01 -32.83 0.23
C GLY B 368 26.47 -32.53 0.49
N ASP B 369 27.31 -33.54 0.22
CA ASP B 369 28.75 -33.37 0.37
C ASP B 369 29.29 -32.32 -0.59
N ALA B 370 28.79 -32.31 -1.83
CA ALA B 370 29.26 -31.40 -2.87
C ALA B 370 28.21 -30.34 -3.18
N PRO B 371 28.64 -29.11 -3.48
CA PRO B 371 27.69 -28.05 -3.82
C PRO B 371 26.99 -28.35 -5.13
N ILE B 372 26.02 -27.51 -5.45
CA ILE B 372 25.09 -27.78 -6.53
C ILE B 372 25.30 -26.85 -7.73
N ASP B 373 26.36 -26.03 -7.71
CA ASP B 373 26.71 -25.15 -8.83
C ASP B 373 25.54 -24.26 -9.24
N LEU B 374 25.31 -23.19 -8.46
CA LEU B 374 24.17 -22.31 -8.69
C LEU B 374 24.30 -21.49 -9.97
N GLU B 375 25.53 -21.05 -10.28
CA GLU B 375 25.77 -20.13 -11.40
C GLU B 375 25.59 -20.83 -12.74
N ALA B 376 25.81 -22.14 -12.78
CA ALA B 376 25.49 -22.90 -13.99
C ALA B 376 24.00 -22.84 -14.29
N LEU B 377 23.17 -22.98 -13.26
CA LEU B 377 21.72 -22.89 -13.44
C LEU B 377 21.30 -21.49 -13.87
N GLY B 378 21.80 -20.47 -13.16
CA GLY B 378 21.44 -19.07 -13.42
C GLY B 378 21.62 -18.61 -14.86
N ALA B 379 22.29 -19.42 -15.70
CA ALA B 379 22.42 -19.07 -17.10
C ALA B 379 21.11 -19.23 -17.85
N SER B 380 20.26 -20.17 -17.44
CA SER B 380 18.97 -20.41 -18.08
C SER B 380 17.82 -19.67 -17.41
N GLY B 381 18.12 -18.71 -16.54
CA GLY B 381 17.09 -17.85 -15.97
C GLY B 381 16.73 -16.72 -16.91
N PHE B 382 15.85 -15.85 -16.44
CA PHE B 382 15.44 -14.69 -17.22
C PHE B 382 16.66 -13.90 -17.70
N VAL B 383 16.71 -13.65 -19.01
CA VAL B 383 17.66 -12.69 -19.57
C VAL B 383 17.12 -11.28 -19.35
N THR B 384 18.00 -10.30 -19.49
CA THR B 384 17.61 -8.91 -19.27
C THR B 384 16.60 -8.46 -20.33
N PHE B 385 16.02 -7.29 -20.10
CA PHE B 385 15.18 -6.67 -21.10
C PHE B 385 15.98 -6.36 -22.36
N GLU B 386 17.17 -5.76 -22.20
CA GLU B 386 17.97 -5.39 -23.36
C GLU B 386 18.46 -6.62 -24.12
N GLU B 387 18.84 -7.68 -23.40
CA GLU B 387 19.30 -8.90 -24.06
C GLU B 387 18.20 -9.51 -24.91
N ALA B 388 16.96 -9.47 -24.43
CA ALA B 388 15.83 -9.88 -25.26
C ALA B 388 15.74 -9.01 -26.50
N ARG B 389 15.82 -7.69 -26.32
CA ARG B 389 15.78 -6.77 -27.46
C ARG B 389 16.92 -7.04 -28.43
N GLU B 390 18.12 -7.28 -27.92
CA GLU B 390 19.25 -7.56 -28.79
C GLU B 390 19.07 -8.89 -29.52
N ALA B 391 18.63 -9.93 -28.80
CA ALA B 391 18.46 -11.23 -29.43
C ALA B 391 17.35 -11.22 -30.47
N ALA B 392 16.31 -10.41 -30.27
CA ALA B 392 15.26 -10.30 -31.28
C ALA B 392 15.78 -9.62 -32.55
N ARG B 393 16.53 -8.54 -32.38
CA ARG B 393 17.02 -7.80 -33.55
C ARG B 393 18.10 -8.58 -34.30
N GLU B 394 18.99 -9.26 -33.57
CA GLU B 394 20.01 -10.07 -34.23
C GLU B 394 19.40 -11.26 -34.96
N GLY B 395 18.18 -11.66 -34.61
CA GLY B 395 17.46 -12.72 -35.30
C GLY B 395 16.50 -12.23 -36.36
N GLY B 396 16.54 -10.95 -36.73
CA GLY B 396 15.68 -10.43 -37.77
C GLY B 396 14.32 -9.97 -37.32
N HIS B 397 14.14 -9.70 -36.03
CA HIS B 397 12.83 -9.30 -35.50
C HIS B 397 12.89 -7.88 -34.97
N PRO B 398 12.22 -6.93 -35.62
CA PRO B 398 12.22 -5.56 -35.11
C PRO B 398 11.60 -5.46 -33.73
N TRP B 399 12.01 -4.42 -33.01
CA TRP B 399 11.57 -4.15 -31.64
C TRP B 399 10.81 -2.83 -31.67
N TRP B 400 9.49 -2.89 -31.71
CA TRP B 400 8.65 -1.70 -31.78
C TRP B 400 7.94 -1.51 -30.45
N THR B 401 7.13 -0.46 -30.37
CA THR B 401 6.71 0.10 -29.09
C THR B 401 5.35 0.75 -29.21
N LEU B 402 4.49 0.49 -28.23
CA LEU B 402 3.20 1.19 -28.11
C LEU B 402 3.02 1.59 -26.65
N SER B 403 3.20 2.89 -26.38
CA SER B 403 3.10 3.43 -25.03
C SER B 403 1.92 4.39 -24.94
N GLN B 404 1.33 4.49 -23.76
CA GLN B 404 0.26 5.44 -23.53
C GLN B 404 0.75 6.76 -22.97
N LEU B 405 2.06 6.92 -22.80
CA LEU B 405 2.66 8.16 -22.34
C LEU B 405 3.33 8.84 -23.53
N SER B 406 3.05 10.14 -23.70
CA SER B 406 3.43 10.83 -24.92
C SER B 406 4.94 11.03 -25.01
N ASP B 407 5.44 11.00 -26.24
CA ASP B 407 6.86 11.20 -26.51
C ASP B 407 6.97 11.84 -27.89
N GLU B 408 7.53 13.05 -27.95
CA GLU B 408 7.63 13.76 -29.22
C GLU B 408 8.68 13.19 -30.15
N SER B 409 9.56 12.32 -29.66
CA SER B 409 10.44 11.55 -30.51
C SER B 409 9.74 10.34 -31.13
N ALA B 410 8.42 10.23 -30.94
CA ALA B 410 7.63 9.11 -31.40
C ALA B 410 6.56 9.57 -32.37
N VAL B 411 5.74 8.64 -32.82
CA VAL B 411 4.65 8.95 -33.74
C VAL B 411 3.34 8.76 -32.95
N GLU B 412 2.65 9.87 -32.69
CA GLU B 412 1.42 9.81 -31.93
C GLU B 412 0.26 9.49 -32.86
N LEU B 413 -0.64 8.64 -32.39
CA LEU B 413 -1.80 8.25 -33.18
C LEU B 413 -2.95 9.18 -32.90
N ASP B 414 -3.76 9.42 -33.94
CA ASP B 414 -4.99 10.20 -33.79
C ASP B 414 -6.09 9.31 -33.22
N ILE B 415 -5.81 8.78 -32.03
CA ILE B 415 -6.65 7.80 -31.37
C ILE B 415 -6.91 8.30 -29.96
N ARG B 416 -8.18 8.48 -29.61
CA ARG B 416 -8.58 8.95 -28.29
C ARG B 416 -9.33 7.86 -27.55
N SER B 417 -9.29 7.92 -26.22
CA SER B 417 -10.02 6.97 -25.40
C SER B 417 -11.52 7.24 -25.45
N ALA B 418 -12.29 6.17 -25.36
CA ALA B 418 -13.74 6.32 -25.33
C ALA B 418 -14.19 6.82 -23.96
N PRO B 419 -15.31 7.53 -23.90
CA PRO B 419 -15.84 7.95 -22.60
C PRO B 419 -16.31 6.76 -21.78
N SER B 420 -15.94 6.76 -20.50
CA SER B 420 -16.34 5.72 -19.57
C SER B 420 -17.44 6.23 -18.63
N ALA B 421 -18.18 5.29 -18.06
CA ALA B 421 -19.30 5.67 -17.19
C ALA B 421 -18.81 6.00 -15.79
N ARG B 422 -18.02 5.11 -15.19
CA ARG B 422 -17.52 5.29 -13.83
C ARG B 422 -18.67 5.45 -12.83
N GLY B 423 -19.77 4.75 -13.09
CA GLY B 423 -20.93 4.82 -12.21
C GLY B 423 -21.71 6.11 -12.29
N SER B 424 -21.62 6.84 -13.40
CA SER B 424 -22.31 8.11 -13.57
C SER B 424 -23.41 7.93 -14.61
N GLN B 425 -24.67 7.97 -14.15
CA GLN B 425 -25.79 7.88 -15.07
C GLN B 425 -25.84 9.09 -16.00
N HIS B 426 -25.33 10.24 -15.54
CA HIS B 426 -25.18 11.38 -16.43
C HIS B 426 -24.21 11.08 -17.56
N ASN B 427 -23.17 10.29 -17.29
CA ASN B 427 -22.29 9.82 -18.35
C ASN B 427 -22.95 8.73 -19.20
N LEU B 428 -24.00 8.09 -18.70
CA LEU B 428 -24.70 7.08 -19.49
C LEU B 428 -25.64 7.72 -20.51
N GLU B 429 -26.44 8.69 -20.06
CA GLU B 429 -27.37 9.35 -20.98
C GLU B 429 -26.65 10.31 -21.91
N GLU B 430 -25.56 10.93 -21.45
CA GLU B 430 -24.82 11.85 -22.32
C GLU B 430 -23.99 11.09 -23.35
N ILE B 431 -23.51 9.89 -23.00
CA ILE B 431 -22.87 9.04 -24.00
C ILE B 431 -23.90 8.61 -25.04
N PHE B 432 -25.12 8.32 -24.61
CA PHE B 432 -26.21 8.11 -25.56
C PHE B 432 -26.50 9.39 -26.33
N ALA B 433 -26.36 10.55 -25.68
CA ALA B 433 -26.55 11.82 -26.37
C ALA B 433 -25.43 12.10 -27.36
N MET B 434 -24.21 11.63 -27.07
CA MET B 434 -23.12 11.70 -28.04
C MET B 434 -23.47 10.85 -29.26
N LEU B 435 -23.33 9.52 -29.15
CA LEU B 435 -23.50 8.61 -30.26
C LEU B 435 -24.74 8.92 -31.10
N ARG B 436 -25.83 9.33 -30.43
CA ARG B 436 -27.01 9.79 -31.17
C ARG B 436 -26.70 11.01 -32.02
N ALA B 437 -25.81 11.88 -31.56
CA ALA B 437 -25.40 13.04 -32.35
C ALA B 437 -24.32 12.70 -33.36
N HIS B 438 -23.63 11.56 -33.19
CA HIS B 438 -22.63 11.16 -34.17
C HIS B 438 -23.29 10.64 -35.44
N VAL B 439 -24.20 9.66 -35.30
CA VAL B 439 -24.87 9.12 -36.47
C VAL B 439 -25.87 10.14 -37.03
N ALA B 440 -26.41 11.02 -36.19
CA ALA B 440 -27.17 12.15 -36.70
C ALA B 440 -26.30 13.09 -37.51
N THR B 441 -25.00 13.20 -37.15
CA THR B 441 -24.06 13.94 -37.98
C THR B 441 -23.71 13.17 -39.24
N GLY B 442 -23.83 11.85 -39.21
CA GLY B 442 -23.53 11.00 -40.35
C GLY B 442 -22.32 10.11 -40.21
N GLY B 443 -21.75 9.98 -39.01
CA GLY B 443 -20.57 9.17 -38.83
C GLY B 443 -20.89 7.72 -38.46
N TYR B 444 -19.85 6.89 -38.45
CA TYR B 444 -19.96 5.49 -38.09
C TYR B 444 -19.83 5.33 -36.58
N ALA B 445 -20.74 4.56 -35.98
CA ALA B 445 -20.73 4.34 -34.54
C ALA B 445 -21.20 2.92 -34.26
N ALA B 446 -20.38 2.14 -33.55
CA ALA B 446 -20.70 0.76 -33.22
C ALA B 446 -20.51 0.54 -31.71
N VAL B 447 -21.27 -0.40 -31.16
CA VAL B 447 -21.20 -0.74 -29.74
C VAL B 447 -20.99 -2.24 -29.62
N VAL B 448 -19.84 -2.63 -29.08
CA VAL B 448 -19.47 -4.04 -28.93
C VAL B 448 -19.92 -4.53 -27.56
N THR B 449 -20.58 -5.69 -27.53
CA THR B 449 -21.15 -6.22 -26.31
C THR B 449 -20.80 -7.70 -26.19
N PRO B 450 -20.31 -8.16 -25.04
CA PRO B 450 -19.91 -9.56 -24.91
C PRO B 450 -21.09 -10.49 -24.63
N GLY B 451 -22.03 -10.02 -23.83
CA GLY B 451 -23.11 -10.89 -23.39
C GLY B 451 -24.07 -11.24 -24.52
N ILE B 452 -24.46 -12.51 -24.55
CA ILE B 452 -25.41 -12.99 -25.56
C ILE B 452 -26.79 -12.43 -25.25
N GLY B 453 -27.32 -11.64 -26.17
CA GLY B 453 -28.67 -11.14 -26.06
C GLY B 453 -28.81 -9.86 -25.26
N THR B 454 -27.84 -9.51 -24.43
CA THR B 454 -27.92 -8.22 -23.74
C THR B 454 -27.64 -7.05 -24.67
N ALA B 455 -27.20 -7.31 -25.91
CA ALA B 455 -27.22 -6.29 -26.94
C ALA B 455 -28.64 -6.01 -27.43
N HIS B 456 -29.59 -6.90 -27.14
CA HIS B 456 -31.00 -6.59 -27.37
C HIS B 456 -31.54 -5.69 -26.27
N ARG B 457 -31.18 -5.98 -25.01
CA ARG B 457 -31.44 -5.05 -23.93
C ARG B 457 -30.85 -3.68 -24.24
N VAL B 458 -29.78 -3.65 -25.02
CA VAL B 458 -29.28 -2.41 -25.59
C VAL B 458 -30.34 -1.84 -26.51
N VAL B 459 -30.51 -2.43 -27.71
CA VAL B 459 -31.28 -1.81 -28.79
C VAL B 459 -32.68 -1.43 -28.32
N GLU B 460 -33.15 -2.05 -27.23
CA GLU B 460 -34.34 -1.56 -26.55
C GLU B 460 -34.06 -0.23 -25.85
N GLN B 461 -32.94 -0.16 -25.12
CA GLN B 461 -32.60 1.07 -24.39
C GLN B 461 -32.18 2.19 -25.33
N LEU B 462 -31.52 1.86 -26.46
CA LEU B 462 -31.26 2.88 -27.46
C LEU B 462 -32.54 3.53 -27.94
N GLY B 463 -33.59 2.71 -28.18
CA GLY B 463 -34.86 3.23 -28.66
C GLY B 463 -35.52 4.22 -27.74
N GLU B 464 -35.13 4.24 -26.46
CA GLU B 464 -35.66 5.25 -25.55
C GLU B 464 -35.22 6.65 -25.97
N ALA B 465 -34.00 6.77 -26.50
CA ALA B 465 -33.50 8.02 -27.04
C ALA B 465 -33.70 8.04 -28.55
N ASP B 466 -33.26 9.13 -29.19
CA ASP B 466 -33.30 9.24 -30.65
C ASP B 466 -32.37 8.19 -31.23
N THR B 467 -32.88 6.97 -31.32
CA THR B 467 -32.05 5.83 -31.66
C THR B 467 -31.79 5.75 -33.15
N ALA B 468 -30.73 5.01 -33.49
CA ALA B 468 -30.45 4.56 -34.84
C ALA B 468 -29.90 3.14 -34.75
N ALA B 469 -30.60 2.30 -33.99
CA ALA B 469 -30.08 1.04 -33.51
C ALA B 469 -30.47 -0.12 -34.43
N THR B 470 -29.46 -0.86 -34.90
CA THR B 470 -29.66 -2.12 -35.59
C THR B 470 -28.63 -3.11 -35.06
N ILE B 471 -28.90 -4.40 -35.27
CA ILE B 471 -28.03 -5.47 -34.83
C ILE B 471 -27.29 -6.01 -36.05
N LEU B 472 -25.96 -5.97 -36.01
CA LEU B 472 -25.17 -6.49 -37.10
C LEU B 472 -25.02 -8.00 -37.00
N GLU B 473 -24.98 -8.65 -38.16
CA GLU B 473 -24.57 -10.05 -38.18
C GLU B 473 -23.12 -10.15 -37.76
N PRO B 474 -22.75 -11.24 -37.09
CA PRO B 474 -21.34 -11.39 -36.67
C PRO B 474 -20.40 -11.42 -37.86
N GLY B 475 -19.68 -10.32 -38.09
CA GLY B 475 -18.66 -10.29 -39.11
C GLY B 475 -18.62 -9.02 -39.94
N THR B 476 -19.70 -8.24 -39.91
CA THR B 476 -19.83 -7.06 -40.74
C THR B 476 -19.61 -5.80 -39.92
N ALA B 477 -19.33 -4.67 -40.65
CA ALA B 477 -19.02 -3.32 -40.20
C ALA B 477 -20.27 -2.46 -40.16
N PRO B 478 -20.34 -1.50 -39.23
CA PRO B 478 -21.54 -0.65 -39.14
C PRO B 478 -21.65 0.30 -40.32
N LYS B 479 -22.87 0.76 -40.56
CA LYS B 479 -23.16 1.67 -41.65
C LYS B 479 -23.33 3.09 -41.14
N ALA B 480 -23.44 4.02 -42.07
CA ALA B 480 -23.61 5.42 -41.73
C ALA B 480 -25.01 5.68 -41.20
N GLY B 481 -25.12 6.67 -40.32
CA GLY B 481 -26.40 7.10 -39.79
C GLY B 481 -27.06 6.15 -38.82
N VAL B 482 -26.49 4.98 -38.58
CA VAL B 482 -27.05 4.01 -37.64
C VAL B 482 -25.99 3.66 -36.60
N VAL B 483 -26.43 3.47 -35.36
CA VAL B 483 -25.60 2.91 -34.31
C VAL B 483 -25.87 1.41 -34.29
N GLY B 484 -24.90 0.63 -34.77
CA GLY B 484 -25.05 -0.81 -34.86
C GLY B 484 -24.39 -1.50 -33.69
N VAL B 485 -25.14 -2.39 -33.05
CA VAL B 485 -24.64 -3.20 -31.94
C VAL B 485 -24.38 -4.60 -32.45
N LEU B 486 -23.43 -5.29 -31.81
CA LEU B 486 -23.02 -6.61 -32.23
C LEU B 486 -22.26 -7.29 -31.10
N LYS B 487 -22.24 -8.61 -31.14
CA LYS B 487 -21.49 -9.39 -30.17
C LYS B 487 -20.01 -9.41 -30.54
N GLY B 488 -19.16 -9.43 -29.51
CA GLY B 488 -17.73 -9.46 -29.72
C GLY B 488 -16.93 -9.23 -28.45
N PRO B 489 -15.68 -9.71 -28.45
CA PRO B 489 -14.81 -9.49 -27.30
C PRO B 489 -13.95 -8.24 -27.44
N LEU B 490 -14.26 -7.21 -26.66
CA LEU B 490 -13.51 -5.96 -26.69
C LEU B 490 -13.67 -5.29 -25.34
N CYS B 491 -12.55 -5.01 -24.67
CA CYS B 491 -12.61 -4.55 -23.28
C CYS B 491 -13.11 -3.12 -23.20
N SER B 492 -12.33 -2.18 -23.75
CA SER B 492 -12.67 -0.76 -23.73
C SER B 492 -12.78 -0.22 -25.14
N GLY B 493 -13.69 0.73 -25.33
CA GLY B 493 -13.93 1.31 -26.63
C GLY B 493 -12.87 2.31 -27.04
N VAL B 494 -12.96 2.76 -28.29
CA VAL B 494 -11.95 3.62 -28.88
C VAL B 494 -12.62 4.61 -29.82
N VAL B 495 -12.10 5.83 -29.85
CA VAL B 495 -12.63 6.90 -30.69
C VAL B 495 -11.57 7.25 -31.73
N LEU B 496 -11.95 7.25 -33.00
CA LEU B 496 -11.03 7.52 -34.11
C LEU B 496 -11.60 8.62 -34.99
N PRO B 497 -11.11 9.86 -34.86
CA PRO B 497 -11.63 10.94 -35.71
C PRO B 497 -11.20 10.82 -37.16
N GLY B 498 -10.05 10.21 -37.45
CA GLY B 498 -9.60 10.09 -38.81
C GLY B 498 -10.48 9.21 -39.68
N ALA B 499 -11.20 8.28 -39.06
CA ALA B 499 -12.12 7.40 -39.77
C ALA B 499 -13.58 7.68 -39.42
N ASN B 500 -13.84 8.75 -38.67
CA ASN B 500 -15.20 9.08 -38.21
C ASN B 500 -15.85 7.90 -37.49
N LEU B 501 -15.03 7.09 -36.84
CA LEU B 501 -15.47 5.88 -36.17
C LEU B 501 -15.40 6.08 -34.66
N VAL B 502 -16.46 5.65 -33.96
CA VAL B 502 -16.53 5.69 -32.51
C VAL B 502 -17.07 4.36 -32.02
N ILE B 503 -16.31 3.67 -31.17
CA ILE B 503 -16.70 2.37 -30.62
C ILE B 503 -16.83 2.50 -29.11
N ILE B 504 -17.92 1.98 -28.57
CA ILE B 504 -18.20 2.02 -27.14
C ILE B 504 -18.48 0.59 -26.70
N THR B 505 -17.87 0.17 -25.58
CA THR B 505 -18.15 -1.15 -25.02
C THR B 505 -19.24 -1.08 -23.96
N GLU B 506 -19.66 -2.25 -23.50
CA GLU B 506 -20.51 -2.31 -22.32
C GLU B 506 -19.72 -1.92 -21.08
N THR B 507 -18.44 -2.31 -21.03
CA THR B 507 -17.60 -1.96 -19.89
C THR B 507 -17.49 -0.44 -19.73
N ASP B 508 -17.41 0.29 -20.85
CA ASP B 508 -17.36 1.75 -20.77
C ASP B 508 -18.64 2.33 -20.19
N LEU B 509 -19.77 1.61 -20.27
CA LEU B 509 -21.06 2.10 -19.81
C LEU B 509 -21.46 1.53 -18.46
N THR B 510 -20.57 0.80 -17.78
CA THR B 510 -20.89 0.21 -16.49
C THR B 510 -19.74 0.19 -15.50
N GLY B 511 -18.49 0.25 -15.93
CA GLY B 511 -17.36 0.12 -15.04
C GLY B 511 -17.00 -1.31 -14.67
N ASN B 512 -17.72 -2.30 -15.20
CA ASN B 512 -17.47 -3.70 -14.93
C ASN B 512 -16.89 -4.37 -16.17
N ARG B 513 -15.91 -5.25 -15.96
CA ARG B 513 -15.25 -5.96 -17.05
C ARG B 513 -15.15 -7.44 -16.72
N VAL B 514 -15.32 -8.28 -17.74
CA VAL B 514 -15.25 -9.73 -17.58
C VAL B 514 -14.78 -10.34 -18.89
N THR B 515 -14.32 -11.59 -18.80
CA THR B 515 -13.84 -12.32 -19.98
C THR B 515 -14.29 -13.76 -19.89
N ALA B 516 -14.34 -14.42 -21.05
CA ALA B 516 -14.76 -15.81 -21.12
C ALA B 516 -13.55 -16.75 -21.19
N ASN B 528 -19.92 -36.61 -9.75
CA ASN B 528 -19.05 -37.76 -9.49
C ASN B 528 -19.86 -39.00 -9.18
N VAL B 529 -20.44 -39.61 -10.21
CA VAL B 529 -21.29 -40.77 -10.02
C VAL B 529 -20.47 -42.00 -9.64
N VAL B 530 -19.24 -42.09 -10.13
CA VAL B 530 -18.38 -43.22 -9.77
C VAL B 530 -17.92 -43.08 -8.32
N ASP B 531 -17.83 -44.21 -7.61
CA ASP B 531 -17.39 -44.23 -6.22
C ASP B 531 -16.73 -45.57 -5.94
N PRO B 532 -15.51 -45.76 -6.46
CA PRO B 532 -14.83 -47.04 -6.28
C PRO B 532 -14.47 -47.29 -4.82
N LEU B 533 -14.25 -48.56 -4.52
CA LEU B 533 -13.88 -49.03 -3.18
C LEU B 533 -12.40 -49.40 -3.24
N ALA B 534 -11.55 -48.55 -2.70
CA ALA B 534 -10.12 -48.78 -2.64
C ALA B 534 -9.78 -49.37 -1.27
N LEU B 535 -9.25 -50.59 -1.25
CA LEU B 535 -8.88 -51.25 -0.02
C LEU B 535 -7.40 -51.61 -0.05
N THR B 536 -6.64 -51.11 0.91
CA THR B 536 -5.26 -51.49 1.12
C THR B 536 -5.17 -52.46 2.29
N ALA B 537 -4.20 -53.38 2.22
CA ALA B 537 -3.99 -54.33 3.30
C ALA B 537 -3.90 -53.60 4.64
N GLY B 538 -4.73 -54.03 5.59
CA GLY B 538 -4.79 -53.41 6.90
C GLY B 538 -5.88 -52.38 7.09
N ASP B 539 -6.63 -52.05 6.04
CA ASP B 539 -7.74 -51.12 6.19
C ASP B 539 -8.88 -51.77 6.97
N LEU B 540 -9.74 -50.92 7.55
CA LEU B 540 -10.86 -51.34 8.36
C LEU B 540 -12.16 -51.13 7.59
N VAL B 541 -12.95 -52.19 7.45
CA VAL B 541 -14.21 -52.20 6.72
C VAL B 541 -15.28 -52.69 7.68
N VAL B 542 -16.51 -52.27 7.45
CA VAL B 542 -17.67 -52.72 8.21
C VAL B 542 -18.46 -53.68 7.34
N HIS B 543 -18.92 -54.77 7.94
CA HIS B 543 -19.82 -55.72 7.29
C HIS B 543 -21.20 -55.57 7.91
N ASP B 544 -22.22 -55.44 7.06
CA ASP B 544 -23.57 -55.18 7.56
C ASP B 544 -24.07 -56.27 8.49
N GLN B 545 -23.45 -57.44 8.48
CA GLN B 545 -23.86 -58.54 9.34
C GLN B 545 -22.84 -58.92 10.39
N HIS B 546 -21.58 -58.56 10.21
CA HIS B 546 -20.50 -59.03 11.08
C HIS B 546 -19.83 -57.91 11.86
N GLY B 547 -19.44 -56.82 11.21
CA GLY B 547 -18.95 -55.63 11.89
C GLY B 547 -17.56 -55.25 11.42
N ILE B 548 -16.75 -54.79 12.37
CA ILE B 548 -15.47 -54.15 12.08
C ILE B 548 -14.40 -55.21 11.89
N GLY B 549 -13.85 -55.29 10.67
CA GLY B 549 -12.79 -56.23 10.37
C GLY B 549 -11.62 -55.55 9.69
N LYS B 550 -10.56 -56.33 9.49
CA LYS B 550 -9.35 -55.86 8.85
C LYS B 550 -9.24 -56.50 7.47
N PHE B 551 -9.08 -55.68 6.44
CA PHE B 551 -8.89 -56.20 5.10
C PHE B 551 -7.49 -56.76 4.95
N VAL B 552 -7.37 -57.92 4.28
CA VAL B 552 -6.07 -58.56 4.14
C VAL B 552 -5.62 -58.62 2.68
N GLU B 553 -6.51 -58.98 1.75
CA GLU B 553 -6.10 -59.20 0.35
C GLU B 553 -7.34 -59.51 -0.48
N MET B 554 -7.10 -59.71 -1.78
CA MET B 554 -8.08 -60.24 -2.71
C MET B 554 -7.55 -61.55 -3.27
N THR B 555 -8.41 -62.56 -3.33
CA THR B 555 -7.94 -63.92 -3.61
C THR B 555 -8.91 -64.60 -4.56
N GLU B 556 -8.35 -65.43 -5.45
CA GLU B 556 -9.12 -66.24 -6.39
C GLU B 556 -8.96 -67.72 -6.02
N ARG B 557 -10.08 -68.44 -6.03
CA ARG B 557 -10.08 -69.88 -5.80
C ARG B 557 -11.08 -70.53 -6.74
N VAL B 558 -10.63 -71.53 -7.50
CA VAL B 558 -11.46 -72.20 -8.50
C VAL B 558 -12.06 -73.46 -7.90
N VAL B 559 -13.36 -73.67 -8.16
CA VAL B 559 -14.07 -74.84 -7.69
C VAL B 559 -14.92 -75.38 -8.83
N GLY B 560 -14.63 -76.60 -9.27
CA GLY B 560 -15.41 -77.24 -10.32
C GLY B 560 -15.38 -76.52 -11.64
N GLY B 561 -14.18 -76.15 -12.10
CA GLY B 561 -14.05 -75.43 -13.36
C GLY B 561 -14.72 -74.08 -13.36
N ALA B 562 -14.79 -73.41 -12.21
CA ALA B 562 -15.42 -72.10 -12.09
C ALA B 562 -14.58 -71.22 -11.20
N ARG B 563 -14.08 -70.12 -11.76
CA ARG B 563 -13.27 -69.17 -11.01
C ARG B 563 -14.18 -68.30 -10.15
N ARG B 564 -13.81 -68.15 -8.87
CA ARG B 564 -14.57 -67.31 -7.95
C ARG B 564 -13.57 -66.50 -7.15
N GLU B 565 -13.73 -65.18 -7.14
CA GLU B 565 -12.89 -64.29 -6.36
C GLU B 565 -13.58 -63.91 -5.06
N TYR B 566 -12.77 -63.59 -4.05
CA TYR B 566 -13.28 -63.37 -2.70
C TYR B 566 -12.54 -62.22 -2.04
N LEU B 567 -13.29 -61.30 -1.46
CA LEU B 567 -12.74 -60.30 -0.54
C LEU B 567 -12.65 -60.95 0.84
N VAL B 568 -11.46 -60.93 1.43
CA VAL B 568 -11.21 -61.64 2.68
C VAL B 568 -10.84 -60.63 3.76
N LEU B 569 -11.54 -60.71 4.90
CA LEU B 569 -11.32 -59.81 6.03
C LEU B 569 -10.88 -60.62 7.24
N GLU B 570 -10.29 -59.92 8.22
CA GLU B 570 -9.80 -60.53 9.45
C GLU B 570 -10.58 -59.95 10.62
N TYR B 571 -11.20 -60.83 11.40
CA TYR B 571 -11.95 -60.44 12.58
C TYR B 571 -11.31 -61.04 13.82
N ALA B 572 -11.70 -60.52 14.98
CA ALA B 572 -11.18 -61.00 16.25
C ALA B 572 -12.09 -62.07 16.85
N THR B 580 -7.36 -62.87 13.63
CA THR B 580 -7.10 -64.25 13.97
C THR B 580 -8.20 -65.17 13.43
N ASP B 581 -9.28 -64.55 12.96
CA ASP B 581 -10.39 -65.27 12.33
C ASP B 581 -10.79 -64.54 11.06
N LYS B 582 -10.83 -65.28 9.94
CA LYS B 582 -11.02 -64.71 8.62
C LYS B 582 -12.40 -65.04 8.08
N LEU B 583 -13.00 -64.09 7.36
CA LEU B 583 -14.24 -64.30 6.64
C LEU B 583 -14.00 -64.00 5.16
N TYR B 584 -14.45 -64.92 4.30
CA TYR B 584 -14.22 -64.84 2.86
C TYR B 584 -15.50 -64.32 2.22
N VAL B 585 -15.58 -63.00 2.09
CA VAL B 585 -16.77 -62.33 1.55
C VAL B 585 -16.92 -62.63 0.06
N PRO B 586 -18.02 -63.24 -0.36
CA PRO B 586 -18.22 -63.49 -1.79
C PRO B 586 -18.43 -62.19 -2.55
N MET B 587 -18.46 -62.32 -3.88
CA MET B 587 -18.50 -61.15 -4.74
C MET B 587 -19.91 -60.66 -5.04
N ASP B 588 -20.94 -61.38 -4.65
CA ASP B 588 -22.30 -60.89 -4.77
C ASP B 588 -22.79 -60.24 -3.49
N SER B 589 -21.94 -60.11 -2.48
CA SER B 589 -22.30 -59.52 -1.21
C SER B 589 -21.43 -58.32 -0.84
N LEU B 590 -20.76 -57.72 -1.84
CA LEU B 590 -20.01 -56.50 -1.58
C LEU B 590 -20.91 -55.35 -1.17
N ASP B 591 -22.21 -55.43 -1.49
CA ASP B 591 -23.15 -54.39 -1.10
C ASP B 591 -23.21 -54.24 0.42
N GLN B 592 -22.90 -55.29 1.16
CA GLN B 592 -22.89 -55.24 2.61
C GLN B 592 -21.56 -54.75 3.16
N LEU B 593 -20.68 -54.24 2.32
CA LEU B 593 -19.36 -53.77 2.73
C LEU B 593 -19.27 -52.26 2.59
N SER B 594 -18.57 -51.63 3.53
CA SER B 594 -18.34 -50.19 3.50
C SER B 594 -17.04 -49.89 4.22
N ARG B 595 -16.30 -48.92 3.71
CA ARG B 595 -15.04 -48.53 4.33
C ARG B 595 -15.31 -47.73 5.60
N TYR B 596 -14.74 -48.18 6.71
CA TYR B 596 -15.00 -47.55 8.00
C TYR B 596 -14.37 -46.17 8.04
N VAL B 597 -15.19 -45.14 8.20
CA VAL B 597 -14.73 -43.80 8.47
C VAL B 597 -15.40 -43.31 9.75
N GLY B 598 -14.82 -42.27 10.34
CA GLY B 598 -15.24 -41.77 11.65
C GLY B 598 -14.10 -41.70 12.66
N GLY B 599 -13.12 -42.58 12.52
CA GLY B 599 -11.91 -42.52 13.33
C GLY B 599 -12.00 -43.31 14.62
N GLU B 600 -11.16 -42.88 15.57
CA GLU B 600 -11.05 -43.38 16.95
C GLU B 600 -10.30 -44.70 17.05
N ALA B 601 -9.72 -45.21 15.96
CA ALA B 601 -9.00 -46.48 15.96
C ALA B 601 -9.78 -47.57 16.69
N PRO B 602 -10.98 -47.91 16.22
CA PRO B 602 -11.86 -48.77 16.99
C PRO B 602 -11.37 -50.22 17.03
N SER B 603 -11.82 -50.93 18.06
CA SER B 603 -11.47 -52.33 18.22
C SER B 603 -12.23 -53.19 17.21
N LEU B 604 -11.71 -54.39 16.99
CA LEU B 604 -12.32 -55.32 16.04
C LEU B 604 -13.48 -56.06 16.71
N SER B 605 -14.16 -56.90 15.93
CA SER B 605 -15.42 -57.51 16.34
C SER B 605 -15.31 -59.03 16.36
N ARG B 606 -16.23 -59.64 17.10
CA ARG B 606 -16.31 -61.10 17.16
C ARG B 606 -17.13 -61.62 15.99
N LEU B 607 -16.72 -62.77 15.47
CA LEU B 607 -17.39 -63.37 14.32
C LEU B 607 -18.73 -63.97 14.73
N GLY B 608 -18.70 -65.03 15.53
CA GLY B 608 -19.91 -65.70 15.94
C GLY B 608 -20.68 -65.02 17.05
N GLY B 609 -20.02 -64.14 17.81
CA GLY B 609 -20.69 -63.50 18.92
C GLY B 609 -21.74 -62.52 18.44
N SER B 610 -22.97 -62.65 18.95
CA SER B 610 -24.07 -61.75 18.61
C SER B 610 -24.01 -60.45 19.41
N ASP B 611 -22.79 -59.94 19.58
CA ASP B 611 -22.53 -58.69 20.28
C ASP B 611 -22.79 -57.50 19.37
N TRP B 612 -22.42 -57.64 18.09
CA TRP B 612 -22.41 -56.51 17.16
C TRP B 612 -23.82 -56.01 16.85
N ALA B 613 -24.78 -56.93 16.72
CA ALA B 613 -26.14 -56.53 16.39
C ALA B 613 -26.76 -55.66 17.48
N ASN B 614 -26.28 -55.81 18.72
CA ASN B 614 -26.78 -54.95 19.80
C ASN B 614 -26.33 -53.51 19.59
N THR B 615 -25.09 -53.31 19.14
CA THR B 615 -24.61 -51.99 18.80
C THR B 615 -25.31 -51.42 17.57
N LYS B 616 -25.84 -52.29 16.70
CA LYS B 616 -26.65 -51.84 15.59
C LYS B 616 -27.97 -51.25 16.07
N THR B 617 -28.69 -52.01 16.91
CA THR B 617 -29.99 -51.55 17.41
C THR B 617 -29.83 -50.30 18.26
N LYS B 618 -28.78 -50.24 19.09
CA LYS B 618 -28.52 -49.04 19.88
C LYS B 618 -28.31 -47.84 18.96
N ALA B 619 -27.53 -48.01 17.89
CA ALA B 619 -27.37 -46.95 16.90
C ALA B 619 -28.68 -46.67 16.17
N ARG B 620 -29.55 -47.67 16.05
CA ARG B 620 -30.84 -47.46 15.42
C ARG B 620 -31.82 -46.74 16.33
N ARG B 621 -31.62 -46.81 17.65
CA ARG B 621 -32.43 -46.01 18.56
C ARG B 621 -32.02 -44.54 18.54
N ALA B 622 -30.85 -44.23 18.00
CA ALA B 622 -30.38 -42.85 17.95
C ALA B 622 -30.71 -42.17 16.64
N VAL B 623 -30.77 -42.91 15.54
CA VAL B 623 -31.09 -42.31 14.26
C VAL B 623 -32.53 -41.82 14.21
N ARG B 624 -33.41 -42.40 15.03
CA ARG B 624 -34.83 -42.05 14.94
C ARG B 624 -35.13 -40.67 15.51
N GLU B 625 -34.32 -40.19 16.46
CA GLU B 625 -34.48 -38.83 16.94
C GLU B 625 -34.31 -37.84 15.80
N ILE B 626 -33.20 -37.96 15.07
CA ILE B 626 -32.99 -37.13 13.89
C ILE B 626 -34.10 -37.38 12.87
N ALA B 627 -34.43 -38.65 12.63
CA ALA B 627 -35.46 -38.97 11.65
C ALA B 627 -36.79 -38.33 12.03
N SER B 628 -37.18 -38.44 13.30
CA SER B 628 -38.45 -37.87 13.74
C SER B 628 -38.44 -36.35 13.63
N GLU B 629 -37.36 -35.71 14.10
CA GLU B 629 -37.28 -34.25 14.03
C GLU B 629 -37.33 -33.76 12.59
N LEU B 630 -36.77 -34.52 11.66
CA LEU B 630 -36.75 -34.08 10.26
C LEU B 630 -38.15 -34.15 9.65
N VAL B 631 -38.85 -35.28 9.83
CA VAL B 631 -40.21 -35.39 9.31
C VAL B 631 -41.16 -34.49 10.10
N ALA B 632 -40.88 -34.26 11.38
CA ALA B 632 -41.69 -33.32 12.16
C ALA B 632 -41.66 -31.94 11.53
N LEU B 633 -40.46 -31.42 11.24
CA LEU B 633 -40.36 -30.14 10.56
C LEU B 633 -41.01 -30.19 9.18
N TYR B 634 -40.88 -31.32 8.50
CA TYR B 634 -41.57 -31.50 7.23
C TYR B 634 -43.08 -31.46 7.41
N ALA B 635 -43.60 -32.32 8.29
CA ALA B 635 -45.04 -32.36 8.54
C ALA B 635 -45.55 -31.00 9.01
N LYS B 636 -44.75 -30.31 9.83
CA LYS B 636 -45.13 -28.97 10.28
C LYS B 636 -45.11 -27.95 9.15
N ARG B 637 -44.34 -28.22 8.08
CA ARG B 637 -44.26 -27.28 6.96
C ARG B 637 -45.50 -27.39 6.06
N GLN B 638 -46.00 -28.60 5.83
CA GLN B 638 -47.22 -28.76 5.06
C GLN B 638 -48.46 -28.40 5.87
N SER B 639 -48.46 -28.66 7.18
CA SER B 639 -49.61 -28.35 8.01
C SER B 639 -49.80 -26.85 8.22
N ALA B 640 -48.74 -26.06 8.07
CA ALA B 640 -48.80 -24.60 8.22
C ALA B 640 -48.41 -23.95 6.90
N PRO B 641 -49.28 -24.03 5.87
CA PRO B 641 -48.91 -23.46 4.57
C PRO B 641 -49.21 -21.97 4.47
N GLY B 642 -49.10 -21.42 3.26
CA GLY B 642 -49.40 -20.02 3.03
C GLY B 642 -48.26 -19.24 2.42
N HIS B 643 -48.57 -18.07 1.87
CA HIS B 643 -47.59 -17.16 1.29
C HIS B 643 -46.80 -17.84 0.16
N ALA B 644 -47.50 -18.02 -0.96
CA ALA B 644 -46.90 -18.53 -2.18
C ALA B 644 -46.50 -17.37 -3.08
N PHE B 645 -45.29 -17.43 -3.62
CA PHE B 645 -44.77 -16.35 -4.45
C PHE B 645 -45.41 -16.37 -5.83
N GLY B 646 -45.67 -15.18 -6.36
CA GLY B 646 -46.24 -15.04 -7.67
C GLY B 646 -45.22 -15.19 -8.77
N PRO B 647 -45.64 -14.98 -10.02
CA PRO B 647 -44.70 -15.12 -11.14
C PRO B 647 -43.65 -14.02 -11.17
N ASP B 648 -42.74 -14.07 -12.13
CA ASP B 648 -41.70 -13.06 -12.27
C ASP B 648 -42.26 -11.85 -13.01
N THR B 649 -41.47 -10.77 -13.02
CA THR B 649 -41.84 -9.51 -13.64
C THR B 649 -40.81 -9.14 -14.71
N PRO B 650 -41.14 -8.19 -15.59
CA PRO B 650 -40.13 -7.73 -16.56
C PRO B 650 -38.89 -7.13 -15.91
N TRP B 651 -39.02 -6.56 -14.72
CA TRP B 651 -37.86 -6.03 -14.02
C TRP B 651 -37.00 -7.13 -13.43
N GLN B 652 -37.56 -8.32 -13.21
CA GLN B 652 -36.78 -9.43 -12.69
C GLN B 652 -35.72 -9.88 -13.69
N ALA B 653 -36.08 -9.95 -14.97
CA ALA B 653 -35.12 -10.34 -16.00
C ALA B 653 -34.03 -9.29 -16.18
N GLU B 654 -34.33 -8.02 -15.85
CA GLU B 654 -33.33 -6.97 -15.96
C GLU B 654 -32.22 -7.16 -14.93
N MET B 655 -32.58 -7.31 -13.65
CA MET B 655 -31.60 -7.59 -12.62
C MET B 655 -30.95 -8.96 -12.82
N GLU B 656 -31.71 -9.92 -13.38
CA GLU B 656 -31.13 -11.22 -13.70
C GLU B 656 -30.14 -11.11 -14.86
N ASP B 657 -30.34 -10.16 -15.76
CA ASP B 657 -29.43 -9.94 -16.87
C ASP B 657 -28.30 -8.98 -16.53
N ALA B 658 -28.01 -8.80 -15.24
CA ALA B 658 -26.81 -8.07 -14.85
C ALA B 658 -25.57 -8.76 -15.41
N PHE B 659 -25.47 -10.07 -15.22
CA PHE B 659 -24.49 -10.93 -15.88
C PHE B 659 -23.06 -10.48 -15.58
N GLY B 660 -22.69 -10.55 -14.29
CA GLY B 660 -21.30 -10.39 -13.93
C GLY B 660 -20.43 -11.50 -14.46
N PHE B 661 -20.92 -12.74 -14.35
CA PHE B 661 -20.32 -13.93 -14.93
C PHE B 661 -21.26 -14.46 -16.02
N THR B 662 -21.16 -15.76 -16.30
CA THR B 662 -22.11 -16.43 -17.18
C THR B 662 -22.58 -17.71 -16.48
N GLU B 663 -23.90 -17.94 -16.49
CA GLU B 663 -24.45 -19.04 -15.71
C GLU B 663 -24.17 -20.38 -16.36
N THR B 664 -23.95 -21.39 -15.51
CA THR B 664 -23.73 -22.75 -15.97
C THR B 664 -25.06 -23.47 -16.12
N ILE B 665 -25.01 -24.72 -16.60
CA ILE B 665 -26.23 -25.53 -16.68
C ILE B 665 -26.68 -25.93 -15.28
N ASP B 666 -25.74 -26.36 -14.43
CA ASP B 666 -26.08 -26.69 -13.05
C ASP B 666 -26.56 -25.47 -12.28
N GLN B 667 -26.09 -24.28 -12.66
CA GLN B 667 -26.62 -23.04 -12.10
C GLN B 667 -28.09 -22.89 -12.48
N LEU B 668 -28.34 -22.69 -13.77
CA LEU B 668 -29.68 -22.46 -14.33
C LEU B 668 -30.72 -23.42 -13.78
N THR B 669 -30.34 -24.69 -13.55
CA THR B 669 -31.29 -25.66 -13.03
C THR B 669 -31.68 -25.35 -11.59
N ALA B 670 -30.75 -24.80 -10.80
CA ALA B 670 -31.03 -24.53 -9.39
C ALA B 670 -31.95 -23.32 -9.21
N ILE B 671 -31.67 -22.22 -9.92
CA ILE B 671 -32.56 -21.07 -9.87
C ILE B 671 -33.96 -21.47 -10.31
N GLN B 672 -34.05 -22.37 -11.29
CA GLN B 672 -35.35 -22.90 -11.71
C GLN B 672 -35.99 -23.72 -10.58
N GLU B 673 -35.16 -24.42 -9.80
CA GLU B 673 -35.69 -25.22 -8.69
C GLU B 673 -36.08 -24.35 -7.51
N VAL B 674 -35.24 -23.36 -7.15
CA VAL B 674 -35.57 -22.52 -6.00
C VAL B 674 -36.74 -21.60 -6.32
N LYS B 675 -36.91 -21.23 -7.59
CA LYS B 675 -38.07 -20.42 -7.96
C LYS B 675 -39.34 -21.25 -8.02
N SER B 676 -39.23 -22.52 -8.38
CA SER B 676 -40.40 -23.40 -8.33
C SER B 676 -40.90 -23.54 -6.90
N ASP B 677 -40.00 -23.86 -5.97
CA ASP B 677 -40.40 -24.03 -4.58
C ASP B 677 -41.02 -22.76 -3.99
N MET B 678 -40.59 -21.59 -4.46
CA MET B 678 -41.16 -20.35 -3.96
C MET B 678 -42.61 -20.19 -4.41
N GLU B 679 -42.91 -20.63 -5.64
CA GLU B 679 -44.25 -20.47 -6.20
C GLU B 679 -45.24 -21.49 -5.65
N LYS B 680 -44.78 -22.64 -5.16
CA LYS B 680 -45.69 -23.62 -4.58
C LYS B 680 -46.18 -23.14 -3.21
N PRO B 681 -47.46 -23.37 -2.89
CA PRO B 681 -47.98 -22.91 -1.59
C PRO B 681 -47.27 -23.51 -0.39
N VAL B 682 -46.60 -24.64 -0.54
CA VAL B 682 -45.90 -25.24 0.58
C VAL B 682 -44.60 -24.47 0.78
N PRO B 683 -44.19 -24.22 2.02
CA PRO B 683 -42.96 -23.45 2.26
C PRO B 683 -41.74 -24.18 1.72
N MET B 684 -40.81 -23.42 1.16
CA MET B 684 -39.59 -23.97 0.61
C MET B 684 -38.56 -24.25 1.71
N ASP B 685 -37.85 -25.39 1.57
CA ASP B 685 -36.77 -25.75 2.48
C ASP B 685 -35.71 -26.45 1.63
N ARG B 686 -34.94 -25.67 0.89
CA ARG B 686 -33.93 -26.18 -0.02
C ARG B 686 -32.55 -25.69 0.40
N VAL B 687 -31.56 -26.58 0.34
CA VAL B 687 -30.17 -26.22 0.59
C VAL B 687 -29.41 -26.38 -0.71
N ILE B 688 -28.56 -25.40 -1.01
CA ILE B 688 -27.76 -25.40 -2.23
C ILE B 688 -26.35 -25.84 -1.87
N CYS B 689 -25.93 -26.97 -2.41
CA CYS B 689 -24.59 -27.51 -2.17
C CYS B 689 -23.69 -27.16 -3.35
N GLY B 690 -22.53 -26.59 -3.03
CA GLY B 690 -21.55 -26.23 -4.04
C GLY B 690 -20.29 -25.73 -3.38
N ASP B 691 -19.15 -25.89 -4.03
CA ASP B 691 -17.91 -25.47 -3.41
C ASP B 691 -17.71 -23.96 -3.60
N VAL B 692 -16.62 -23.46 -3.02
CA VAL B 692 -16.36 -22.02 -3.01
C VAL B 692 -16.23 -21.50 -4.44
N GLY B 693 -16.91 -20.40 -4.73
CA GLY B 693 -16.83 -19.75 -6.02
C GLY B 693 -17.78 -20.27 -7.07
N TYR B 694 -18.59 -21.29 -6.75
CA TYR B 694 -19.50 -21.87 -7.72
C TYR B 694 -20.76 -21.04 -7.94
N GLY B 695 -20.80 -19.81 -7.40
CA GLY B 695 -21.94 -18.94 -7.63
C GLY B 695 -23.18 -19.29 -6.84
N LYS B 696 -23.03 -19.88 -5.65
CA LYS B 696 -24.21 -20.18 -4.84
C LYS B 696 -24.95 -18.90 -4.46
N THR B 697 -24.21 -17.87 -4.02
CA THR B 697 -24.84 -16.62 -3.64
C THR B 697 -25.51 -15.92 -4.82
N GLU B 698 -25.13 -16.25 -6.05
CA GLU B 698 -25.85 -15.73 -7.22
C GLU B 698 -27.30 -16.20 -7.20
N ILE B 699 -27.54 -17.47 -6.86
CA ILE B 699 -28.91 -17.93 -6.68
C ILE B 699 -29.59 -17.19 -5.54
N ALA B 700 -28.82 -16.80 -4.52
CA ALA B 700 -29.40 -16.11 -3.37
C ALA B 700 -30.00 -14.77 -3.78
N VAL B 701 -29.23 -13.94 -4.49
CA VAL B 701 -29.71 -12.60 -4.84
C VAL B 701 -30.86 -12.68 -5.83
N ARG B 702 -30.84 -13.67 -6.73
CA ARG B 702 -31.97 -13.87 -7.64
C ARG B 702 -33.24 -14.18 -6.86
N ALA B 703 -33.15 -15.11 -5.91
CA ALA B 703 -34.29 -15.40 -5.05
C ALA B 703 -34.65 -14.18 -4.19
N ALA B 704 -33.65 -13.39 -3.80
CA ALA B 704 -33.92 -12.21 -2.98
C ALA B 704 -34.66 -11.15 -3.79
N PHE B 705 -34.25 -10.91 -5.03
CA PHE B 705 -34.91 -9.88 -5.83
C PHE B 705 -36.28 -10.34 -6.33
N LYS B 706 -36.48 -11.65 -6.49
CA LYS B 706 -37.80 -12.17 -6.80
C LYS B 706 -38.77 -12.02 -5.64
N ALA B 707 -38.26 -11.95 -4.41
CA ALA B 707 -39.13 -11.78 -3.26
C ALA B 707 -39.47 -10.32 -3.01
N VAL B 708 -38.47 -9.43 -3.11
CA VAL B 708 -38.72 -8.01 -2.87
C VAL B 708 -39.54 -7.39 -3.99
N GLN B 709 -39.48 -7.96 -5.20
CA GLN B 709 -40.34 -7.50 -6.28
C GLN B 709 -41.80 -7.86 -5.99
N ASP B 710 -42.04 -9.04 -5.44
CA ASP B 710 -43.40 -9.48 -5.11
C ASP B 710 -43.95 -8.81 -3.86
N GLY B 711 -43.13 -8.05 -3.13
CA GLY B 711 -43.60 -7.30 -1.99
C GLY B 711 -43.20 -7.82 -0.62
N LYS B 712 -42.30 -8.80 -0.56
CA LYS B 712 -41.86 -9.38 0.71
C LYS B 712 -40.38 -9.07 0.91
N GLN B 713 -39.99 -8.86 2.18
CA GLN B 713 -38.61 -8.53 2.50
C GLN B 713 -37.79 -9.80 2.71
N VAL B 714 -36.47 -9.66 2.55
CA VAL B 714 -35.53 -10.77 2.56
C VAL B 714 -34.49 -10.53 3.64
N ALA B 715 -34.13 -11.59 4.36
CA ALA B 715 -33.06 -11.55 5.34
C ALA B 715 -32.00 -12.58 4.98
N VAL B 716 -30.74 -12.19 5.12
CA VAL B 716 -29.60 -13.07 4.88
C VAL B 716 -28.79 -13.12 6.16
N LEU B 717 -28.79 -14.27 6.84
CA LEU B 717 -28.17 -14.42 8.13
C LEU B 717 -26.86 -15.18 8.02
N VAL B 718 -25.79 -14.59 8.53
CA VAL B 718 -24.44 -15.14 8.42
C VAL B 718 -23.86 -15.33 9.82
N PRO B 719 -22.96 -16.31 10.01
CA PRO B 719 -22.38 -16.50 11.36
C PRO B 719 -21.25 -15.55 11.70
N THR B 720 -20.64 -14.89 10.71
CA THR B 720 -19.49 -14.04 10.96
C THR B 720 -19.72 -12.65 10.39
N THR B 721 -19.08 -11.66 11.03
CA THR B 721 -19.16 -10.29 10.54
C THR B 721 -18.54 -10.17 9.15
N LEU B 722 -17.46 -10.90 8.91
CA LEU B 722 -16.82 -10.88 7.59
C LEU B 722 -17.79 -11.30 6.50
N LEU B 723 -18.51 -12.41 6.73
CA LEU B 723 -19.48 -12.88 5.74
C LEU B 723 -20.61 -11.88 5.55
N ALA B 724 -20.90 -11.06 6.57
CA ALA B 724 -21.92 -10.03 6.42
C ALA B 724 -21.49 -8.98 5.40
N ASP B 725 -20.30 -8.39 5.59
CA ASP B 725 -19.86 -7.34 4.69
C ASP B 725 -19.50 -7.89 3.30
N GLN B 726 -19.06 -9.13 3.23
CA GLN B 726 -18.86 -9.77 1.93
C GLN B 726 -20.17 -9.82 1.15
N HIS B 727 -21.21 -10.40 1.76
CA HIS B 727 -22.50 -10.52 1.07
C HIS B 727 -23.13 -9.15 0.85
N LEU B 728 -22.99 -8.24 1.82
CA LEU B 728 -23.52 -6.89 1.64
C LEU B 728 -22.93 -6.23 0.39
N GLN B 729 -21.62 -6.36 0.21
CA GLN B 729 -20.98 -5.79 -0.97
C GLN B 729 -21.57 -6.35 -2.26
N THR B 730 -21.60 -7.68 -2.38
CA THR B 730 -22.05 -8.30 -3.63
C THR B 730 -23.55 -8.20 -3.82
N PHE B 731 -24.32 -7.91 -2.76
CA PHE B 731 -25.76 -7.78 -2.93
C PHE B 731 -26.14 -6.44 -3.55
N THR B 732 -25.54 -5.35 -3.08
CA THR B 732 -25.79 -4.03 -3.68
C THR B 732 -25.26 -3.96 -5.10
N ASN B 733 -24.02 -4.42 -5.30
CA ASN B 733 -23.42 -4.36 -6.62
C ASN B 733 -24.20 -5.19 -7.62
N ARG B 734 -24.91 -6.21 -7.16
CA ARG B 734 -25.78 -7.00 -8.02
C ARG B 734 -27.21 -6.50 -8.03
N MET B 735 -27.56 -5.53 -7.17
CA MET B 735 -28.89 -4.95 -7.13
C MET B 735 -28.84 -3.43 -7.09
N ALA B 736 -27.84 -2.84 -7.74
CA ALA B 736 -27.75 -1.40 -7.88
C ALA B 736 -28.52 -0.94 -9.10
N GLY B 737 -29.12 0.25 -9.01
CA GLY B 737 -29.96 0.77 -10.06
C GLY B 737 -31.39 0.28 -10.04
N PHE B 738 -31.88 -0.14 -8.89
CA PHE B 738 -33.24 -0.63 -8.71
C PHE B 738 -33.82 -0.05 -7.44
N PRO B 739 -35.14 0.09 -7.35
CA PRO B 739 -35.75 0.66 -6.14
C PRO B 739 -35.48 -0.16 -4.87
N VAL B 740 -34.87 -1.33 -4.98
CA VAL B 740 -34.49 -2.11 -3.82
C VAL B 740 -33.23 -1.49 -3.20
N THR B 741 -33.36 -0.98 -1.99
CA THR B 741 -32.23 -0.41 -1.27
C THR B 741 -31.90 -1.34 -0.12
N VAL B 742 -30.70 -1.89 -0.15
CA VAL B 742 -30.30 -2.87 0.84
C VAL B 742 -29.84 -2.16 2.10
N LYS B 743 -29.57 -2.94 3.14
CA LYS B 743 -29.04 -2.41 4.38
C LYS B 743 -28.30 -3.53 5.10
N GLY B 744 -27.07 -3.26 5.49
CA GLY B 744 -26.31 -4.25 6.22
C GLY B 744 -26.37 -4.03 7.71
N LEU B 745 -25.91 -5.05 8.46
CA LEU B 745 -26.06 -5.02 9.91
C LEU B 745 -25.07 -6.05 10.49
N SER B 746 -23.86 -5.60 10.77
CA SER B 746 -22.82 -6.47 11.32
C SER B 746 -22.48 -6.02 12.75
N ARG B 747 -21.38 -6.56 13.28
CA ARG B 747 -20.98 -6.22 14.65
C ARG B 747 -20.48 -4.77 14.72
N PHE B 748 -19.64 -4.37 13.77
CA PHE B 748 -18.99 -3.07 13.81
C PHE B 748 -19.81 -1.97 13.16
N THR B 749 -21.12 -2.16 13.01
CA THR B 749 -21.97 -1.12 12.45
C THR B 749 -22.34 -0.11 13.53
N ASP B 750 -22.55 1.14 13.10
CA ASP B 750 -22.91 2.28 13.95
C ASP B 750 -23.96 1.89 15.00
N PRO B 751 -23.89 2.40 16.23
CA PRO B 751 -25.10 2.39 17.05
C PRO B 751 -26.22 3.22 16.45
N ALA B 752 -25.88 4.20 15.60
CA ALA B 752 -26.89 5.00 14.92
C ALA B 752 -27.48 4.27 13.72
N GLU B 753 -26.66 3.48 13.02
CA GLU B 753 -27.15 2.70 11.89
C GLU B 753 -27.68 1.33 12.29
N SER B 754 -27.26 0.79 13.43
CA SER B 754 -27.68 -0.56 13.83
C SER B 754 -28.93 -0.52 14.70
N ARG B 755 -28.76 -0.20 15.98
CA ARG B 755 -29.89 -0.10 16.90
C ARG B 755 -31.00 0.75 16.30
N ALA B 756 -30.64 1.93 15.83
CA ALA B 756 -31.58 2.78 15.11
C ALA B 756 -31.45 2.56 13.61
N VAL B 757 -32.57 2.74 12.90
CA VAL B 757 -32.59 2.87 11.44
C VAL B 757 -32.24 1.58 10.71
N ILE B 758 -32.02 0.49 11.45
CA ILE B 758 -31.88 -0.82 10.83
C ILE B 758 -32.91 -1.76 11.42
N GLU B 759 -32.65 -2.23 12.64
CA GLU B 759 -33.65 -3.04 13.34
C GLU B 759 -34.95 -2.26 13.52
N GLY B 760 -34.84 -0.97 13.85
CA GLY B 760 -36.05 -0.16 13.97
C GLY B 760 -36.70 0.15 12.63
N LEU B 761 -35.89 0.32 11.59
CA LEU B 761 -36.40 0.65 10.26
C LEU B 761 -36.55 -0.59 9.38
N LYS B 762 -36.49 -1.80 9.95
CA LYS B 762 -36.71 -3.01 9.19
C LYS B 762 -38.17 -3.22 8.82
N ASP B 763 -39.07 -2.37 9.30
CA ASP B 763 -40.49 -2.45 8.98
C ASP B 763 -40.78 -1.58 7.76
N GLY B 764 -40.33 -2.06 6.62
CA GLY B 764 -40.47 -1.34 5.37
C GLY B 764 -39.20 -0.62 4.98
N SER B 765 -38.98 -0.52 3.66
CA SER B 765 -37.85 0.18 3.05
C SER B 765 -36.52 -0.48 3.35
N VAL B 766 -36.50 -1.48 4.24
CA VAL B 766 -35.32 -2.29 4.49
C VAL B 766 -35.63 -3.70 4.01
N ASP B 767 -35.83 -3.85 2.70
CA ASP B 767 -36.33 -5.12 2.19
C ASP B 767 -35.26 -6.20 2.20
N VAL B 768 -34.01 -5.84 1.90
CA VAL B 768 -32.91 -6.79 1.89
C VAL B 768 -31.95 -6.42 3.01
N VAL B 769 -31.90 -7.25 4.05
CA VAL B 769 -30.97 -7.08 5.16
C VAL B 769 -30.01 -8.27 5.15
N ILE B 770 -28.74 -7.99 5.42
CA ILE B 770 -27.71 -9.01 5.52
C ILE B 770 -27.00 -8.79 6.85
N GLY B 771 -27.21 -9.70 7.80
CA GLY B 771 -26.67 -9.49 9.13
C GLY B 771 -26.29 -10.80 9.80
N THR B 772 -25.65 -10.65 10.96
CA THR B 772 -25.24 -11.81 11.75
C THR B 772 -26.31 -12.17 12.77
N HIS B 773 -25.93 -12.75 13.89
CA HIS B 773 -26.94 -13.12 14.88
C HIS B 773 -27.50 -11.92 15.65
N ARG B 774 -27.24 -10.70 15.18
CA ARG B 774 -27.92 -9.54 15.74
C ARG B 774 -29.42 -9.62 15.49
N LEU B 775 -29.83 -10.17 14.33
CA LEU B 775 -31.25 -10.38 14.06
C LEU B 775 -31.86 -11.39 15.02
N LEU B 776 -31.05 -12.36 15.48
CA LEU B 776 -31.56 -13.38 16.39
C LEU B 776 -31.79 -12.86 17.80
N GLN B 777 -31.39 -11.62 18.09
CA GLN B 777 -31.59 -11.07 19.41
C GLN B 777 -33.07 -10.99 19.74
N THR B 778 -33.38 -10.77 21.02
CA THR B 778 -34.76 -10.63 21.45
C THR B 778 -35.33 -9.32 20.92
N GLY B 779 -36.60 -9.35 20.52
CA GLY B 779 -37.27 -8.15 20.08
C GLY B 779 -36.79 -7.60 18.76
N VAL B 780 -36.90 -8.40 17.70
CA VAL B 780 -36.52 -8.00 16.35
C VAL B 780 -37.67 -8.34 15.41
N THR B 781 -38.70 -7.49 15.36
CA THR B 781 -39.87 -7.86 14.60
C THR B 781 -39.66 -7.67 13.10
N TRP B 782 -40.59 -8.21 12.33
CA TRP B 782 -40.57 -8.15 10.87
C TRP B 782 -41.95 -7.67 10.40
N LYS B 783 -41.98 -7.22 9.14
CA LYS B 783 -43.21 -6.73 8.52
C LYS B 783 -43.32 -7.38 7.15
N ASP B 784 -43.98 -8.54 7.09
CA ASP B 784 -44.17 -9.31 5.85
C ASP B 784 -42.82 -9.82 5.31
N LEU B 785 -42.14 -10.57 6.17
CA LEU B 785 -40.89 -11.23 5.79
C LEU B 785 -41.21 -12.49 4.98
N GLY B 786 -40.72 -12.55 3.76
CA GLY B 786 -41.13 -13.60 2.84
C GLY B 786 -40.07 -14.60 2.43
N LEU B 787 -38.79 -14.31 2.69
CA LEU B 787 -37.72 -15.22 2.30
C LEU B 787 -36.56 -15.08 3.27
N ILE B 788 -35.93 -16.21 3.59
CA ILE B 788 -34.76 -16.26 4.46
C ILE B 788 -33.64 -16.96 3.72
N ILE B 789 -32.44 -16.41 3.84
CA ILE B 789 -31.24 -16.98 3.25
C ILE B 789 -30.23 -17.20 4.37
N VAL B 790 -29.74 -18.42 4.50
CA VAL B 790 -28.73 -18.77 5.49
C VAL B 790 -27.52 -19.33 4.77
N ASP B 791 -26.33 -18.98 5.26
CA ASP B 791 -25.06 -19.43 4.71
C ASP B 791 -24.20 -19.96 5.83
N GLU B 792 -23.66 -21.17 5.65
CA GLU B 792 -22.82 -21.83 6.65
C GLU B 792 -23.57 -21.94 7.98
N GLU B 793 -24.66 -22.70 7.94
CA GLU B 793 -25.49 -22.90 9.14
C GLU B 793 -24.75 -23.65 10.23
N GLN B 794 -23.71 -24.41 9.89
CA GLN B 794 -22.99 -25.21 10.87
C GLN B 794 -22.27 -24.36 11.92
N ARG B 795 -22.01 -23.09 11.63
CA ARG B 795 -21.14 -22.26 12.46
C ARG B 795 -21.92 -21.30 13.35
N PHE B 796 -23.21 -21.54 13.56
CA PHE B 796 -23.99 -20.75 14.48
C PHE B 796 -23.95 -21.37 15.89
N GLY B 797 -24.48 -20.61 16.85
CA GLY B 797 -24.65 -21.16 18.19
C GLY B 797 -25.82 -22.13 18.26
N VAL B 798 -25.85 -22.90 19.35
CA VAL B 798 -26.89 -23.91 19.51
C VAL B 798 -28.25 -23.25 19.70
N GLU B 799 -28.32 -22.24 20.57
CA GLU B 799 -29.55 -21.46 20.69
C GLU B 799 -29.83 -20.68 19.42
N HIS B 800 -28.80 -20.36 18.65
CA HIS B 800 -28.97 -19.64 17.40
C HIS B 800 -29.49 -20.55 16.29
N LYS B 801 -28.99 -21.79 16.23
CA LYS B 801 -29.40 -22.70 15.17
C LYS B 801 -30.86 -23.12 15.33
N GLU B 802 -31.29 -23.42 16.56
CA GLU B 802 -32.69 -23.77 16.79
C GLU B 802 -33.61 -22.57 16.66
N HIS B 803 -33.09 -21.35 16.85
CA HIS B 803 -33.87 -20.16 16.57
C HIS B 803 -34.16 -20.02 15.08
N ILE B 804 -33.17 -20.34 14.24
CA ILE B 804 -33.38 -20.28 12.80
C ILE B 804 -34.24 -21.45 12.35
N LYS B 805 -34.05 -22.63 12.96
CA LYS B 805 -34.95 -23.75 12.68
C LYS B 805 -36.38 -23.43 13.10
N SER B 806 -36.56 -22.56 14.10
CA SER B 806 -37.89 -22.17 14.53
C SER B 806 -38.57 -21.25 13.53
N MET B 807 -37.80 -20.51 12.73
CA MET B 807 -38.37 -19.63 11.72
C MET B 807 -38.63 -20.34 10.40
N ARG B 808 -38.02 -21.52 10.18
CA ARG B 808 -38.43 -22.40 9.10
C ARG B 808 -39.86 -22.91 9.27
N THR B 809 -40.52 -22.55 10.36
CA THR B 809 -41.92 -22.88 10.59
C THR B 809 -42.80 -22.49 9.42
N HIS B 810 -42.68 -21.24 8.95
CA HIS B 810 -43.68 -20.67 8.07
C HIS B 810 -43.10 -20.08 6.79
N VAL B 811 -41.86 -19.62 6.84
CA VAL B 811 -41.27 -18.85 5.74
C VAL B 811 -40.32 -19.74 4.94
N ASP B 812 -40.24 -19.46 3.64
CA ASP B 812 -39.34 -20.20 2.77
C ASP B 812 -37.89 -19.83 3.06
N VAL B 813 -37.07 -20.83 3.33
CA VAL B 813 -35.66 -20.61 3.61
C VAL B 813 -34.82 -21.21 2.50
N LEU B 814 -33.68 -20.57 2.25
CA LEU B 814 -32.69 -21.03 1.27
C LEU B 814 -31.37 -21.19 1.99
N THR B 815 -30.91 -22.43 2.13
CA THR B 815 -29.66 -22.72 2.81
C THR B 815 -28.55 -22.87 1.79
N MET B 816 -27.39 -22.29 2.10
CA MET B 816 -26.19 -22.42 1.28
C MET B 816 -25.14 -23.14 2.10
N SER B 817 -24.44 -24.08 1.46
CA SER B 817 -23.42 -24.87 2.14
C SER B 817 -22.27 -25.13 1.18
N ALA B 818 -21.04 -25.03 1.70
CA ALA B 818 -19.85 -25.27 0.90
C ALA B 818 -19.50 -26.75 0.80
N THR B 819 -20.07 -27.58 1.68
CA THR B 819 -19.79 -29.00 1.67
C THR B 819 -21.03 -29.79 1.26
N PRO B 820 -20.86 -30.84 0.46
CA PRO B 820 -22.05 -31.54 -0.06
C PRO B 820 -22.60 -32.58 0.91
N ILE B 821 -23.61 -33.34 0.46
CA ILE B 821 -24.21 -34.41 1.24
C ILE B 821 -24.12 -35.69 0.43
N PRO B 822 -24.01 -36.86 1.07
CA PRO B 822 -23.96 -38.12 0.31
C PRO B 822 -25.21 -38.31 -0.52
N ARG B 823 -25.03 -38.93 -1.70
CA ARG B 823 -26.14 -39.12 -2.63
C ARG B 823 -27.25 -39.96 -2.01
N THR B 824 -26.90 -40.97 -1.22
CA THR B 824 -27.91 -41.79 -0.57
C THR B 824 -28.73 -40.95 0.42
N LEU B 825 -28.07 -40.04 1.13
CA LEU B 825 -28.79 -39.15 2.03
C LEU B 825 -29.63 -38.14 1.27
N GLU B 826 -29.17 -37.70 0.10
CA GLU B 826 -29.95 -36.79 -0.73
C GLU B 826 -31.19 -37.46 -1.29
N MET B 827 -31.12 -38.78 -1.54
CA MET B 827 -32.26 -39.49 -2.10
C MET B 827 -33.30 -39.83 -1.05
N SER B 828 -32.87 -40.13 0.18
CA SER B 828 -33.81 -40.43 1.25
C SER B 828 -34.56 -39.19 1.72
N LEU B 829 -33.89 -38.03 1.71
CA LEU B 829 -34.51 -36.77 2.10
C LEU B 829 -35.23 -36.07 0.96
N ALA B 830 -35.51 -36.80 -0.13
CA ALA B 830 -36.06 -36.21 -1.35
C ALA B 830 -37.43 -35.59 -1.18
N GLY B 831 -38.06 -35.72 -0.01
CA GLY B 831 -39.32 -35.06 0.25
C GLY B 831 -39.25 -34.16 1.46
N ILE B 832 -38.52 -34.61 2.48
CA ILE B 832 -38.46 -33.86 3.73
C ILE B 832 -37.54 -32.66 3.60
N ARG B 833 -36.57 -32.71 2.68
CA ARG B 833 -35.58 -31.64 2.54
C ARG B 833 -35.09 -31.62 1.10
N GLU B 834 -35.60 -30.69 0.31
CA GLU B 834 -35.12 -30.52 -1.06
C GLU B 834 -33.68 -29.99 -1.05
N MET B 835 -32.94 -30.33 -2.10
CA MET B 835 -31.54 -29.93 -2.20
C MET B 835 -31.09 -30.04 -3.66
N SER B 836 -30.53 -28.96 -4.18
CA SER B 836 -29.97 -28.94 -5.53
C SER B 836 -28.48 -28.63 -5.45
N THR B 837 -27.65 -29.56 -5.90
CA THR B 837 -26.20 -29.44 -5.84
C THR B 837 -25.66 -28.75 -7.09
N ILE B 838 -24.58 -28.00 -6.91
CA ILE B 838 -23.92 -27.28 -7.98
C ILE B 838 -22.59 -27.97 -8.29
N LEU B 839 -22.43 -28.44 -9.52
CA LEU B 839 -21.22 -29.13 -9.94
C LEU B 839 -20.46 -28.43 -11.04
N THR B 840 -21.13 -27.71 -11.93
CA THR B 840 -20.45 -27.01 -13.03
C THR B 840 -19.99 -25.65 -12.56
N PRO B 841 -18.68 -25.36 -12.58
CA PRO B 841 -18.22 -24.01 -12.25
C PRO B 841 -18.32 -23.10 -13.45
N PRO B 842 -18.46 -21.78 -13.23
CA PRO B 842 -18.41 -20.84 -14.35
C PRO B 842 -17.05 -20.84 -15.00
N GLU B 843 -16.03 -20.48 -14.24
CA GLU B 843 -14.64 -20.59 -14.67
C GLU B 843 -14.08 -21.92 -14.16
N GLU B 844 -13.37 -22.64 -15.02
CA GLU B 844 -12.68 -23.83 -14.55
C GLU B 844 -11.28 -23.40 -14.14
N ARG B 845 -11.07 -23.34 -12.83
CA ARG B 845 -9.78 -22.93 -12.30
C ARG B 845 -8.95 -24.13 -11.91
N TYR B 846 -7.65 -23.87 -11.74
CA TYR B 846 -6.61 -24.86 -11.86
C TYR B 846 -6.02 -25.25 -10.50
N PRO B 847 -5.46 -26.45 -10.37
CA PRO B 847 -5.08 -26.94 -9.04
C PRO B 847 -3.99 -26.10 -8.39
N VAL B 848 -4.02 -26.08 -7.06
CA VAL B 848 -3.02 -25.38 -6.26
C VAL B 848 -1.71 -26.17 -6.31
N LEU B 849 -0.65 -25.51 -6.78
CA LEU B 849 0.65 -26.16 -6.85
C LEU B 849 1.20 -26.35 -5.45
N THR B 850 1.39 -27.60 -5.05
CA THR B 850 1.76 -27.96 -3.70
C THR B 850 3.22 -28.42 -3.67
N TYR B 851 4.01 -27.80 -2.81
CA TYR B 851 5.35 -28.27 -2.51
C TYR B 851 5.35 -28.83 -1.10
N VAL B 852 5.84 -30.05 -0.94
CA VAL B 852 6.06 -30.66 0.36
C VAL B 852 7.55 -30.90 0.52
N GLY B 853 8.08 -30.53 1.67
CA GLY B 853 9.51 -30.60 1.91
C GLY B 853 9.91 -29.98 3.23
N PRO B 854 11.20 -29.95 3.51
CA PRO B 854 11.66 -29.40 4.79
C PRO B 854 11.48 -27.90 4.88
N HIS B 855 11.34 -27.42 6.11
CA HIS B 855 11.14 -26.00 6.39
C HIS B 855 12.47 -25.26 6.25
N ASP B 856 12.60 -24.47 5.18
CA ASP B 856 13.75 -23.60 4.96
C ASP B 856 13.25 -22.17 4.96
N ASP B 857 13.93 -21.30 5.71
CA ASP B 857 13.51 -19.91 5.83
C ASP B 857 13.59 -19.18 4.48
N LYS B 858 14.67 -19.43 3.72
CA LYS B 858 14.83 -18.76 2.44
C LYS B 858 13.67 -19.07 1.50
N GLN B 859 13.28 -20.34 1.44
CA GLN B 859 12.17 -20.75 0.56
C GLN B 859 10.86 -20.13 1.00
N VAL B 860 10.60 -20.10 2.31
CA VAL B 860 9.39 -19.45 2.81
C VAL B 860 9.41 -17.97 2.48
N ALA B 861 10.54 -17.31 2.70
CA ALA B 861 10.64 -15.88 2.38
C ALA B 861 10.47 -15.64 0.88
N ALA B 862 11.03 -16.54 0.05
CA ALA B 862 10.86 -16.40 -1.39
C ALA B 862 9.38 -16.46 -1.77
N ALA B 863 8.64 -17.42 -1.21
CA ALA B 863 7.24 -17.58 -1.58
C ALA B 863 6.39 -16.43 -1.06
N LEU B 864 6.67 -15.95 0.15
CA LEU B 864 5.92 -14.82 0.68
C LEU B 864 6.17 -13.56 -0.13
N ARG B 865 7.42 -13.32 -0.53
CA ARG B 865 7.72 -12.19 -1.38
C ARG B 865 6.98 -12.29 -2.70
N ARG B 866 6.94 -13.51 -3.28
CA ARG B 866 6.25 -13.70 -4.56
C ARG B 866 4.79 -13.30 -4.45
N GLU B 867 4.10 -13.69 -3.37
CA GLU B 867 2.72 -13.32 -3.20
C GLU B 867 2.55 -11.81 -2.98
N LEU B 868 3.50 -11.19 -2.26
CA LEU B 868 3.42 -9.76 -2.06
C LEU B 868 3.65 -8.99 -3.35
N LEU B 869 4.44 -9.56 -4.27
CA LEU B 869 4.74 -8.87 -5.53
C LEU B 869 3.48 -8.62 -6.35
N ARG B 870 2.51 -9.54 -6.29
CA ARG B 870 1.25 -9.37 -7.01
C ARG B 870 0.16 -8.78 -6.12
N ASP B 871 0.54 -8.03 -5.09
CA ASP B 871 -0.39 -7.42 -4.15
C ASP B 871 -1.28 -8.46 -3.49
N GLY B 872 -0.75 -9.68 -3.31
CA GLY B 872 -1.49 -10.77 -2.75
C GLY B 872 -1.22 -10.95 -1.26
N GLN B 873 -2.02 -11.82 -0.64
CA GLN B 873 -1.94 -12.10 0.78
C GLN B 873 -1.72 -13.59 1.00
N ALA B 874 -1.26 -13.93 2.21
CA ALA B 874 -0.85 -15.30 2.50
C ALA B 874 -1.41 -15.76 3.83
N PHE B 875 -1.62 -17.06 3.95
CA PHE B 875 -1.98 -17.71 5.21
C PHE B 875 -0.76 -18.43 5.76
N TYR B 876 -0.44 -18.17 7.02
CA TYR B 876 0.66 -18.84 7.72
C TYR B 876 0.06 -19.64 8.88
N ILE B 877 -0.07 -20.95 8.71
CA ILE B 877 -0.74 -21.78 9.70
C ILE B 877 0.24 -22.10 10.83
N HIS B 878 -0.13 -21.70 12.06
CA HIS B 878 0.58 -22.10 13.28
C HIS B 878 -0.50 -22.45 14.29
N ASN B 879 -0.68 -23.75 14.53
CA ASN B 879 -1.83 -24.23 15.29
C ASN B 879 -1.63 -24.19 16.80
N ARG B 880 -0.41 -23.96 17.28
CA ARG B 880 -0.10 -23.95 18.71
C ARG B 880 -0.13 -22.51 19.22
N VAL B 881 -1.24 -22.13 19.86
CA VAL B 881 -1.41 -20.76 20.34
C VAL B 881 -0.39 -20.38 21.40
N ARG B 882 0.22 -21.37 22.06
CA ARG B 882 1.21 -21.09 23.09
C ARG B 882 2.42 -20.36 22.51
N THR B 883 2.72 -20.57 21.23
CA THR B 883 3.90 -19.98 20.61
C THR B 883 3.58 -19.26 19.31
N ILE B 884 2.32 -18.89 19.09
CA ILE B 884 1.97 -18.25 17.83
C ILE B 884 2.48 -16.80 17.79
N ASP B 885 2.60 -16.15 18.95
CA ASP B 885 3.13 -14.79 18.98
C ASP B 885 4.61 -14.76 18.59
N GLU B 886 5.34 -15.83 18.90
CA GLU B 886 6.74 -15.91 18.49
C GLU B 886 6.86 -16.23 17.01
N ALA B 887 5.89 -16.95 16.45
CA ALA B 887 5.93 -17.28 15.03
C ALA B 887 5.75 -16.03 14.17
N ALA B 888 4.77 -15.19 14.52
CA ALA B 888 4.59 -13.94 13.80
C ALA B 888 5.82 -13.05 13.88
N ALA B 889 6.57 -13.14 14.97
CA ALA B 889 7.83 -12.39 15.06
C ALA B 889 8.91 -12.99 14.17
N ARG B 890 8.92 -14.32 14.01
CA ARG B 890 9.90 -14.95 13.14
C ARG B 890 9.68 -14.57 11.68
N VAL B 891 8.41 -14.52 11.24
CA VAL B 891 8.13 -14.15 9.86
C VAL B 891 8.27 -12.65 9.66
N ARG B 892 8.05 -11.85 10.70
CA ARG B 892 8.29 -10.42 10.58
C ARG B 892 9.76 -10.11 10.35
N GLN B 893 10.65 -10.96 10.87
CA GLN B 893 12.07 -10.82 10.57
C GLN B 893 12.41 -11.38 9.20
N LEU B 894 11.70 -12.43 8.76
CA LEU B 894 11.97 -13.02 7.45
C LEU B 894 11.51 -12.09 6.33
N VAL B 895 10.36 -11.46 6.50
CA VAL B 895 9.83 -10.52 5.51
C VAL B 895 9.45 -9.24 6.24
N PRO B 896 10.35 -8.26 6.32
CA PRO B 896 10.03 -7.01 7.03
C PRO B 896 9.16 -6.04 6.25
N GLU B 897 8.93 -6.27 4.96
CA GLU B 897 8.06 -5.41 4.16
C GLU B 897 6.60 -5.84 4.21
N ALA B 898 6.27 -6.88 4.97
CA ALA B 898 4.91 -7.38 5.09
C ALA B 898 4.31 -6.96 6.42
N ARG B 899 3.00 -6.77 6.42
CA ARG B 899 2.25 -6.47 7.64
C ARG B 899 1.65 -7.78 8.16
N VAL B 900 2.02 -8.14 9.39
CA VAL B 900 1.79 -9.47 9.96
C VAL B 900 0.95 -9.34 11.22
N VAL B 901 0.04 -10.31 11.45
CA VAL B 901 -0.69 -10.46 12.72
C VAL B 901 -0.92 -11.93 13.03
N VAL B 902 -1.57 -12.14 14.17
CA VAL B 902 -2.08 -13.42 14.60
C VAL B 902 -3.61 -13.35 14.65
N ALA B 903 -4.23 -14.52 14.61
CA ALA B 903 -5.68 -14.65 14.75
C ALA B 903 -5.97 -16.09 15.12
N HIS B 904 -6.46 -16.31 16.34
CA HIS B 904 -6.69 -17.66 16.84
C HIS B 904 -7.98 -17.67 17.64
N GLY B 905 -8.26 -18.81 18.28
CA GLY B 905 -9.50 -19.00 19.02
C GLY B 905 -9.50 -18.38 20.40
N GLN B 906 -8.37 -18.45 21.10
CA GLN B 906 -8.28 -17.87 22.44
C GLN B 906 -8.51 -16.36 22.44
N MET B 907 -8.32 -15.70 21.31
CA MET B 907 -8.75 -14.32 21.17
C MET B 907 -10.25 -14.22 21.40
N ASN B 908 -10.69 -13.11 21.98
CA ASN B 908 -12.12 -12.88 22.04
C ASN B 908 -12.62 -12.45 20.66
N GLU B 909 -13.94 -12.53 20.48
CA GLU B 909 -14.51 -12.45 19.14
C GLU B 909 -14.35 -11.06 18.52
N GLU B 910 -14.31 -10.00 19.32
CA GLU B 910 -14.18 -8.66 18.75
C GLU B 910 -12.78 -8.45 18.18
N THR B 911 -11.75 -8.97 18.87
CA THR B 911 -10.40 -8.95 18.33
C THR B 911 -10.33 -9.73 17.02
N LEU B 912 -11.03 -10.86 16.94
CA LEU B 912 -10.93 -11.73 15.78
C LEU B 912 -11.60 -11.10 14.55
N GLU B 913 -12.83 -10.64 14.70
CA GLU B 913 -13.58 -10.13 13.55
C GLU B 913 -13.14 -8.75 13.11
N LYS B 914 -12.36 -8.04 13.92
CA LYS B 914 -11.69 -6.82 13.47
C LYS B 914 -10.38 -7.13 12.78
N THR B 915 -9.61 -8.08 13.33
CA THR B 915 -8.41 -8.57 12.66
C THR B 915 -8.74 -9.08 11.26
N VAL B 916 -9.76 -9.94 11.16
CA VAL B 916 -10.15 -10.49 9.87
C VAL B 916 -10.72 -9.40 8.96
N GLU B 917 -11.34 -8.38 9.54
CA GLU B 917 -11.89 -7.30 8.72
C GLU B 917 -10.79 -6.50 8.04
N GLY B 918 -9.70 -6.20 8.76
CA GLY B 918 -8.58 -5.52 8.15
C GLY B 918 -7.87 -6.40 7.13
N PHE B 919 -7.72 -7.68 7.46
CA PHE B 919 -7.09 -8.61 6.52
C PHE B 919 -7.87 -8.68 5.21
N TRP B 920 -9.20 -8.71 5.29
CA TRP B 920 -9.99 -8.70 4.07
C TRP B 920 -9.91 -7.35 3.36
N ASN B 921 -9.85 -6.26 4.11
CA ASN B 921 -9.67 -4.93 3.54
C ASN B 921 -8.22 -4.64 3.17
N ARG B 922 -7.36 -5.66 3.21
CA ARG B 922 -5.96 -5.55 2.77
C ARG B 922 -5.19 -4.51 3.57
N GLU B 923 -5.62 -4.27 4.81
CA GLU B 923 -4.77 -3.54 5.75
C GLU B 923 -3.56 -4.36 6.16
N TYR B 924 -3.61 -5.68 5.97
CA TYR B 924 -2.60 -6.61 6.46
C TYR B 924 -2.25 -7.61 5.36
N ASP B 925 -0.99 -8.02 5.34
CA ASP B 925 -0.46 -8.87 4.26
C ASP B 925 -0.45 -10.36 4.60
N ILE B 926 0.08 -10.71 5.77
CA ILE B 926 0.23 -12.10 6.17
C ILE B 926 -0.58 -12.34 7.43
N LEU B 927 -1.38 -13.40 7.43
CA LEU B 927 -2.24 -13.76 8.54
C LEU B 927 -1.71 -15.05 9.15
N VAL B 928 -0.97 -14.93 10.25
CA VAL B 928 -0.55 -16.09 11.03
C VAL B 928 -1.75 -16.53 11.87
N CYS B 929 -2.27 -17.72 11.58
CA CYS B 929 -3.52 -18.14 12.20
C CYS B 929 -3.49 -19.64 12.44
N THR B 930 -4.54 -20.12 13.11
CA THR B 930 -4.69 -21.54 13.40
C THR B 930 -5.53 -22.21 12.31
N THR B 931 -5.66 -23.53 12.40
CA THR B 931 -6.39 -24.28 11.40
C THR B 931 -7.87 -23.94 11.41
N ILE B 932 -8.45 -23.73 12.60
CA ILE B 932 -9.89 -23.54 12.71
C ILE B 932 -10.30 -22.19 12.11
N VAL B 933 -9.47 -21.16 12.25
CA VAL B 933 -9.85 -19.85 11.75
C VAL B 933 -9.62 -19.76 10.24
N GLU B 934 -8.53 -20.35 9.75
CA GLU B 934 -8.26 -20.32 8.30
C GLU B 934 -9.37 -21.01 7.53
N THR B 935 -9.66 -22.26 7.87
CA THR B 935 -10.84 -22.93 7.35
C THR B 935 -12.08 -22.25 7.92
N GLY B 936 -12.56 -21.21 7.26
CA GLY B 936 -13.65 -20.41 7.77
C GLY B 936 -13.59 -19.00 7.25
N LEU B 937 -12.59 -18.72 6.41
CA LEU B 937 -12.42 -17.43 5.76
C LEU B 937 -12.39 -17.62 4.26
N ASP B 938 -13.05 -16.73 3.53
CA ASP B 938 -13.05 -16.71 2.08
C ASP B 938 -12.37 -15.42 1.62
N ILE B 939 -11.06 -15.50 1.42
CA ILE B 939 -10.25 -14.36 0.99
C ILE B 939 -9.77 -14.67 -0.41
N SER B 940 -10.39 -14.03 -1.41
CA SER B 940 -10.01 -14.27 -2.79
C SER B 940 -8.59 -13.83 -3.08
N ASN B 941 -8.09 -12.84 -2.33
CA ASN B 941 -6.75 -12.32 -2.57
C ASN B 941 -5.65 -13.13 -1.90
N ALA B 942 -5.98 -13.86 -0.83
CA ALA B 942 -5.00 -14.71 -0.16
C ALA B 942 -4.78 -15.95 -1.01
N ASN B 943 -3.61 -16.06 -1.64
CA ASN B 943 -3.43 -17.11 -2.63
C ASN B 943 -2.13 -17.90 -2.47
N THR B 944 -1.43 -17.79 -1.35
CA THR B 944 -0.46 -18.81 -0.99
C THR B 944 -0.63 -19.18 0.48
N LEU B 945 -0.25 -20.42 0.81
CA LEU B 945 -0.51 -21.01 2.11
C LEU B 945 0.75 -21.70 2.60
N ILE B 946 1.27 -21.26 3.74
CA ILE B 946 2.43 -21.87 4.38
C ILE B 946 1.93 -22.65 5.59
N VAL B 947 2.17 -23.95 5.59
CA VAL B 947 1.74 -24.81 6.69
C VAL B 947 3.01 -25.28 7.41
N GLU B 948 3.30 -24.65 8.54
CA GLU B 948 4.36 -25.13 9.42
C GLU B 948 3.97 -26.48 10.02
N ARG B 949 4.91 -27.42 10.00
CA ARG B 949 4.71 -28.75 10.59
C ARG B 949 3.46 -29.42 10.02
N ALA B 950 3.48 -29.66 8.71
CA ALA B 950 2.35 -30.29 8.06
C ALA B 950 2.21 -31.76 8.43
N ASP B 951 3.27 -32.37 8.97
CA ASP B 951 3.23 -33.79 9.33
C ASP B 951 2.25 -34.05 10.48
N THR B 952 2.00 -33.06 11.33
CA THR B 952 1.04 -33.20 12.41
C THR B 952 -0.37 -32.80 11.97
N PHE B 953 -0.78 -33.28 10.79
CA PHE B 953 -2.07 -32.90 10.22
C PHE B 953 -2.67 -34.08 9.48
N GLY B 954 -4.00 -34.15 9.49
CA GLY B 954 -4.68 -35.18 8.76
C GLY B 954 -4.85 -34.83 7.29
N LEU B 955 -5.09 -35.87 6.49
CA LEU B 955 -5.27 -35.69 5.06
C LEU B 955 -6.41 -34.71 4.78
N SER B 956 -7.51 -34.82 5.52
CA SER B 956 -8.66 -33.96 5.25
C SER B 956 -8.47 -32.56 5.81
N GLN B 957 -7.68 -32.41 6.88
CA GLN B 957 -7.37 -31.07 7.36
C GLN B 957 -6.40 -30.35 6.42
N LEU B 958 -5.39 -31.07 5.93
CA LEU B 958 -4.52 -30.50 4.90
C LEU B 958 -5.30 -30.19 3.63
N HIS B 959 -6.33 -30.99 3.35
CA HIS B 959 -7.13 -30.77 2.14
C HIS B 959 -7.95 -29.49 2.25
N GLN B 960 -8.68 -29.33 3.34
CA GLN B 960 -9.48 -28.12 3.51
C GLN B 960 -8.61 -26.91 3.80
N LEU B 961 -7.37 -27.10 4.25
CA LEU B 961 -6.44 -25.98 4.37
C LEU B 961 -6.07 -25.45 2.99
N ARG B 962 -5.61 -26.32 2.10
CA ARG B 962 -5.28 -25.93 0.74
C ARG B 962 -6.49 -25.44 -0.04
N GLY B 963 -7.69 -25.86 0.36
CA GLY B 963 -8.88 -25.50 -0.38
C GLY B 963 -9.36 -24.08 -0.21
N ARG B 964 -8.82 -23.33 0.76
CA ARG B 964 -9.22 -21.95 0.99
C ARG B 964 -8.30 -20.97 0.28
N VAL B 965 -7.53 -21.45 -0.68
CA VAL B 965 -6.48 -20.66 -1.32
C VAL B 965 -6.43 -21.05 -2.80
N GLY B 966 -6.23 -20.07 -3.67
CA GLY B 966 -6.19 -20.36 -5.10
C GLY B 966 -7.55 -20.61 -5.72
N ARG B 967 -8.61 -20.04 -5.16
CA ARG B 967 -9.94 -20.27 -5.70
C ARG B 967 -10.25 -19.32 -6.85
N SER B 968 -9.65 -18.13 -6.89
CA SER B 968 -10.04 -17.21 -7.95
C SER B 968 -9.17 -17.37 -9.19
N ARG B 969 -8.98 -16.27 -9.92
CA ARG B 969 -8.29 -16.34 -11.21
C ARG B 969 -6.81 -16.60 -11.04
N GLU B 970 -6.20 -16.04 -10.00
CA GLU B 970 -4.78 -16.30 -9.73
C GLU B 970 -4.59 -17.72 -9.21
N ARG B 971 -3.49 -18.34 -9.62
CA ARG B 971 -3.18 -19.68 -9.12
C ARG B 971 -2.62 -19.59 -7.71
N GLY B 972 -2.99 -20.56 -6.89
CA GLY B 972 -2.54 -20.62 -5.51
C GLY B 972 -1.34 -21.53 -5.32
N TYR B 973 -0.55 -21.22 -4.32
CA TYR B 973 0.61 -22.03 -3.95
C TYR B 973 0.45 -22.51 -2.52
N ALA B 974 0.66 -23.80 -2.29
CA ALA B 974 0.62 -24.37 -0.95
C ALA B 974 1.98 -24.97 -0.63
N TYR B 975 2.46 -24.71 0.58
CA TYR B 975 3.75 -25.22 1.06
C TYR B 975 3.49 -26.03 2.30
N PHE B 976 3.61 -27.35 2.19
CA PHE B 976 3.49 -28.27 3.32
C PHE B 976 4.89 -28.58 3.82
N LEU B 977 5.27 -28.01 4.95
CA LEU B 977 6.63 -28.10 5.45
C LEU B 977 6.69 -28.92 6.72
N TYR B 978 7.74 -29.73 6.85
CA TYR B 978 8.05 -30.50 8.03
C TYR B 978 9.45 -30.16 8.52
N PRO B 979 9.80 -30.48 9.75
CA PRO B 979 11.13 -30.12 10.28
C PRO B 979 12.24 -30.75 9.47
N PRO B 980 13.32 -30.00 9.20
CA PRO B 980 14.39 -30.54 8.35
C PRO B 980 15.24 -31.62 9.00
N ASN B 981 15.48 -31.52 10.31
CA ASN B 981 16.41 -32.44 10.97
C ASN B 981 15.77 -33.78 11.29
N LYS B 982 14.46 -33.82 11.53
CA LYS B 982 13.79 -35.05 11.92
C LYS B 982 13.61 -35.99 10.72
N PRO B 983 13.40 -37.28 10.98
CA PRO B 983 12.93 -38.17 9.90
C PRO B 983 11.42 -38.11 9.80
N LEU B 984 10.86 -38.89 8.88
CA LEU B 984 9.41 -38.95 8.71
C LEU B 984 8.96 -40.40 8.71
N THR B 985 7.88 -40.68 9.43
CA THR B 985 7.28 -42.00 9.35
C THR B 985 6.72 -42.22 7.94
N GLU B 986 6.79 -43.48 7.48
CA GLU B 986 6.36 -43.79 6.12
C GLU B 986 4.90 -43.44 5.90
N THR B 987 4.10 -43.43 6.96
CA THR B 987 2.70 -43.00 6.83
C THR B 987 2.60 -41.51 6.53
N ALA B 988 3.51 -40.70 7.08
CA ALA B 988 3.45 -39.26 6.84
C ALA B 988 4.10 -38.87 5.51
N TYR B 989 5.18 -39.55 5.13
CA TYR B 989 5.83 -39.26 3.85
C TYR B 989 4.89 -39.57 2.70
N ASP B 990 4.21 -40.72 2.74
CA ASP B 990 3.20 -41.02 1.74
C ASP B 990 2.04 -40.04 1.81
N ARG B 991 1.59 -39.73 3.04
CA ARG B 991 0.47 -38.81 3.22
C ARG B 991 0.70 -37.49 2.49
N LEU B 992 1.81 -36.81 2.79
CA LEU B 992 2.08 -35.53 2.15
C LEU B 992 2.23 -35.67 0.65
N ALA B 993 2.67 -36.84 0.17
CA ALA B 993 2.83 -37.03 -1.27
C ALA B 993 1.48 -37.13 -1.97
N THR B 994 0.52 -37.85 -1.40
CA THR B 994 -0.78 -37.99 -2.05
C THR B 994 -1.54 -36.66 -2.08
N ILE B 995 -1.25 -35.77 -1.14
CA ILE B 995 -1.87 -34.45 -1.17
C ILE B 995 -1.08 -33.49 -2.05
N ALA B 996 0.21 -33.74 -2.26
CA ALA B 996 0.99 -32.94 -3.19
C ALA B 996 0.46 -33.11 -4.61
N GLN B 997 0.40 -34.36 -5.09
CA GLN B 997 -0.29 -34.68 -6.34
C GLN B 997 -1.73 -35.01 -5.99
N ASN B 998 -2.55 -33.98 -5.85
CA ASN B 998 -3.91 -34.22 -5.37
C ASN B 998 -4.70 -34.97 -6.44
N ASN B 999 -4.68 -36.29 -6.34
CA ASN B 999 -5.48 -37.17 -7.19
C ASN B 999 -6.82 -37.35 -6.49
N GLU B 1000 -7.80 -36.52 -6.87
CA GLU B 1000 -9.07 -36.46 -6.14
C GLU B 1000 -9.81 -37.78 -6.16
N LEU B 1001 -9.67 -38.55 -7.25
CA LEU B 1001 -10.27 -39.87 -7.34
C LEU B 1001 -9.29 -41.00 -7.05
N GLY B 1002 -8.04 -40.67 -6.76
CA GLY B 1002 -7.06 -41.69 -6.40
C GLY B 1002 -7.43 -42.37 -5.09
N ALA B 1003 -6.75 -43.49 -4.84
CA ALA B 1003 -7.06 -44.29 -3.67
C ALA B 1003 -6.69 -43.57 -2.37
N GLY B 1004 -5.62 -42.79 -2.38
CA GLY B 1004 -5.14 -42.15 -1.18
C GLY B 1004 -6.04 -41.06 -0.64
N MET B 1005 -6.95 -40.55 -1.46
CA MET B 1005 -7.83 -39.45 -1.08
C MET B 1005 -9.25 -39.90 -0.80
N ALA B 1006 -9.54 -41.20 -0.85
CA ALA B 1006 -10.88 -41.68 -0.59
C ALA B 1006 -11.33 -41.34 0.83
N VAL B 1007 -10.42 -41.47 1.80
CA VAL B 1007 -10.73 -41.05 3.16
C VAL B 1007 -10.74 -39.53 3.26
N ALA B 1008 -9.95 -38.85 2.43
CA ALA B 1008 -9.88 -37.40 2.49
C ALA B 1008 -11.18 -36.76 2.04
N MET B 1009 -11.80 -37.29 0.98
CA MET B 1009 -13.05 -36.75 0.46
C MET B 1009 -14.28 -37.27 1.21
N LYS B 1010 -14.10 -38.14 2.20
CA LYS B 1010 -15.25 -38.67 2.92
C LYS B 1010 -15.70 -37.73 4.04
N ASP B 1011 -14.75 -37.06 4.70
CA ASP B 1011 -15.11 -36.18 5.81
C ASP B 1011 -15.86 -34.93 5.34
N LEU B 1012 -15.80 -34.62 4.05
CA LEU B 1012 -16.58 -33.51 3.52
C LEU B 1012 -18.06 -33.88 3.45
N GLU B 1013 -18.35 -35.13 3.07
CA GLU B 1013 -19.71 -35.65 3.22
C GLU B 1013 -20.07 -35.82 4.69
N ILE B 1014 -19.09 -36.07 5.55
CA ILE B 1014 -19.35 -36.21 6.98
C ILE B 1014 -19.71 -34.85 7.58
N ARG B 1015 -18.87 -33.84 7.32
CA ARG B 1015 -19.17 -32.49 7.80
C ARG B 1015 -20.43 -31.94 7.16
N GLY B 1016 -20.69 -32.29 5.90
CA GLY B 1016 -21.92 -31.84 5.26
C GLY B 1016 -23.16 -32.50 5.85
N ALA B 1017 -23.10 -33.82 6.06
CA ALA B 1017 -24.22 -34.52 6.68
C ALA B 1017 -24.47 -34.00 8.09
N GLY B 1018 -23.41 -33.75 8.85
CA GLY B 1018 -23.55 -33.18 10.18
C GLY B 1018 -24.10 -31.77 10.18
N ASN B 1019 -24.11 -31.09 9.04
CA ASN B 1019 -24.65 -29.76 8.95
C ASN B 1019 -26.04 -29.70 8.33
N VAL B 1020 -26.50 -30.78 7.70
CA VAL B 1020 -27.83 -30.81 7.08
C VAL B 1020 -28.75 -31.65 7.95
N LEU B 1021 -28.16 -32.60 8.68
CA LEU B 1021 -28.96 -33.38 9.63
C LEU B 1021 -29.34 -32.56 10.85
N GLY B 1022 -28.60 -31.50 11.16
CA GLY B 1022 -28.85 -30.73 12.35
C GLY B 1022 -28.44 -31.43 13.63
N ALA B 1023 -27.43 -32.30 13.56
CA ALA B 1023 -26.96 -33.01 14.74
C ALA B 1023 -25.52 -33.47 14.49
N GLU B 1024 -24.83 -33.76 15.58
CA GLU B 1024 -23.45 -34.27 15.52
C GLU B 1024 -23.45 -35.79 15.44
N GLN B 1025 -23.91 -36.45 16.51
CA GLN B 1025 -24.03 -37.90 16.59
C GLN B 1025 -22.70 -38.61 16.39
N SER B 1026 -21.59 -37.91 16.60
CA SER B 1026 -20.27 -38.51 16.39
C SER B 1026 -20.00 -39.64 17.37
N GLY B 1027 -20.66 -39.66 18.52
CA GLY B 1027 -20.49 -40.76 19.45
C GLY B 1027 -21.02 -42.07 18.89
N HIS B 1028 -22.15 -42.01 18.19
CA HIS B 1028 -22.74 -43.21 17.60
C HIS B 1028 -22.18 -43.53 16.22
N VAL B 1029 -21.55 -42.57 15.54
CA VAL B 1029 -20.96 -42.83 14.24
C VAL B 1029 -19.81 -43.84 14.36
N ALA B 1030 -18.98 -43.67 15.37
CA ALA B 1030 -17.95 -44.66 15.67
C ALA B 1030 -18.57 -45.87 16.35
N GLY B 1031 -18.02 -47.05 16.07
CA GLY B 1031 -18.60 -48.29 16.52
C GLY B 1031 -19.48 -48.89 15.44
N VAL B 1032 -20.25 -48.03 14.79
CA VAL B 1032 -20.97 -48.38 13.57
C VAL B 1032 -20.15 -47.81 12.42
N GLY B 1033 -20.62 -47.98 11.19
CA GLY B 1033 -20.02 -47.33 10.04
C GLY B 1033 -20.78 -46.05 9.71
N PHE B 1034 -20.04 -45.00 9.36
CA PHE B 1034 -20.71 -43.78 8.91
C PHE B 1034 -21.52 -44.04 7.65
N ASP B 1035 -21.07 -44.94 6.80
CA ASP B 1035 -21.85 -45.30 5.61
C ASP B 1035 -23.16 -45.98 6.00
N LEU B 1036 -23.07 -46.95 6.92
CA LEU B 1036 -24.28 -47.62 7.41
C LEU B 1036 -25.08 -46.72 8.32
N TYR B 1037 -24.42 -45.79 9.04
CA TYR B 1037 -25.15 -44.79 9.82
C TYR B 1037 -26.06 -43.96 8.91
N VAL B 1038 -25.50 -43.43 7.82
CA VAL B 1038 -26.30 -42.67 6.87
C VAL B 1038 -27.37 -43.55 6.24
N ARG B 1039 -27.08 -44.84 6.06
CA ARG B 1039 -28.10 -45.77 5.57
C ARG B 1039 -29.18 -45.99 6.61
N LEU B 1040 -28.81 -46.04 7.89
CA LEU B 1040 -29.81 -46.17 8.95
C LEU B 1040 -30.66 -44.91 9.07
N VAL B 1041 -30.04 -43.73 8.92
CA VAL B 1041 -30.80 -42.50 8.91
C VAL B 1041 -31.83 -42.50 7.79
N GLY B 1042 -31.41 -42.95 6.59
CA GLY B 1042 -32.34 -42.98 5.47
C GLY B 1042 -33.49 -43.94 5.68
N GLU B 1043 -33.19 -45.13 6.21
CA GLU B 1043 -34.26 -46.10 6.51
C GLU B 1043 -35.23 -45.54 7.55
N ALA B 1044 -34.69 -44.88 8.58
CA ALA B 1044 -35.56 -44.32 9.61
C ALA B 1044 -36.39 -43.17 9.07
N VAL B 1045 -35.82 -42.36 8.18
CA VAL B 1045 -36.58 -41.24 7.61
C VAL B 1045 -37.71 -41.76 6.73
N GLU B 1046 -37.40 -42.74 5.86
CA GLU B 1046 -38.44 -43.28 5.00
C GLU B 1046 -39.48 -44.07 5.80
N ALA B 1047 -39.09 -44.59 6.96
CA ALA B 1047 -40.06 -45.24 7.84
C ALA B 1047 -40.96 -44.22 8.52
N TYR B 1048 -40.37 -43.10 8.96
CA TYR B 1048 -41.14 -42.11 9.72
C TYR B 1048 -42.07 -41.33 8.81
N ARG B 1049 -41.63 -41.01 7.60
CA ARG B 1049 -42.51 -40.33 6.66
C ARG B 1049 -43.68 -41.23 6.26
N ALA B 1050 -43.48 -42.55 6.28
CA ALA B 1050 -44.56 -43.49 6.09
C ALA B 1050 -45.55 -43.49 7.26
N ALA B 1051 -45.18 -42.90 8.39
CA ALA B 1051 -46.11 -42.82 9.51
C ALA B 1051 -47.09 -41.66 9.36
N ALA B 1052 -46.61 -40.50 8.94
CA ALA B 1052 -47.50 -39.36 8.72
C ALA B 1052 -48.50 -39.66 7.61
N ASP B 1053 -48.01 -40.13 6.47
CA ASP B 1053 -48.86 -40.58 5.39
C ASP B 1053 -49.23 -42.05 5.62
N GLY B 1054 -49.73 -42.71 4.58
CA GLY B 1054 -50.13 -44.11 4.72
C GLY B 1054 -48.93 -45.03 4.74
N LYS B 1055 -48.87 -45.89 5.75
CA LYS B 1055 -47.74 -46.80 5.93
C LYS B 1055 -47.73 -47.90 4.86
N LYS B 1064 -31.77 -59.74 2.36
CA LYS B 1064 -30.96 -60.94 2.50
C LYS B 1064 -30.29 -61.32 1.19
N ASP B 1065 -29.14 -62.00 1.29
CA ASP B 1065 -28.39 -62.42 0.12
C ASP B 1065 -28.87 -63.78 -0.37
N VAL B 1066 -28.67 -64.02 -1.66
CA VAL B 1066 -29.08 -65.26 -2.33
C VAL B 1066 -27.83 -66.00 -2.78
N ARG B 1067 -27.61 -67.19 -2.22
CA ARG B 1067 -26.41 -67.97 -2.51
C ARG B 1067 -26.65 -68.84 -3.73
N ILE B 1068 -25.88 -68.62 -4.78
CA ILE B 1068 -25.93 -69.45 -5.99
C ILE B 1068 -24.65 -70.25 -6.06
N ASP B 1069 -24.79 -71.58 -6.00
CA ASP B 1069 -23.65 -72.49 -6.04
C ASP B 1069 -23.92 -73.46 -7.19
N LEU B 1070 -23.46 -73.10 -8.39
CA LEU B 1070 -23.63 -73.92 -9.58
C LEU B 1070 -22.32 -73.99 -10.35
N PRO B 1071 -22.15 -75.00 -11.21
CA PRO B 1071 -20.98 -75.01 -12.10
C PRO B 1071 -21.09 -73.99 -13.22
N VAL B 1072 -20.86 -72.72 -12.91
CA VAL B 1072 -20.91 -71.64 -13.88
C VAL B 1072 -19.65 -70.79 -13.74
N ASP B 1073 -18.91 -70.63 -14.84
CA ASP B 1073 -17.70 -69.81 -14.86
C ASP B 1073 -18.13 -68.35 -14.95
N ALA B 1074 -18.47 -67.78 -13.80
CA ALA B 1074 -19.05 -66.45 -13.71
C ALA B 1074 -18.11 -65.56 -12.89
N HIS B 1075 -17.33 -64.74 -13.58
CA HIS B 1075 -16.40 -63.83 -12.91
C HIS B 1075 -16.01 -62.72 -13.88
N LEU B 1076 -15.31 -61.72 -13.35
CA LEU B 1076 -14.70 -60.70 -14.18
C LEU B 1076 -13.22 -61.02 -14.31
N PRO B 1077 -12.75 -61.44 -15.48
CA PRO B 1077 -11.33 -61.81 -15.63
C PRO B 1077 -10.44 -60.59 -15.47
N PRO B 1078 -9.26 -60.77 -14.86
CA PRO B 1078 -8.33 -59.63 -14.73
C PRO B 1078 -7.90 -59.05 -16.07
N GLU B 1079 -7.80 -59.87 -17.11
CA GLU B 1079 -7.46 -59.40 -18.45
C GLU B 1079 -8.50 -58.44 -19.01
N TYR B 1080 -9.69 -58.37 -18.41
CA TYR B 1080 -10.73 -57.43 -18.80
C TYR B 1080 -10.72 -56.17 -17.95
N ILE B 1081 -10.47 -56.30 -16.65
CA ILE B 1081 -10.31 -55.17 -15.74
C ILE B 1081 -9.13 -55.46 -14.84
N GLY B 1082 -7.96 -54.92 -15.19
CA GLY B 1082 -6.74 -55.29 -14.47
C GLY B 1082 -6.70 -54.76 -13.06
N SER B 1083 -7.19 -53.53 -12.85
CA SER B 1083 -7.14 -52.92 -11.53
C SER B 1083 -8.10 -53.60 -10.57
N ASP B 1084 -7.61 -53.98 -9.39
CA ASP B 1084 -8.48 -54.54 -8.36
C ASP B 1084 -9.55 -53.54 -7.94
N ARG B 1085 -9.17 -52.25 -7.84
CA ARG B 1085 -10.11 -51.24 -7.38
C ARG B 1085 -11.29 -51.11 -8.33
N LEU B 1086 -11.05 -51.22 -9.64
CA LEU B 1086 -12.14 -51.06 -10.60
C LEU B 1086 -12.94 -52.35 -10.77
N ARG B 1087 -12.31 -53.51 -10.57
CA ARG B 1087 -13.07 -54.75 -10.60
C ARG B 1087 -14.01 -54.85 -9.40
N LEU B 1088 -13.55 -54.40 -8.22
CA LEU B 1088 -14.39 -54.41 -7.04
C LEU B 1088 -15.67 -53.60 -7.27
N GLU B 1089 -15.54 -52.37 -7.78
CA GLU B 1089 -16.72 -51.56 -8.02
C GLU B 1089 -17.54 -52.11 -9.18
N ALA B 1090 -16.90 -52.73 -10.16
CA ALA B 1090 -17.65 -53.38 -11.23
C ALA B 1090 -18.49 -54.54 -10.69
N TYR B 1091 -17.92 -55.34 -9.79
CA TYR B 1091 -18.69 -56.36 -9.10
C TYR B 1091 -19.82 -55.72 -8.28
N ARG B 1092 -19.46 -54.74 -7.45
CA ARG B 1092 -20.44 -54.12 -6.55
C ARG B 1092 -21.58 -53.49 -7.34
N ARG B 1093 -21.28 -52.83 -8.46
CA ARG B 1093 -22.34 -52.24 -9.28
C ARG B 1093 -23.29 -53.30 -9.80
N LEU B 1094 -22.76 -54.48 -10.16
CA LEU B 1094 -23.62 -55.55 -10.66
C LEU B 1094 -24.42 -56.18 -9.54
N ALA B 1095 -23.82 -56.33 -8.37
CA ALA B 1095 -24.55 -56.91 -7.24
C ALA B 1095 -25.62 -55.96 -6.73
N ALA B 1096 -25.34 -54.65 -6.74
CA ALA B 1096 -26.28 -53.68 -6.18
C ALA B 1096 -27.47 -53.44 -7.08
N ALA B 1097 -27.38 -53.78 -8.36
CA ALA B 1097 -28.51 -53.59 -9.26
C ALA B 1097 -29.71 -54.42 -8.81
N ALA B 1098 -30.90 -53.89 -9.09
CA ALA B 1098 -32.14 -54.59 -8.73
C ALA B 1098 -33.15 -54.57 -9.88
N ASP B 1099 -32.70 -54.31 -11.10
CA ASP B 1099 -33.58 -54.21 -12.24
C ASP B 1099 -32.84 -54.66 -13.48
N ASP B 1100 -33.57 -55.19 -14.46
CA ASP B 1100 -32.95 -55.51 -15.74
C ASP B 1100 -32.46 -54.25 -16.44
N ASP B 1101 -33.18 -53.13 -16.26
CA ASP B 1101 -32.65 -51.85 -16.70
C ASP B 1101 -31.39 -51.48 -15.94
N ALA B 1102 -31.31 -51.86 -14.67
CA ALA B 1102 -30.13 -51.54 -13.88
C ALA B 1102 -28.92 -52.34 -14.32
N VAL B 1103 -29.10 -53.63 -14.63
CA VAL B 1103 -27.96 -54.41 -15.12
C VAL B 1103 -27.64 -54.04 -16.56
N ALA B 1104 -28.62 -53.56 -17.31
CA ALA B 1104 -28.34 -53.07 -18.66
C ALA B 1104 -27.47 -51.81 -18.60
N SER B 1105 -27.72 -50.95 -17.60
CA SER B 1105 -26.89 -49.76 -17.43
C SER B 1105 -25.47 -50.13 -17.02
N VAL B 1106 -25.33 -51.16 -16.17
CA VAL B 1106 -24.00 -51.60 -15.77
C VAL B 1106 -23.27 -52.23 -16.95
N VAL B 1107 -23.99 -52.98 -17.79
CA VAL B 1107 -23.35 -53.62 -18.94
C VAL B 1107 -22.86 -52.56 -19.92
N ASP B 1108 -23.73 -51.61 -20.26
CA ASP B 1108 -23.32 -50.53 -21.17
C ASP B 1108 -22.17 -49.73 -20.61
N GLU B 1109 -22.11 -49.56 -19.29
CA GLU B 1109 -20.96 -48.90 -18.68
C GLU B 1109 -19.71 -49.75 -18.81
N LEU B 1110 -19.85 -51.08 -18.68
CA LEU B 1110 -18.69 -51.96 -18.80
C LEU B 1110 -18.15 -51.98 -20.22
N ILE B 1111 -19.04 -52.06 -21.21
CA ILE B 1111 -18.59 -52.04 -22.60
C ILE B 1111 -17.92 -50.71 -22.92
N ASP B 1112 -18.42 -49.62 -22.33
CA ASP B 1112 -17.84 -48.30 -22.55
C ASP B 1112 -16.41 -48.22 -22.01
N ARG B 1113 -16.23 -48.55 -20.73
CA ARG B 1113 -14.95 -48.31 -20.08
C ARG B 1113 -13.93 -49.40 -20.34
N TYR B 1114 -14.37 -50.64 -20.59
CA TYR B 1114 -13.45 -51.77 -20.63
C TYR B 1114 -13.53 -52.63 -21.88
N GLY B 1115 -14.57 -52.51 -22.68
CA GLY B 1115 -14.67 -53.28 -23.90
C GLY B 1115 -15.79 -54.30 -23.86
N PRO B 1116 -15.91 -55.10 -24.92
CA PRO B 1116 -16.99 -56.10 -24.98
C PRO B 1116 -16.86 -57.12 -23.85
N LEU B 1117 -18.01 -57.57 -23.36
CA LEU B 1117 -18.06 -58.49 -22.23
C LEU B 1117 -17.46 -59.84 -22.60
N PRO B 1118 -16.42 -60.30 -21.92
CA PRO B 1118 -15.93 -61.67 -22.13
C PRO B 1118 -16.96 -62.69 -21.67
N GLU B 1119 -16.69 -63.95 -22.03
CA GLU B 1119 -17.62 -65.03 -21.68
C GLU B 1119 -17.88 -65.13 -20.19
N PRO B 1120 -16.87 -65.16 -19.30
CA PRO B 1120 -17.18 -65.20 -17.86
C PRO B 1120 -17.96 -63.98 -17.38
N ALA B 1121 -17.79 -62.83 -18.03
CA ALA B 1121 -18.55 -61.65 -17.63
C ALA B 1121 -20.01 -61.77 -18.02
N GLN B 1122 -20.29 -62.31 -19.21
CA GLN B 1122 -21.68 -62.55 -19.60
C GLN B 1122 -22.36 -63.51 -18.62
N ARG B 1123 -21.67 -64.60 -18.28
CA ARG B 1123 -22.22 -65.56 -17.32
C ARG B 1123 -22.44 -64.92 -15.97
N LEU B 1124 -21.50 -64.05 -15.54
CA LEU B 1124 -21.67 -63.34 -14.27
C LEU B 1124 -22.92 -62.48 -14.28
N VAL B 1125 -23.20 -61.83 -15.41
CA VAL B 1125 -24.44 -61.06 -15.54
C VAL B 1125 -25.64 -62.01 -15.49
N ALA B 1126 -25.50 -63.19 -16.10
CA ALA B 1126 -26.61 -64.15 -16.12
C ALA B 1126 -26.94 -64.63 -14.72
N VAL B 1127 -25.92 -64.87 -13.89
CA VAL B 1127 -26.17 -65.29 -12.52
C VAL B 1127 -26.76 -64.13 -11.73
N ALA B 1128 -26.32 -62.90 -12.00
CA ALA B 1128 -26.91 -61.74 -11.35
C ALA B 1128 -28.40 -61.65 -11.64
N ARG B 1129 -28.79 -61.82 -12.90
CA ARG B 1129 -30.20 -61.81 -13.25
C ARG B 1129 -30.94 -63.00 -12.64
N LEU B 1130 -30.26 -64.14 -12.48
CA LEU B 1130 -30.89 -65.27 -11.83
C LEU B 1130 -31.22 -64.96 -10.38
N ARG B 1131 -30.37 -64.18 -9.70
CA ARG B 1131 -30.65 -63.80 -8.32
C ARG B 1131 -31.83 -62.84 -8.24
N LEU B 1132 -31.93 -61.90 -9.19
CA LEU B 1132 -33.12 -61.06 -9.27
C LEU B 1132 -34.38 -61.90 -9.37
N LEU B 1133 -34.34 -62.93 -10.22
CA LEU B 1133 -35.45 -63.87 -10.29
C LEU B 1133 -35.66 -64.60 -8.98
N CYS B 1134 -34.57 -64.90 -8.26
CA CYS B 1134 -34.70 -65.60 -6.99
C CYS B 1134 -35.30 -64.70 -5.92
N ARG B 1135 -34.80 -63.47 -5.79
CA ARG B 1135 -35.38 -62.53 -4.84
C ARG B 1135 -36.81 -62.19 -5.20
N GLU B 1136 -37.16 -62.28 -6.49
CA GLU B 1136 -38.54 -62.04 -6.90
C GLU B 1136 -39.50 -63.07 -6.33
N PHE B 1137 -39.05 -64.31 -6.13
CA PHE B 1137 -39.95 -65.38 -5.70
C PHE B 1137 -39.59 -65.94 -4.31
N GLY B 1138 -38.64 -65.35 -3.62
CA GLY B 1138 -38.27 -65.80 -2.29
C GLY B 1138 -37.24 -66.89 -2.24
N ILE B 1139 -36.71 -67.31 -3.39
CA ILE B 1139 -35.60 -68.26 -3.40
C ILE B 1139 -34.35 -67.56 -2.86
N THR B 1140 -33.75 -68.13 -1.82
CA THR B 1140 -32.56 -67.55 -1.23
C THR B 1140 -31.31 -68.40 -1.41
N GLU B 1141 -31.43 -69.65 -1.87
CA GLU B 1141 -30.23 -70.39 -2.26
C GLU B 1141 -30.57 -71.43 -3.31
N ILE B 1142 -29.76 -71.47 -4.35
CA ILE B 1142 -29.85 -72.47 -5.41
C ILE B 1142 -28.48 -73.11 -5.51
N GLY B 1143 -28.43 -74.44 -5.34
CA GLY B 1143 -27.17 -75.12 -5.37
C GLY B 1143 -27.18 -76.46 -6.07
N ALA B 1144 -26.10 -76.76 -6.78
CA ALA B 1144 -25.88 -78.11 -7.32
C ALA B 1144 -25.30 -78.97 -6.21
N VAL B 1145 -26.15 -79.78 -5.59
CA VAL B 1145 -25.71 -80.58 -4.44
C VAL B 1145 -24.71 -81.64 -4.85
N SER B 1146 -24.85 -82.18 -6.06
CA SER B 1146 -23.92 -83.15 -6.60
C SER B 1146 -23.70 -82.82 -8.07
N ALA B 1147 -22.95 -83.68 -8.77
CA ALA B 1147 -22.84 -83.55 -10.21
C ALA B 1147 -24.06 -84.09 -10.95
N SER B 1148 -25.20 -84.20 -10.27
CA SER B 1148 -26.39 -84.78 -10.87
C SER B 1148 -27.68 -84.04 -10.56
N THR B 1149 -27.70 -83.13 -9.59
CA THR B 1149 -28.96 -82.61 -9.07
C THR B 1149 -28.78 -81.18 -8.59
N VAL B 1150 -29.77 -80.35 -8.89
CA VAL B 1150 -29.84 -78.97 -8.39
C VAL B 1150 -30.92 -78.92 -7.32
N ARG B 1151 -30.69 -78.09 -6.31
CA ARG B 1151 -31.54 -78.01 -5.13
C ARG B 1151 -31.94 -76.56 -4.90
N LEU B 1152 -33.25 -76.29 -4.89
CA LEU B 1152 -33.79 -74.97 -4.63
C LEU B 1152 -34.52 -75.01 -3.29
N SER B 1153 -34.17 -74.10 -2.39
CA SER B 1153 -34.41 -74.37 -0.97
C SER B 1153 -35.72 -73.82 -0.42
N PRO B 1154 -36.00 -72.51 -0.53
CA PRO B 1154 -37.22 -71.99 0.12
C PRO B 1154 -38.41 -71.91 -0.82
N MET B 1155 -39.08 -73.04 -1.06
CA MET B 1155 -40.22 -73.11 -1.96
C MET B 1155 -41.37 -73.80 -1.27
N VAL B 1156 -42.50 -73.11 -1.13
CA VAL B 1156 -43.75 -73.73 -0.73
C VAL B 1156 -44.57 -73.94 -1.99
N LEU B 1157 -44.80 -75.20 -2.35
CA LEU B 1157 -45.43 -75.53 -3.61
C LEU B 1157 -46.88 -75.96 -3.37
N PRO B 1158 -47.85 -75.28 -3.97
CA PRO B 1158 -49.22 -75.81 -3.95
C PRO B 1158 -49.31 -77.10 -4.74
N ASP B 1159 -50.48 -77.74 -4.67
CA ASP B 1159 -50.67 -79.01 -5.38
C ASP B 1159 -50.59 -78.82 -6.89
N SER B 1160 -50.97 -77.65 -7.40
CA SER B 1160 -50.86 -77.42 -8.83
C SER B 1160 -49.40 -77.36 -9.26
N ALA B 1161 -48.54 -76.75 -8.44
CA ALA B 1161 -47.13 -76.64 -8.80
C ALA B 1161 -46.43 -77.99 -8.69
N GLN B 1162 -46.85 -78.85 -7.76
CA GLN B 1162 -46.26 -80.18 -7.65
C GLN B 1162 -46.60 -81.03 -8.87
N LEU B 1163 -47.81 -80.86 -9.42
CA LEU B 1163 -48.17 -81.60 -10.62
C LEU B 1163 -47.42 -81.08 -11.84
N ARG B 1164 -47.23 -79.76 -11.92
CA ARG B 1164 -46.50 -79.20 -13.04
C ARG B 1164 -45.03 -79.61 -13.00
N LEU B 1165 -44.42 -79.58 -11.81
CA LEU B 1165 -43.04 -80.05 -11.68
C LEU B 1165 -42.94 -81.53 -12.05
N LYS B 1166 -43.89 -82.35 -11.59
CA LYS B 1166 -43.86 -83.78 -11.88
C LYS B 1166 -44.06 -84.06 -13.37
N ARG B 1167 -44.73 -83.16 -14.08
CA ARG B 1167 -45.03 -83.37 -15.50
C ARG B 1167 -43.89 -82.88 -16.40
N MET B 1168 -43.32 -81.73 -16.10
CA MET B 1168 -42.36 -81.11 -17.01
C MET B 1168 -40.91 -81.41 -16.66
N TYR B 1169 -40.63 -81.86 -15.43
CA TYR B 1169 -39.27 -82.17 -15.00
C TYR B 1169 -39.32 -83.51 -14.27
N PRO B 1170 -39.46 -84.61 -15.01
CA PRO B 1170 -39.51 -85.93 -14.37
C PRO B 1170 -38.22 -86.23 -13.62
N GLY B 1171 -38.36 -86.93 -12.51
CA GLY B 1171 -37.25 -87.24 -11.65
C GLY B 1171 -37.09 -86.28 -10.49
N GLY B 1172 -37.73 -85.12 -10.56
CA GLY B 1172 -37.66 -84.17 -9.47
C GLY B 1172 -38.61 -84.53 -8.34
N HIS B 1173 -38.20 -84.19 -7.12
CA HIS B 1173 -39.00 -84.40 -5.92
C HIS B 1173 -39.20 -83.08 -5.21
N TYR B 1174 -40.29 -82.99 -4.44
CA TYR B 1174 -40.59 -81.83 -3.62
C TYR B 1174 -40.65 -82.27 -2.16
N ARG B 1175 -39.66 -81.83 -1.37
CA ARG B 1175 -39.58 -82.16 0.04
C ARG B 1175 -40.28 -81.05 0.83
N ALA B 1176 -41.55 -81.28 1.19
CA ALA B 1176 -42.32 -80.23 1.85
C ALA B 1176 -41.82 -79.97 3.27
N THR B 1177 -41.20 -80.96 3.90
CA THR B 1177 -40.66 -80.75 5.25
C THR B 1177 -39.59 -79.66 5.23
N THR B 1178 -38.62 -79.77 4.33
CA THR B 1178 -37.56 -78.78 4.17
C THR B 1178 -37.90 -77.70 3.16
N SER B 1179 -39.09 -77.77 2.55
CA SER B 1179 -39.55 -76.80 1.55
C SER B 1179 -38.65 -76.74 0.32
N THR B 1180 -37.82 -77.75 0.11
CA THR B 1180 -36.88 -77.72 -1.00
C THR B 1180 -37.47 -78.37 -2.26
N VAL B 1181 -36.93 -77.96 -3.40
CA VAL B 1181 -37.19 -78.61 -4.68
C VAL B 1181 -35.87 -79.22 -5.14
N GLN B 1182 -35.93 -80.45 -5.62
CA GLN B 1182 -34.75 -81.21 -5.99
C GLN B 1182 -34.98 -81.79 -7.38
N VAL B 1183 -34.17 -81.39 -8.35
CA VAL B 1183 -34.40 -81.76 -9.74
C VAL B 1183 -33.10 -82.25 -10.37
N PRO B 1184 -33.10 -83.37 -11.08
CA PRO B 1184 -31.87 -83.85 -11.72
C PRO B 1184 -31.48 -82.97 -12.90
N LEU B 1185 -30.18 -82.69 -12.99
CA LEU B 1185 -29.65 -81.85 -14.06
C LEU B 1185 -29.76 -82.56 -15.41
N PRO B 1186 -30.18 -81.85 -16.45
CA PRO B 1186 -30.13 -82.44 -17.80
C PRO B 1186 -28.70 -82.71 -18.22
N ARG B 1187 -28.56 -83.54 -19.27
CA ARG B 1187 -27.26 -84.02 -19.71
C ARG B 1187 -26.87 -83.34 -21.01
N ALA B 1188 -25.61 -82.90 -21.09
CA ALA B 1188 -25.13 -82.24 -22.29
C ALA B 1188 -25.03 -83.20 -23.46
N GLY B 1189 -24.51 -84.41 -23.21
CA GLY B 1189 -24.32 -85.40 -24.24
C GLY B 1189 -25.28 -86.57 -24.12
N GLU B 1190 -25.12 -87.50 -25.06
CA GLU B 1190 -25.95 -88.69 -25.13
C GLU B 1190 -25.42 -89.78 -24.21
N GLY B 1191 -26.35 -90.56 -23.66
CA GLY B 1191 -26.00 -91.78 -22.97
C GLY B 1191 -25.80 -91.60 -21.48
N VAL B 1192 -25.77 -92.74 -20.78
CA VAL B 1192 -25.52 -92.75 -19.35
C VAL B 1192 -24.14 -92.16 -19.07
N GLY B 1193 -24.00 -91.53 -17.91
CA GLY B 1193 -22.74 -90.97 -17.49
C GLY B 1193 -22.24 -89.79 -18.27
N ALA B 1194 -23.04 -89.25 -19.18
CA ALA B 1194 -22.67 -88.02 -19.86
C ALA B 1194 -22.63 -86.87 -18.86
N PRO B 1195 -21.78 -85.88 -19.09
CA PRO B 1195 -21.72 -84.74 -18.17
C PRO B 1195 -22.99 -83.89 -18.26
N ARG B 1196 -23.35 -83.30 -17.13
CA ARG B 1196 -24.56 -82.49 -17.07
C ARG B 1196 -24.31 -81.12 -17.69
N ILE B 1197 -25.41 -80.41 -17.98
CA ILE B 1197 -25.30 -79.12 -18.64
C ILE B 1197 -24.59 -78.12 -17.71
N ARG B 1198 -24.11 -77.04 -18.31
CA ARG B 1198 -23.14 -76.18 -17.64
C ARG B 1198 -23.28 -74.75 -18.15
N ASP B 1199 -22.83 -73.81 -17.32
CA ASP B 1199 -22.57 -72.41 -17.71
C ASP B 1199 -23.89 -71.76 -18.14
N LEU B 1200 -23.95 -71.13 -19.33
CA LEU B 1200 -25.16 -70.44 -19.75
C LEU B 1200 -26.33 -71.40 -19.84
N GLU B 1201 -26.10 -72.59 -20.38
CA GLU B 1201 -27.16 -73.58 -20.51
C GLU B 1201 -27.81 -73.88 -19.16
N LEU B 1202 -27.00 -74.07 -18.12
CA LEU B 1202 -27.55 -74.35 -16.80
C LEU B 1202 -28.30 -73.15 -16.24
N VAL B 1203 -27.74 -71.95 -16.39
CA VAL B 1203 -28.42 -70.75 -15.90
C VAL B 1203 -29.77 -70.59 -16.58
N GLN B 1204 -29.83 -70.83 -17.89
CA GLN B 1204 -31.10 -70.74 -18.59
C GLN B 1204 -32.07 -71.81 -18.10
N TRP B 1205 -31.60 -73.04 -17.94
CA TRP B 1205 -32.45 -74.13 -17.50
C TRP B 1205 -32.96 -73.90 -16.07
N VAL B 1206 -32.09 -73.42 -15.18
CA VAL B 1206 -32.53 -73.15 -13.82
C VAL B 1206 -33.50 -71.98 -13.80
N ALA B 1207 -33.24 -70.95 -14.62
CA ALA B 1207 -34.16 -69.83 -14.73
C ALA B 1207 -35.54 -70.31 -15.14
N GLY B 1208 -35.61 -71.13 -16.18
CA GLY B 1208 -36.89 -71.71 -16.57
C GLY B 1208 -37.53 -72.55 -15.49
N LEU B 1209 -36.73 -73.18 -14.63
CA LEU B 1209 -37.30 -74.04 -13.60
C LEU B 1209 -38.06 -73.23 -12.57
N VAL B 1210 -37.44 -72.19 -12.02
CA VAL B 1210 -38.13 -71.32 -11.06
C VAL B 1210 -39.30 -70.60 -11.73
N LEU B 1211 -39.24 -70.42 -13.05
CA LEU B 1211 -40.35 -69.80 -13.77
C LEU B 1211 -41.58 -70.69 -13.75
N VAL B 1212 -41.45 -71.92 -14.26
CA VAL B 1212 -42.60 -72.82 -14.30
C VAL B 1212 -43.05 -73.18 -12.89
N LEU B 1213 -42.13 -73.18 -11.92
CA LEU B 1213 -42.53 -73.48 -10.55
C LEU B 1213 -43.37 -72.38 -9.96
N ASN B 1214 -43.25 -71.15 -10.47
CA ASN B 1214 -44.01 -70.00 -10.00
C ASN B 1214 -45.06 -69.56 -11.02
N GLY B 1215 -45.54 -70.49 -11.84
CA GLY B 1215 -46.66 -70.22 -12.73
C GLY B 1215 -46.37 -69.35 -13.92
N LYS B 1216 -45.10 -69.08 -14.22
CA LYS B 1216 -44.72 -68.29 -15.38
C LYS B 1216 -44.36 -69.20 -16.56
N GLY B 1217 -44.22 -68.58 -17.73
CA GLY B 1217 -43.80 -69.31 -18.91
C GLY B 1217 -42.36 -69.75 -18.79
N GLN B 1218 -42.07 -70.93 -19.36
CA GLN B 1218 -40.75 -71.53 -19.25
C GLN B 1218 -39.66 -70.66 -19.86
N GLY B 1219 -39.99 -69.86 -20.87
CA GLY B 1219 -39.01 -69.04 -21.54
C GLY B 1219 -39.25 -67.56 -21.38
N ASP B 1220 -39.85 -67.15 -20.25
CA ASP B 1220 -40.15 -65.74 -20.03
C ASP B 1220 -38.91 -64.91 -19.69
N VAL B 1221 -37.73 -65.51 -19.54
CA VAL B 1221 -36.50 -64.76 -19.30
C VAL B 1221 -35.41 -65.34 -20.20
N ASP B 1222 -34.72 -64.47 -20.93
CA ASP B 1222 -33.64 -64.85 -21.84
C ASP B 1222 -32.31 -64.53 -21.18
N MET B 1223 -31.50 -65.55 -20.94
CA MET B 1223 -30.22 -65.36 -20.25
C MET B 1223 -29.09 -64.99 -21.19
N SER B 1224 -29.24 -65.22 -22.49
CA SER B 1224 -28.25 -64.81 -23.49
C SER B 1224 -28.46 -63.37 -23.95
N LYS B 1225 -29.04 -62.52 -23.09
CA LYS B 1225 -29.40 -61.16 -23.47
C LYS B 1225 -28.19 -60.30 -23.82
N PHE B 1226 -27.00 -60.65 -23.36
CA PHE B 1226 -25.79 -59.88 -23.62
C PHE B 1226 -24.67 -60.79 -24.13
N SER B 1227 -24.99 -61.61 -25.13
CA SER B 1227 -24.01 -62.51 -25.72
C SER B 1227 -23.84 -62.26 -27.22
S SO4 C . 0.21 35.10 -15.79
O1 SO4 C . 0.17 34.24 -16.96
O2 SO4 C . -0.25 34.35 -14.62
O3 SO4 C . 1.59 35.55 -15.56
O4 SO4 C . -0.66 36.26 -16.00
S SO4 D . -7.13 16.99 10.99
O1 SO4 D . -8.03 16.95 12.15
O2 SO4 D . -7.74 16.26 9.88
O3 SO4 D . -5.86 16.36 11.33
O4 SO4 D . -6.90 18.38 10.61
S SO4 E . 16.70 22.33 -1.61
O1 SO4 E . 17.32 21.68 -2.77
O2 SO4 E . 15.34 22.76 -1.95
O3 SO4 E . 17.48 23.49 -1.21
O4 SO4 E . 16.64 21.37 -0.50
S SO4 F . 31.85 0.61 -4.45
O1 SO4 F . 31.57 0.56 -5.88
O2 SO4 F . 31.80 -0.74 -3.90
O3 SO4 F . 30.86 1.45 -3.78
O4 SO4 F . 33.18 1.18 -4.24
S SO4 G . 29.59 -2.22 22.52
O1 SO4 G . 29.29 -3.13 21.42
O2 SO4 G . 29.43 -2.91 23.80
O3 SO4 G . 28.69 -1.07 22.47
O4 SO4 G . 30.97 -1.76 22.40
S SO4 H . -20.93 37.52 -3.65
O1 SO4 H . -20.83 37.89 -5.07
O2 SO4 H . -20.99 36.06 -3.53
O3 SO4 H . -19.76 38.03 -2.94
O4 SO4 H . -22.14 38.10 -3.08
S SO4 I . 27.00 12.12 29.92
O1 SO4 I . 27.27 12.21 28.49
O2 SO4 I . 26.20 10.92 30.19
O3 SO4 I . 28.27 12.04 30.65
O4 SO4 I . 26.26 13.30 30.35
S SO4 J . 2.90 -13.15 -15.27
O1 SO4 J . 1.84 -13.72 -16.10
O2 SO4 J . 4.20 -13.39 -15.89
O3 SO4 J . 2.87 -13.79 -13.95
O4 SO4 J . 2.68 -11.72 -15.13
S SO4 K . -20.04 -19.01 -4.15
O1 SO4 K . -19.61 -18.31 -5.36
O2 SO4 K . -20.79 -20.20 -4.53
O3 SO4 K . -20.89 -18.13 -3.36
O4 SO4 K . -18.86 -19.39 -3.37
S SO4 L . -22.47 -11.04 20.83
O1 SO4 L . -21.79 -11.81 19.80
O2 SO4 L . -23.82 -11.58 21.02
O3 SO4 L . -22.57 -9.64 20.40
O4 SO4 L . -21.73 -11.12 22.08
S SO4 M . 1.74 -40.42 12.13
O1 SO4 M . 2.54 -41.59 12.44
O2 SO4 M . 0.88 -40.70 10.99
O3 SO4 M . 2.63 -39.31 11.80
O4 SO4 M . 0.91 -40.06 13.27
#